data_3JZS
# 
_entry.id   3JZS 
# 
_audit_conform.dict_name       mmcif_pdbx.dic 
_audit_conform.dict_version    5.378 
_audit_conform.dict_location   http://mmcif.pdb.org/dictionaries/ascii/mmcif_pdbx.dic 
# 
loop_
_database_2.database_id 
_database_2.database_code 
_database_2.pdbx_database_accession 
_database_2.pdbx_DOI 
PDB   3JZS         pdb_00003jzs 10.2210/pdb3jzs/pdb 
RCSB  RCSB055365   ?            ?                   
WWPDB D_1000055365 ?            ?                   
# 
loop_
_pdbx_database_related.db_name 
_pdbx_database_related.db_id 
_pdbx_database_related.details 
_pdbx_database_related.content_type 
PDB 3JZR 'MDM2 liganded with pDI6W' unspecified 
PDB 3JZO 'MDMX liganded with pDI'   unspecified 
PDB 3JZP 'MDMX liganded with pDI6W' unspecified 
PDB 3JZQ 'MDMX liganded with pDIQ'  unspecified 
# 
_pdbx_database_status.status_code                     REL 
_pdbx_database_status.entry_id                        3JZS 
_pdbx_database_status.recvd_initial_deposition_date   2009-09-24 
_pdbx_database_status.deposit_site                    RCSB 
_pdbx_database_status.process_site                    RCSB 
_pdbx_database_status.status_code_sf                  REL 
_pdbx_database_status.status_code_mr                  ? 
_pdbx_database_status.SG_entry                        ? 
_pdbx_database_status.pdb_format_compatible           Y 
_pdbx_database_status.status_code_cs                  ? 
_pdbx_database_status.status_code_nmr_data            ? 
_pdbx_database_status.methods_development_category    ? 
# 
loop_
_audit_author.name 
_audit_author.pdbx_ordinal 
'Schonbrunn, E.' 1 
'Phan, J.'       2 
# 
_citation.id                        primary 
_citation.title                     
'Structure-based design of high affinity peptides inhibiting the interaction of p53 with MDM2 and MDMX.' 
_citation.journal_abbrev            J.Biol.Chem. 
_citation.journal_volume            285 
_citation.page_first                2174 
_citation.page_last                 2183 
_citation.year                      2010 
_citation.journal_id_ASTM           JBCHA3 
_citation.country                   US 
_citation.journal_id_ISSN           0021-9258 
_citation.journal_id_CSD            0071 
_citation.book_publisher            ? 
_citation.pdbx_database_id_PubMed   19910468 
_citation.pdbx_database_id_DOI      10.1074/jbc.M109.073056 
# 
loop_
_citation_author.citation_id 
_citation_author.name 
_citation_author.ordinal 
_citation_author.identifier_ORCID 
primary 'Phan, J.'       1 ? 
primary 'Li, Z.'         2 ? 
primary 'Kasprzak, A.'   3 ? 
primary 'Li, B.'         4 ? 
primary 'Sebti, S.'      5 ? 
primary 'Guida, W.'      6 ? 
primary 'Schonbrunn, E.' 7 ? 
primary 'Chen, J.'       8 ? 
# 
_cell.entry_id           3JZS 
_cell.length_a           43.810 
_cell.length_b           50.593 
_cell.length_c           39.204 
_cell.angle_alpha        90.00 
_cell.angle_beta         90.00 
_cell.angle_gamma        90.00 
_cell.Z_PDB              4 
_cell.pdbx_unique_axis   ? 
_cell.length_a_esd       ? 
_cell.length_b_esd       ? 
_cell.length_c_esd       ? 
_cell.angle_alpha_esd    ? 
_cell.angle_beta_esd     ? 
_cell.angle_gamma_esd    ? 
# 
_symmetry.entry_id                         3JZS 
_symmetry.space_group_name_H-M             'P 21 21 2' 
_symmetry.pdbx_full_space_group_name_H-M   ? 
_symmetry.cell_setting                     ? 
_symmetry.Int_Tables_number                18 
_symmetry.space_group_name_Hall            ? 
# 
loop_
_entity.id 
_entity.type 
_entity.src_method 
_entity.pdbx_description 
_entity.formula_weight 
_entity.pdbx_number_of_molecules 
_entity.pdbx_ec 
_entity.pdbx_mutation 
_entity.pdbx_fragment 
_entity.details 
1 polymer     man 'E3 ubiquitin-protein ligase Mdm2' 10173.018 1  6.3.2.- ? ? ? 
2 polymer     syn 'pDIQ peptide (12mer)'             1563.687  1  ?       ? ? ? 
3 non-polymer syn 1,2-ETHANEDIOL                     62.068    1  ?       ? ? ? 
4 water       nat water                              18.015    55 ?       ? ? ? 
# 
_entity_name_com.entity_id   1 
_entity_name_com.name        'p53-binding protein Mdm2, Oncoprotein Mdm2, Double minute 2 protein, Hdm2' 
# 
loop_
_entity_poly.entity_id 
_entity_poly.type 
_entity_poly.nstd_linkage 
_entity_poly.nstd_monomer 
_entity_poly.pdbx_seq_one_letter_code 
_entity_poly.pdbx_seq_one_letter_code_can 
_entity_poly.pdbx_strand_id 
_entity_poly.pdbx_target_identifier 
1 'polypeptide(L)' no no 
;QETLVRPKPLLLKLLKSVGAQKDTYTMKEVLFYLGQYIMTKRLYDEKQQHIVYCSNDLLGDLFGVPSFSVKEHRKIYTMI
YRNLVV
;
;QETLVRPKPLLLKLLKSVGAQKDTYTMKEVLFYLGQYIMTKRLYDEKQQHIVYCSNDLLGDLFGVPSFSVKEHRKIYTMI
YRNLVV
;
A ? 
2 'polypeptide(L)' no no ETFEHWWSQLLS                                                                              ETFEHWWSQLLS P 
? 
# 
loop_
_entity_poly_seq.entity_id 
_entity_poly_seq.num 
_entity_poly_seq.mon_id 
_entity_poly_seq.hetero 
1 1  GLN n 
1 2  GLU n 
1 3  THR n 
1 4  LEU n 
1 5  VAL n 
1 6  ARG n 
1 7  PRO n 
1 8  LYS n 
1 9  PRO n 
1 10 LEU n 
1 11 LEU n 
1 12 LEU n 
1 13 LYS n 
1 14 LEU n 
1 15 LEU n 
1 16 LYS n 
1 17 SER n 
1 18 VAL n 
1 19 GLY n 
1 20 ALA n 
1 21 GLN n 
1 22 LYS n 
1 23 ASP n 
1 24 THR n 
1 25 TYR n 
1 26 THR n 
1 27 MET n 
1 28 LYS n 
1 29 GLU n 
1 30 VAL n 
1 31 LEU n 
1 32 PHE n 
1 33 TYR n 
1 34 LEU n 
1 35 GLY n 
1 36 GLN n 
1 37 TYR n 
1 38 ILE n 
1 39 MET n 
1 40 THR n 
1 41 LYS n 
1 42 ARG n 
1 43 LEU n 
1 44 TYR n 
1 45 ASP n 
1 46 GLU n 
1 47 LYS n 
1 48 GLN n 
1 49 GLN n 
1 50 HIS n 
1 51 ILE n 
1 52 VAL n 
1 53 TYR n 
1 54 CYS n 
1 55 SER n 
1 56 ASN n 
1 57 ASP n 
1 58 LEU n 
1 59 LEU n 
1 60 GLY n 
1 61 ASP n 
1 62 LEU n 
1 63 PHE n 
1 64 GLY n 
1 65 VAL n 
1 66 PRO n 
1 67 SER n 
1 68 PHE n 
1 69 SER n 
1 70 VAL n 
1 71 LYS n 
1 72 GLU n 
1 73 HIS n 
1 74 ARG n 
1 75 LYS n 
1 76 ILE n 
1 77 TYR n 
1 78 THR n 
1 79 MET n 
1 80 ILE n 
1 81 TYR n 
1 82 ARG n 
1 83 ASN n 
1 84 LEU n 
1 85 VAL n 
1 86 VAL n 
2 1  GLU n 
2 2  THR n 
2 3  PHE n 
2 4  GLU n 
2 5  HIS n 
2 6  TRP n 
2 7  TRP n 
2 8  SER n 
2 9  GLN n 
2 10 LEU n 
2 11 LEU n 
2 12 SER n 
# 
_entity_src_gen.entity_id                          1 
_entity_src_gen.pdbx_src_id                        1 
_entity_src_gen.pdbx_alt_source_flag               sample 
_entity_src_gen.pdbx_seq_type                      ? 
_entity_src_gen.pdbx_beg_seq_num                   ? 
_entity_src_gen.pdbx_end_seq_num                   ? 
_entity_src_gen.gene_src_common_name               human 
_entity_src_gen.gene_src_genus                     ? 
_entity_src_gen.pdbx_gene_src_gene                 MDM2 
_entity_src_gen.gene_src_species                   ? 
_entity_src_gen.gene_src_strain                    ? 
_entity_src_gen.gene_src_tissue                    ? 
_entity_src_gen.gene_src_tissue_fraction           ? 
_entity_src_gen.gene_src_details                   ? 
_entity_src_gen.pdbx_gene_src_fragment             ? 
_entity_src_gen.pdbx_gene_src_scientific_name      'Homo sapiens' 
_entity_src_gen.pdbx_gene_src_ncbi_taxonomy_id     9606 
_entity_src_gen.pdbx_gene_src_variant              ? 
_entity_src_gen.pdbx_gene_src_cell_line            ? 
_entity_src_gen.pdbx_gene_src_atcc                 ? 
_entity_src_gen.pdbx_gene_src_organ                ? 
_entity_src_gen.pdbx_gene_src_organelle            ? 
_entity_src_gen.pdbx_gene_src_cell                 ? 
_entity_src_gen.pdbx_gene_src_cellular_location    ? 
_entity_src_gen.host_org_common_name               ? 
_entity_src_gen.pdbx_host_org_scientific_name      'Escherichia coli' 
_entity_src_gen.pdbx_host_org_ncbi_taxonomy_id     562 
_entity_src_gen.host_org_genus                     ? 
_entity_src_gen.pdbx_host_org_gene                 ? 
_entity_src_gen.pdbx_host_org_organ                ? 
_entity_src_gen.host_org_species                   ? 
_entity_src_gen.pdbx_host_org_tissue               ? 
_entity_src_gen.pdbx_host_org_tissue_fraction      ? 
_entity_src_gen.pdbx_host_org_strain               'BL21-Gold (DE3) pLysS' 
_entity_src_gen.pdbx_host_org_variant              ? 
_entity_src_gen.pdbx_host_org_cell_line            ? 
_entity_src_gen.pdbx_host_org_atcc                 ? 
_entity_src_gen.pdbx_host_org_culture_collection   ? 
_entity_src_gen.pdbx_host_org_cell                 ? 
_entity_src_gen.pdbx_host_org_organelle            ? 
_entity_src_gen.pdbx_host_org_cellular_location    ? 
_entity_src_gen.pdbx_host_org_vector_type          plasmid 
_entity_src_gen.pdbx_host_org_vector               ? 
_entity_src_gen.host_org_details                   ? 
_entity_src_gen.expression_system_id               ? 
_entity_src_gen.plasmid_name                       pDEST-His-MBP 
_entity_src_gen.plasmid_details                    ? 
_entity_src_gen.pdbx_description                   ? 
# 
loop_
_struct_ref.id 
_struct_ref.db_name 
_struct_ref.db_code 
_struct_ref.pdbx_db_accession 
_struct_ref.entity_id 
_struct_ref.pdbx_seq_one_letter_code 
_struct_ref.pdbx_align_begin 
_struct_ref.pdbx_db_isoform 
1 UNP MDM2_HUMAN Q00987 1 
;QETLVRPKPLLLKLLKSVGAQKDTYTMKEVLFYLGQYIMTKRLYDEKQQHIVYCSNDLLGDLFGVPSFSVKEHRKIYTMI
YRNLVV
;
24 ? 
2 PDB 3JZS       3JZS   2 ?                                                                                         ?  ? 
# 
loop_
_struct_ref_seq.align_id 
_struct_ref_seq.ref_id 
_struct_ref_seq.pdbx_PDB_id_code 
_struct_ref_seq.pdbx_strand_id 
_struct_ref_seq.seq_align_beg 
_struct_ref_seq.pdbx_seq_align_beg_ins_code 
_struct_ref_seq.seq_align_end 
_struct_ref_seq.pdbx_seq_align_end_ins_code 
_struct_ref_seq.pdbx_db_accession 
_struct_ref_seq.db_align_beg 
_struct_ref_seq.pdbx_db_align_beg_ins_code 
_struct_ref_seq.db_align_end 
_struct_ref_seq.pdbx_db_align_end_ins_code 
_struct_ref_seq.pdbx_auth_seq_align_beg 
_struct_ref_seq.pdbx_auth_seq_align_end 
1 1 3JZS A 1 ? 86 ? Q00987 24 ? 109 ? 24 109 
2 2 3JZS P 1 ? 12 ? 3JZS   1  ? 12  ? 1  12  
# 
loop_
_chem_comp.id 
_chem_comp.type 
_chem_comp.mon_nstd_flag 
_chem_comp.name 
_chem_comp.pdbx_synonyms 
_chem_comp.formula 
_chem_comp.formula_weight 
ALA 'L-peptide linking' y ALANINE         ?                 'C3 H7 N O2'     89.093  
ARG 'L-peptide linking' y ARGININE        ?                 'C6 H15 N4 O2 1' 175.209 
ASN 'L-peptide linking' y ASPARAGINE      ?                 'C4 H8 N2 O3'    132.118 
ASP 'L-peptide linking' y 'ASPARTIC ACID' ?                 'C4 H7 N O4'     133.103 
CYS 'L-peptide linking' y CYSTEINE        ?                 'C3 H7 N O2 S'   121.158 
EDO non-polymer         . 1,2-ETHANEDIOL  'ETHYLENE GLYCOL' 'C2 H6 O2'       62.068  
GLN 'L-peptide linking' y GLUTAMINE       ?                 'C5 H10 N2 O3'   146.144 
GLU 'L-peptide linking' y 'GLUTAMIC ACID' ?                 'C5 H9 N O4'     147.129 
GLY 'peptide linking'   y GLYCINE         ?                 'C2 H5 N O2'     75.067  
HIS 'L-peptide linking' y HISTIDINE       ?                 'C6 H10 N3 O2 1' 156.162 
HOH non-polymer         . WATER           ?                 'H2 O'           18.015  
ILE 'L-peptide linking' y ISOLEUCINE      ?                 'C6 H13 N O2'    131.173 
LEU 'L-peptide linking' y LEUCINE         ?                 'C6 H13 N O2'    131.173 
LYS 'L-peptide linking' y LYSINE          ?                 'C6 H15 N2 O2 1' 147.195 
MET 'L-peptide linking' y METHIONINE      ?                 'C5 H11 N O2 S'  149.211 
PHE 'L-peptide linking' y PHENYLALANINE   ?                 'C9 H11 N O2'    165.189 
PRO 'L-peptide linking' y PROLINE         ?                 'C5 H9 N O2'     115.130 
SER 'L-peptide linking' y SERINE          ?                 'C3 H7 N O3'     105.093 
THR 'L-peptide linking' y THREONINE       ?                 'C4 H9 N O3'     119.119 
TRP 'L-peptide linking' y TRYPTOPHAN      ?                 'C11 H12 N2 O2'  204.225 
TYR 'L-peptide linking' y TYROSINE        ?                 'C9 H11 N O3'    181.189 
VAL 'L-peptide linking' y VALINE          ?                 'C5 H11 N O2'    117.146 
# 
_exptl.entry_id          3JZS 
_exptl.method            'X-RAY DIFFRACTION' 
_exptl.crystals_number   1 
# 
_exptl_crystal.id                    1 
_exptl_crystal.density_meas          ? 
_exptl_crystal.density_Matthews      1.85 
_exptl_crystal.density_percent_sol   33.55 
_exptl_crystal.description           ? 
_exptl_crystal.F_000                 ? 
_exptl_crystal.preparation           ? 
# 
_exptl_crystal_grow.crystal_id      1 
_exptl_crystal_grow.method          'VAPOR DIFFUSION, HANGING DROP' 
_exptl_crystal_grow.temp            292 
_exptl_crystal_grow.temp_details    ? 
_exptl_crystal_grow.pH              8.5 
_exptl_crystal_grow.pdbx_details    
'30% PEGmme2000, 100 mM Tris HCl, 200 mM MgCl2, pH 8.5, VAPOR DIFFUSION, HANGING DROP, temperature 292K' 
_exptl_crystal_grow.pdbx_pH_range   ? 
# 
_diffrn.id                     1 
_diffrn.ambient_temp           93 
_diffrn.ambient_temp_details   ? 
_diffrn.crystal_id             1 
# 
_diffrn_detector.diffrn_id              1 
_diffrn_detector.detector               'IMAGE PLATE' 
_diffrn_detector.type                   'RIGAKU RAXIS HTC' 
_diffrn_detector.pdbx_collection_date   ? 
_diffrn_detector.details                mirrors 
# 
_diffrn_radiation.diffrn_id                        1 
_diffrn_radiation.wavelength_id                    1 
_diffrn_radiation.pdbx_monochromatic_or_laue_m_l   M 
_diffrn_radiation.monochromator                    mirrors 
_diffrn_radiation.pdbx_diffrn_protocol             'SINGLE WAVELENGTH' 
_diffrn_radiation.pdbx_scattering_type             x-ray 
# 
_diffrn_radiation_wavelength.id           1 
_diffrn_radiation_wavelength.wavelength   1.54 
_diffrn_radiation_wavelength.wt           1.0 
# 
_diffrn_source.diffrn_id                   1 
_diffrn_source.source                      'ROTATING ANODE' 
_diffrn_source.type                        'RIGAKU MICROMAX-007 HF' 
_diffrn_source.pdbx_synchrotron_site       ? 
_diffrn_source.pdbx_synchrotron_beamline   ? 
_diffrn_source.pdbx_wavelength             ? 
_diffrn_source.pdbx_wavelength_list        1.54 
# 
_reflns.entry_id                     3JZS 
_reflns.observed_criterion_sigma_I   0 
_reflns.observed_criterion_sigma_F   0 
_reflns.d_resolution_low             30 
_reflns.d_resolution_high            1.78 
_reflns.number_obs                   8640 
_reflns.number_all                   8640 
_reflns.percent_possible_obs         98.1 
_reflns.pdbx_Rmerge_I_obs            0.037 
_reflns.pdbx_Rsym_value              ? 
_reflns.pdbx_netI_over_sigmaI        25.9 
_reflns.B_iso_Wilson_estimate        27.1 
_reflns.pdbx_redundancy              2.8 
_reflns.R_free_details               ? 
_reflns.limit_h_max                  ? 
_reflns.limit_h_min                  ? 
_reflns.limit_k_max                  ? 
_reflns.limit_k_min                  ? 
_reflns.limit_l_max                  ? 
_reflns.limit_l_min                  ? 
_reflns.observed_criterion_F_max     ? 
_reflns.observed_criterion_F_min     ? 
_reflns.pdbx_chi_squared             ? 
_reflns.pdbx_scaling_rejects         ? 
_reflns.pdbx_diffrn_id               1 
_reflns.pdbx_ordinal                 1 
# 
_reflns_shell.d_res_high             1.78 
_reflns_shell.d_res_low              1.84 
_reflns_shell.percent_possible_all   99.3 
_reflns_shell.Rmerge_I_obs           0.11 
_reflns_shell.pdbx_Rsym_value        ? 
_reflns_shell.meanI_over_sigI_obs    9.5 
_reflns_shell.pdbx_redundancy        2.8 
_reflns_shell.percent_possible_obs   ? 
_reflns_shell.number_unique_all      833 
_reflns_shell.number_measured_all    ? 
_reflns_shell.number_measured_obs    ? 
_reflns_shell.number_unique_obs      ? 
_reflns_shell.pdbx_chi_squared       ? 
_reflns_shell.pdbx_diffrn_id         ? 
_reflns_shell.pdbx_ordinal           1 
# 
_refine.entry_id                                 3JZS 
_refine.ls_number_reflns_obs                     8542 
_refine.ls_number_reflns_all                     8542 
_refine.pdbx_ls_sigma_I                          0 
_refine.pdbx_ls_sigma_F                          0 
_refine.pdbx_data_cutoff_high_absF               ? 
_refine.pdbx_data_cutoff_low_absF                ? 
_refine.pdbx_data_cutoff_high_rms_absF           ? 
_refine.ls_d_res_low                             29.2 
_refine.ls_d_res_high                            1.78 
_refine.ls_percent_reflns_obs                    97.3 
_refine.ls_R_factor_obs                          ? 
_refine.ls_R_factor_all                          0.215 
_refine.ls_R_factor_R_work                       0.215 
_refine.ls_R_factor_R_free                       0.253 
_refine.ls_R_factor_R_free_error                 ? 
_refine.ls_R_factor_R_free_error_details         ? 
_refine.ls_percent_reflns_R_free                 ? 
_refine.ls_number_reflns_R_free                  829 
_refine.ls_number_parameters                     ? 
_refine.ls_number_restraints                     ? 
_refine.occupancy_min                            ? 
_refine.occupancy_max                            ? 
_refine.correlation_coeff_Fo_to_Fc               ? 
_refine.correlation_coeff_Fo_to_Fc_free          ? 
_refine.B_iso_mean                               ? 
_refine.aniso_B[1][1]                            ? 
_refine.aniso_B[2][2]                            ? 
_refine.aniso_B[3][3]                            ? 
_refine.aniso_B[1][2]                            ? 
_refine.aniso_B[1][3]                            ? 
_refine.aniso_B[2][3]                            ? 
_refine.solvent_model_details                    ? 
_refine.solvent_model_param_ksol                 ? 
_refine.solvent_model_param_bsol                 ? 
_refine.pdbx_solvent_vdw_probe_radii             ? 
_refine.pdbx_solvent_ion_probe_radii             ? 
_refine.pdbx_solvent_shrinkage_radii             ? 
_refine.pdbx_ls_cross_valid_method               THROUGHOUT 
_refine.details                                  ? 
_refine.pdbx_starting_model                      'pdb entry 1T4F' 
_refine.pdbx_method_to_determine_struct          'MOLECULAR REPLACEMENT' 
_refine.pdbx_isotropic_thermal_model             ? 
_refine.pdbx_stereochemistry_target_values       'Engh & Huber' 
_refine.pdbx_stereochem_target_val_spec_case     ? 
_refine.pdbx_R_Free_selection_details            random 
_refine.pdbx_overall_ESU_R                       ? 
_refine.pdbx_overall_ESU_R_Free                  ? 
_refine.overall_SU_ML                            ? 
_refine.overall_SU_B                             ? 
_refine.ls_redundancy_reflns_obs                 ? 
_refine.B_iso_min                                ? 
_refine.B_iso_max                                ? 
_refine.overall_SU_R_Cruickshank_DPI             ? 
_refine.overall_SU_R_free                        ? 
_refine.ls_wR_factor_R_free                      ? 
_refine.ls_wR_factor_R_work                      ? 
_refine.overall_FOM_free_R_set                   ? 
_refine.overall_FOM_work_R_set                   ? 
_refine.pdbx_overall_phase_error                 ? 
_refine.pdbx_refine_id                           'X-RAY DIFFRACTION' 
_refine.pdbx_diffrn_id                           1 
_refine.pdbx_TLS_residual_ADP_flag               ? 
_refine.pdbx_overall_SU_R_free_Cruickshank_DPI   ? 
_refine.pdbx_overall_SU_R_Blow_DPI               ? 
_refine.pdbx_overall_SU_R_free_Blow_DPI          ? 
# 
_refine_analyze.entry_id                        3JZS 
_refine_analyze.Luzzati_coordinate_error_obs    0.22 
_refine_analyze.Luzzati_sigma_a_obs             0.15 
_refine_analyze.Luzzati_d_res_low_obs           5.0 
_refine_analyze.Luzzati_coordinate_error_free   0.28 
_refine_analyze.Luzzati_sigma_a_free            0.19 
_refine_analyze.Luzzati_d_res_low_free          ? 
_refine_analyze.number_disordered_residues      ? 
_refine_analyze.occupancy_sum_hydrogen          ? 
_refine_analyze.occupancy_sum_non_hydrogen      ? 
_refine_analyze.pdbx_Luzzati_d_res_high_obs     ? 
_refine_analyze.pdbx_refine_id                  'X-RAY DIFFRACTION' 
# 
_refine_hist.pdbx_refine_id                   'X-RAY DIFFRACTION' 
_refine_hist.cycle_id                         LAST 
_refine_hist.pdbx_number_atoms_protein        801 
_refine_hist.pdbx_number_atoms_nucleic_acid   0 
_refine_hist.pdbx_number_atoms_ligand         4 
_refine_hist.number_atoms_solvent             55 
_refine_hist.number_atoms_total               860 
_refine_hist.d_res_high                       1.78 
_refine_hist.d_res_low                        29.2 
# 
loop_
_refine_ls_restr.type 
_refine_ls_restr.dev_ideal 
_refine_ls_restr.dev_ideal_target 
_refine_ls_restr.weight 
_refine_ls_restr.number 
_refine_ls_restr.pdbx_refine_id 
_refine_ls_restr.pdbx_restraint_function 
c_bond_d    0.015 ? ? ? 'X-RAY DIFFRACTION' ? 
c_angle_deg 1.6   ? ? ? 'X-RAY DIFFRACTION' ? 
# 
_refine_ls_shell.pdbx_total_number_of_bins_used   ? 
_refine_ls_shell.d_res_high                       1.78 
_refine_ls_shell.d_res_low                        1.89 
_refine_ls_shell.number_reflns_R_work             ? 
_refine_ls_shell.R_factor_R_work                  0.267 
_refine_ls_shell.percent_reflns_obs               96.8 
_refine_ls_shell.R_factor_R_free                  0.336 
_refine_ls_shell.R_factor_R_free_error            0.029 
_refine_ls_shell.percent_reflns_R_free            ? 
_refine_ls_shell.number_reflns_R_free             131 
_refine_ls_shell.number_reflns_all                ? 
_refine_ls_shell.R_factor_all                     ? 
_refine_ls_shell.number_reflns_obs                1244 
_refine_ls_shell.redundancy_reflns_obs            ? 
_refine_ls_shell.pdbx_refine_id                   'X-RAY DIFFRACTION' 
# 
_struct.entry_id                  3JZS 
_struct.title                     'Human MDM2 liganded with a 12mer peptide inhibitor (pDIQ)' 
_struct.pdbx_model_details        ? 
_struct.pdbx_CASP_flag            ? 
_struct.pdbx_model_type_details   ? 
# 
_struct_keywords.entry_id        3JZS 
_struct_keywords.pdbx_keywords   LIGASE 
_struct_keywords.text            
;P53-BINDING PROTEIN MDM2, ONCOPROTEIN MDM2, DOUBLE MINUTE 2 PROTEIN, HDM2, Alternative splicing, Cytoplasm, Host-virus interaction, Ligase, Metal-binding, Nucleus, Phosphoprotein, Proto-oncogene, Ubl conjugation, Ubl conjugation pathway, Zinc, Zinc-finger
;
# 
loop_
_struct_asym.id 
_struct_asym.pdbx_blank_PDB_chainid_flag 
_struct_asym.pdbx_modified 
_struct_asym.entity_id 
_struct_asym.details 
A N N 1 ? 
B N N 2 ? 
C N N 3 ? 
D N N 4 ? 
E N N 4 ? 
# 
_struct_biol.id        1 
_struct_biol.details   ? 
# 
loop_
_struct_conf.conf_type_id 
_struct_conf.id 
_struct_conf.pdbx_PDB_helix_id 
_struct_conf.beg_label_comp_id 
_struct_conf.beg_label_asym_id 
_struct_conf.beg_label_seq_id 
_struct_conf.pdbx_beg_PDB_ins_code 
_struct_conf.end_label_comp_id 
_struct_conf.end_label_asym_id 
_struct_conf.end_label_seq_id 
_struct_conf.pdbx_end_PDB_ins_code 
_struct_conf.beg_auth_comp_id 
_struct_conf.beg_auth_asym_id 
_struct_conf.beg_auth_seq_id 
_struct_conf.end_auth_comp_id 
_struct_conf.end_auth_asym_id 
_struct_conf.end_auth_seq_id 
_struct_conf.pdbx_PDB_helix_class 
_struct_conf.details 
_struct_conf.pdbx_PDB_helix_length 
HELX_P HELX_P1 1 LYS A 8  ? VAL A 18 ? LYS A 31 VAL A 41  1 ? 11 
HELX_P HELX_P2 2 MET A 27 ? LYS A 41 ? MET A 50 LYS A 64  1 ? 15 
HELX_P HELX_P3 3 ASP A 57 ? GLY A 64 ? ASP A 80 GLY A 87  1 ? 8  
HELX_P HELX_P4 4 GLU A 72 ? ASN A 83 ? GLU A 95 ASN A 106 1 ? 12 
HELX_P HELX_P5 5 THR B 2  ? LEU B 10 ? THR P 2  LEU P 10  1 ? 9  
# 
_struct_conf_type.id          HELX_P 
_struct_conf_type.criteria    ? 
_struct_conf_type.reference   ? 
# 
loop_
_struct_sheet.id 
_struct_sheet.type 
_struct_sheet.number_strands 
_struct_sheet.details 
A ? 2 ? 
B ? 2 ? 
# 
loop_
_struct_sheet_order.sheet_id 
_struct_sheet_order.range_id_1 
_struct_sheet_order.range_id_2 
_struct_sheet_order.offset 
_struct_sheet_order.sense 
A 1 2 ? anti-parallel 
B 1 2 ? anti-parallel 
# 
loop_
_struct_sheet_range.sheet_id 
_struct_sheet_range.id 
_struct_sheet_range.beg_label_comp_id 
_struct_sheet_range.beg_label_asym_id 
_struct_sheet_range.beg_label_seq_id 
_struct_sheet_range.pdbx_beg_PDB_ins_code 
_struct_sheet_range.end_label_comp_id 
_struct_sheet_range.end_label_asym_id 
_struct_sheet_range.end_label_seq_id 
_struct_sheet_range.pdbx_end_PDB_ins_code 
_struct_sheet_range.beg_auth_comp_id 
_struct_sheet_range.beg_auth_asym_id 
_struct_sheet_range.beg_auth_seq_id 
_struct_sheet_range.end_auth_comp_id 
_struct_sheet_range.end_auth_asym_id 
_struct_sheet_range.end_auth_seq_id 
A 1 LEU A 4  ? VAL A 5  ? LEU A 27 VAL A 28 
A 2 TYR A 25 ? THR A 26 ? TYR A 48 THR A 49 
B 1 ILE A 51 ? TYR A 53 ? ILE A 74 TYR A 76 
B 2 SER A 67 ? SER A 69 ? SER A 90 SER A 92 
# 
loop_
_pdbx_struct_sheet_hbond.sheet_id 
_pdbx_struct_sheet_hbond.range_id_1 
_pdbx_struct_sheet_hbond.range_id_2 
_pdbx_struct_sheet_hbond.range_1_label_atom_id 
_pdbx_struct_sheet_hbond.range_1_label_comp_id 
_pdbx_struct_sheet_hbond.range_1_label_asym_id 
_pdbx_struct_sheet_hbond.range_1_label_seq_id 
_pdbx_struct_sheet_hbond.range_1_PDB_ins_code 
_pdbx_struct_sheet_hbond.range_1_auth_atom_id 
_pdbx_struct_sheet_hbond.range_1_auth_comp_id 
_pdbx_struct_sheet_hbond.range_1_auth_asym_id 
_pdbx_struct_sheet_hbond.range_1_auth_seq_id 
_pdbx_struct_sheet_hbond.range_2_label_atom_id 
_pdbx_struct_sheet_hbond.range_2_label_comp_id 
_pdbx_struct_sheet_hbond.range_2_label_asym_id 
_pdbx_struct_sheet_hbond.range_2_label_seq_id 
_pdbx_struct_sheet_hbond.range_2_PDB_ins_code 
_pdbx_struct_sheet_hbond.range_2_auth_atom_id 
_pdbx_struct_sheet_hbond.range_2_auth_comp_id 
_pdbx_struct_sheet_hbond.range_2_auth_asym_id 
_pdbx_struct_sheet_hbond.range_2_auth_seq_id 
A 1 2 N VAL A 5  ? N VAL A 28 O TYR A 25 ? O TYR A 48 
B 1 2 N VAL A 52 ? N VAL A 75 O PHE A 68 ? O PHE A 91 
# 
_struct_site.id                   AC1 
_struct_site.pdbx_evidence_code   Software 
_struct_site.pdbx_auth_asym_id    P 
_struct_site.pdbx_auth_comp_id    EDO 
_struct_site.pdbx_auth_seq_id     201 
_struct_site.pdbx_auth_ins_code   ? 
_struct_site.pdbx_num_residues    6 
_struct_site.details              'BINDING SITE FOR RESIDUE EDO P 201' 
# 
loop_
_struct_site_gen.id 
_struct_site_gen.site_id 
_struct_site_gen.pdbx_num_res 
_struct_site_gen.label_comp_id 
_struct_site_gen.label_asym_id 
_struct_site_gen.label_seq_id 
_struct_site_gen.pdbx_auth_ins_code 
_struct_site_gen.auth_comp_id 
_struct_site_gen.auth_asym_id 
_struct_site_gen.auth_seq_id 
_struct_site_gen.label_atom_id 
_struct_site_gen.label_alt_id 
_struct_site_gen.symmetry 
_struct_site_gen.details 
1 AC1 6 LYS A 28 ? LYS A 51 . ? 2_455 ? 
2 AC1 6 GLU B 4  ? GLU P 4  . ? 1_555 ? 
3 AC1 6 SER B 8  ? SER P 8  . ? 1_555 ? 
4 AC1 6 LEU B 11 ? LEU P 11 . ? 1_555 ? 
5 AC1 6 LEU B 11 ? LEU P 11 . ? 2_455 ? 
6 AC1 6 HOH E .  ? HOH P 46 . ? 1_555 ? 
# 
_atom_sites.entry_id                    3JZS 
_atom_sites.fract_transf_matrix[1][1]   -0.02206551 
_atom_sites.fract_transf_matrix[1][2]   0.00480188 
_atom_sites.fract_transf_matrix[1][3]   -0.00332891 
_atom_sites.fract_transf_matrix[2][1]   0.00399634 
_atom_sites.fract_transf_matrix[2][2]   0.01930966 
_atom_sites.fract_transf_matrix[2][3]   0.00136425 
_atom_sites.fract_transf_matrix[3][1]   0.00400454 
_atom_sites.fract_transf_matrix[3][2]   0.00094977 
_atom_sites.fract_transf_matrix[3][3]   -0.02517379 
_atom_sites.fract_transf_vector[1]      -0.319323 
_atom_sites.fract_transf_vector[2]      0.174260 
_atom_sites.fract_transf_vector[3]      -0.206561 
# 
loop_
_atom_type.symbol 
C 
N 
O 
S 
# 
loop_
_atom_site.group_PDB 
_atom_site.id 
_atom_site.type_symbol 
_atom_site.label_atom_id 
_atom_site.label_alt_id 
_atom_site.label_comp_id 
_atom_site.label_asym_id 
_atom_site.label_entity_id 
_atom_site.label_seq_id 
_atom_site.pdbx_PDB_ins_code 
_atom_site.Cartn_x 
_atom_site.Cartn_y 
_atom_site.Cartn_z 
_atom_site.occupancy 
_atom_site.B_iso_or_equiv 
_atom_site.pdbx_formal_charge 
_atom_site.auth_seq_id 
_atom_site.auth_comp_id 
_atom_site.auth_asym_id 
_atom_site.auth_atom_id 
_atom_site.pdbx_PDB_model_num 
ATOM   1   N N   . THR A 1 3  ? 17.013  -1.166  6.518   1.00 54.34 ? 26  THR A N   1 
ATOM   2   C CA  . THR A 1 3  ? 16.170  0.065   6.715   1.00 54.34 ? 26  THR A CA  1 
ATOM   3   C C   . THR A 1 3  ? 14.857  -0.253  7.429   1.00 52.38 ? 26  THR A C   1 
ATOM   4   O O   . THR A 1 3  ? 13.856  -0.568  6.778   1.00 52.50 ? 26  THR A O   1 
ATOM   5   C CB  . THR A 1 3  ? 15.800  0.730   5.358   1.00 55.78 ? 26  THR A CB  1 
ATOM   6   O OG1 . THR A 1 3  ? 16.992  1.139   4.679   1.00 57.35 ? 26  THR A OG1 1 
ATOM   7   C CG2 . THR A 1 3  ? 14.909  1.961   5.582   1.00 57.01 ? 26  THR A CG2 1 
ATOM   8   N N   . LEU A 1 4  ? 14.849  -0.168  8.760   1.00 50.29 ? 27  LEU A N   1 
ATOM   9   C CA  . LEU A 1 4  ? 13.634  -0.448  9.531   1.00 46.35 ? 27  LEU A CA  1 
ATOM   10  C C   . LEU A 1 4  ? 12.798  0.815   9.684   1.00 44.17 ? 27  LEU A C   1 
ATOM   11  O O   . LEU A 1 4  ? 13.339  1.903   9.847   1.00 43.30 ? 27  LEU A O   1 
ATOM   12  C CB  . LEU A 1 4  ? 13.990  -1.014  10.905  1.00 47.16 ? 27  LEU A CB  1 
ATOM   13  C CG  . LEU A 1 4  ? 14.359  -2.498  10.939  1.00 47.46 ? 27  LEU A CG  1 
ATOM   14  C CD1 . LEU A 1 4  ? 15.321  -2.829  9.806   1.00 48.61 ? 27  LEU A CD1 1 
ATOM   15  C CD2 . LEU A 1 4  ? 14.982  -2.822  12.288  1.00 49.35 ? 27  LEU A CD2 1 
ATOM   16  N N   . VAL A 1 5  ? 11.477  0.665   9.622   1.00 41.20 ? 28  VAL A N   1 
ATOM   17  C CA  . VAL A 1 5  ? 10.572  1.804   9.733   1.00 38.14 ? 28  VAL A CA  1 
ATOM   18  C C   . VAL A 1 5  ? 9.474   1.575   10.775  1.00 35.19 ? 28  VAL A C   1 
ATOM   19  O O   . VAL A 1 5  ? 9.195   0.436   11.160  1.00 34.87 ? 28  VAL A O   1 
ATOM   20  C CB  . VAL A 1 5  ? 9.942   2.132   8.378   1.00 36.91 ? 28  VAL A CB  1 
ATOM   21  C CG1 . VAL A 1 5  ? 11.051  2.385   7.359   1.00 38.19 ? 28  VAL A CG1 1 
ATOM   22  C CG2 . VAL A 1 5  ? 9.030   1.001   7.938   1.00 36.27 ? 28  VAL A CG2 1 
ATOM   23  N N   . ARG A 1 6  ? 8.867   2.667   11.230  1.00 33.86 ? 29  ARG A N   1 
ATOM   24  C CA  . ARG A 1 6  ? 7.814   2.610   12.261  1.00 32.79 ? 29  ARG A CA  1 
ATOM   25  C C   . ARG A 1 6  ? 6.603   3.381   11.761  1.00 30.55 ? 29  ARG A C   1 
ATOM   26  O O   . ARG A 1 6  ? 6.528   4.596   11.858  1.00 31.69 ? 29  ARG A O   1 
ATOM   27  C CB  . ARG A 1 6  ? 8.311   3.248   13.552  1.00 35.42 ? 29  ARG A CB  1 
ATOM   28  C CG  . ARG A 1 6  ? 9.578   2.647   14.117  1.00 39.04 ? 29  ARG A CG  1 
ATOM   29  C CD  . ARG A 1 6  ? 9.287   1.579   15.176  1.00 40.59 ? 29  ARG A CD  1 
ATOM   30  N NE  . ARG A 1 6  ? 8.387   2.090   16.203  1.00 41.25 ? 29  ARG A NE  1 
ATOM   31  C CZ  . ARG A 1 6  ? 7.874   1.353   17.179  1.00 40.35 ? 29  ARG A CZ  1 
ATOM   32  N NH1 . ARG A 1 6  ? 8.187   0.060   17.266  1.00 39.99 ? 29  ARG A NH1 1 
ATOM   33  N NH2 . ARG A 1 6  ? 7.010   1.900   18.039  1.00 38.71 ? 29  ARG A NH2 1 
ATOM   34  N N   . PRO A 1 7  ? 5.615   2.667   11.226  1.00 30.13 ? 30  PRO A N   1 
ATOM   35  C CA  . PRO A 1 7  ? 4.396   3.288   10.697  1.00 30.28 ? 30  PRO A CA  1 
ATOM   36  C C   . PRO A 1 7  ? 3.612   4.122   11.690  1.00 30.70 ? 30  PRO A C   1 
ATOM   37  O O   . PRO A 1 7  ? 3.493   3.772   12.867  1.00 31.77 ? 30  PRO A O   1 
ATOM   38  C CB  . PRO A 1 7  ? 3.537   2.091   10.258  1.00 27.58 ? 30  PRO A CB  1 
ATOM   39  C CG  . PRO A 1 7  ? 4.499   1.001   10.052  1.00 28.85 ? 30  PRO A CG  1 
ATOM   40  C CD  . PRO A 1 7  ? 5.529   1.200   11.145  1.00 30.58 ? 30  PRO A CD  1 
ATOM   41  N N   . LYS A 1 8  ? 3.055   5.218   11.198  1.00 32.20 ? 31  LYS A N   1 
ATOM   42  C CA  . LYS A 1 8  ? 2.202   6.050   12.033  1.00 33.66 ? 31  LYS A CA  1 
ATOM   43  C C   . LYS A 1 8  ? 0.892   5.274   12.265  1.00 32.98 ? 31  LYS A C   1 
ATOM   44  O O   . LYS A 1 8  ? 0.608   4.296   11.596  1.00 31.54 ? 31  LYS A O   1 
ATOM   45  C CB  . LYS A 1 8  ? 1.926   7.385   11.335  1.00 34.55 ? 31  LYS A CB  1 
ATOM   46  C CG  . LYS A 1 8  ? 3.133   8.275   11.198  1.00 37.90 ? 31  LYS A CG  1 
ATOM   47  C CD  . LYS A 1 8  ? 2.672   9.662   10.751  1.00 41.18 ? 31  LYS A CD  1 
ATOM   48  C CE  . LYS A 1 8  ? 3.789   10.434  10.107  1.00 45.14 ? 31  LYS A CE  1 
ATOM   49  N NZ  . LYS A 1 8  ? 3.425   11.880  9.929   1.00 46.71 ? 31  LYS A NZ  1 
ATOM   50  N N   . PRO A 1 9  ? 0.064   5.711   13.234  1.00 33.76 ? 32  PRO A N   1 
ATOM   51  C CA  . PRO A 1 9  ? -1.200  5.046   13.546  1.00 32.61 ? 32  PRO A CA  1 
ATOM   52  C C   . PRO A 1 9  ? -2.106  4.627   12.376  1.00 31.31 ? 32  PRO A C   1 
ATOM   53  O O   . PRO A 1 9  ? -2.595  3.496   12.346  1.00 31.67 ? 32  PRO A O   1 
ATOM   54  C CB  . PRO A 1 9  ? -1.896  6.035   14.488  1.00 34.33 ? 32  PRO A CB  1 
ATOM   55  C CG  . PRO A 1 9  ? -0.735  6.721   15.167  1.00 36.49 ? 32  PRO A CG  1 
ATOM   56  C CD  . PRO A 1 9  ? 0.240   6.943   14.028  1.00 33.99 ? 32  PRO A CD  1 
ATOM   57  N N   . LEU A 1 10 ? -2.341  5.503   11.408  1.00 30.56 ? 33  LEU A N   1 
ATOM   58  C CA  . LEU A 1 10 ? -3.243  5.103   10.319  1.00 31.61 ? 33  LEU A CA  1 
ATOM   59  C C   . LEU A 1 10 ? -2.658  3.981   9.425   1.00 30.57 ? 33  LEU A C   1 
ATOM   60  O O   . LEU A 1 10 ? -3.367  3.013   9.061   1.00 29.28 ? 33  LEU A O   1 
ATOM   61  C CB  . LEU A 1 10 ? -3.632  6.323   9.469   1.00 31.32 ? 33  LEU A CB  1 
ATOM   62  C CG  . LEU A 1 10 ? -4.591  6.066   8.284   1.00 35.61 ? 33  LEU A CG  1 
ATOM   63  C CD1 . LEU A 1 10 ? -5.968  5.579   8.796   1.00 37.90 ? 33  LEU A CD1 1 
ATOM   64  C CD2 . LEU A 1 10 ? -4.728  7.367   7.429   1.00 36.04 ? 33  LEU A CD2 1 
ATOM   65  N N   . LEU A 1 11 ? -1.386  4.096   9.075   1.00 28.14 ? 34  LEU A N   1 
ATOM   66  C CA  . LEU A 1 11 ? -0.776  3.060   8.227   1.00 27.81 ? 34  LEU A CA  1 
ATOM   67  C C   . LEU A 1 11 ? -0.665  1.789   9.058   1.00 28.91 ? 34  LEU A C   1 
ATOM   68  O O   . LEU A 1 11 ? -0.819  0.675   8.561   1.00 27.94 ? 34  LEU A O   1 
ATOM   69  C CB  . LEU A 1 11 ? 0.616   3.499   7.795   1.00 28.02 ? 34  LEU A CB  1 
ATOM   70  C CG  . LEU A 1 11 ? 1.478   2.473   7.045   1.00 28.68 ? 34  LEU A CG  1 
ATOM   71  C CD1 . LEU A 1 11 ? 0.692   2.041   5.838   1.00 26.03 ? 34  LEU A CD1 1 
ATOM   72  C CD2 . LEU A 1 11 ? 2.801   3.078   6.627   1.00 26.25 ? 34  LEU A CD2 1 
ATOM   73  N N   . LEU A 1 12 ? -0.395  1.951   10.358  1.00 28.25 ? 35  LEU A N   1 
ATOM   74  C CA  . LEU A 1 12 ? -0.265  0.769   11.173  1.00 29.04 ? 35  LEU A CA  1 
ATOM   75  C C   . LEU A 1 12 ? -1.603  0.043   11.232  1.00 29.91 ? 35  LEU A C   1 
ATOM   76  O O   . LEU A 1 12 ? -1.642  -1.183  11.174  1.00 31.27 ? 35  LEU A O   1 
ATOM   77  C CB  . LEU A 1 12 ? 0.242   1.136   12.580  1.00 32.38 ? 35  LEU A CB  1 
ATOM   78  C CG  . LEU A 1 12 ? 0.716   -0.031  13.424  1.00 30.33 ? 35  LEU A CG  1 
ATOM   79  C CD1 . LEU A 1 12 ? 1.965   -0.664  12.842  1.00 32.96 ? 35  LEU A CD1 1 
ATOM   80  C CD2 . LEU A 1 12 ? 1.046   0.514   14.837  1.00 33.59 ? 35  LEU A CD2 1 
ATOM   81  N N   . LYS A 1 13 ? -2.705  0.791   11.308  1.00 29.45 ? 36  LYS A N   1 
ATOM   82  C CA  . LYS A 1 13 ? -4.042  0.183   11.364  1.00 29.68 ? 36  LYS A CA  1 
ATOM   83  C C   . LYS A 1 13 ? -4.281  -0.625  10.069  1.00 29.76 ? 36  LYS A C   1 
ATOM   84  O O   . LYS A 1 13 ? -4.811  -1.745  10.093  1.00 31.23 ? 36  LYS A O   1 
ATOM   85  C CB  . LYS A 1 13 ? -5.116  1.279   11.539  1.00 31.14 ? 36  LYS A CB  1 
ATOM   86  C CG  . LYS A 1 13 ? -6.570  0.822   11.399  1.00 31.82 ? 36  LYS A CG  1 
ATOM   87  C CD  . LYS A 1 13 ? -7.495  2.049   11.495  1.00 32.49 ? 36  LYS A CD  1 
ATOM   88  C CE  . LYS A 1 13 ? -8.954  1.689   11.231  1.00 35.54 ? 36  LYS A CE  1 
ATOM   89  N NZ  . LYS A 1 13 ? -9.442  0.735   12.267  1.00 35.55 ? 36  LYS A NZ  1 
ATOM   90  N N   . LEU A 1 14 ? -3.859  -0.061  8.942   1.00 28.21 ? 37  LEU A N   1 
ATOM   91  C CA  . LEU A 1 14 ? -4.010  -0.751  7.649   1.00 27.29 ? 37  LEU A CA  1 
ATOM   92  C C   . LEU A 1 14 ? -3.236  -2.090  7.646   1.00 27.60 ? 37  LEU A C   1 
ATOM   93  O O   . LEU A 1 14 ? -3.817  -3.147  7.378   1.00 28.19 ? 37  LEU A O   1 
ATOM   94  C CB  . LEU A 1 14 ? -3.518  0.183   6.527   1.00 27.38 ? 37  LEU A CB  1 
ATOM   95  C CG  . LEU A 1 14 ? -3.642  -0.338  5.074   1.00 26.02 ? 37  LEU A CG  1 
ATOM   96  C CD1 . LEU A 1 14 ? -3.613  0.828   4.098   1.00 29.20 ? 37  LEU A CD1 1 
ATOM   97  C CD2 . LEU A 1 14 ? -2.523  -1.324  4.794   1.00 25.19 ? 37  LEU A CD2 1 
ATOM   98  N N   . LEU A 1 15 ? -1.946  -2.052  7.989   1.00 27.74 ? 38  LEU A N   1 
ATOM   99  C CA  . LEU A 1 15 ? -1.110  -3.260  8.003   1.00 28.36 ? 38  LEU A CA  1 
ATOM   100 C C   . LEU A 1 15 ? -1.644  -4.318  8.984   1.00 31.19 ? 38  LEU A C   1 
ATOM   101 O O   . LEU A 1 15 ? -1.747  -5.518  8.659   1.00 31.26 ? 38  LEU A O   1 
ATOM   102 C CB  . LEU A 1 15 ? 0.356   -2.895  8.327   1.00 28.68 ? 38  LEU A CB  1 
ATOM   103 C CG  . LEU A 1 15 ? 1.051   -1.829  7.481   1.00 27.93 ? 38  LEU A CG  1 
ATOM   104 C CD1 . LEU A 1 15 ? 2.345   -1.367  8.148   1.00 27.15 ? 38  LEU A CD1 1 
ATOM   105 C CD2 . LEU A 1 15 ? 1.342   -2.366  6.057   1.00 28.52 ? 38  LEU A CD2 1 
ATOM   106 N N   . LYS A 1 16 ? -2.039  -3.888  10.175  1.00 32.75 ? 39  LYS A N   1 
ATOM   107 C CA  . LYS A 1 16 ? -2.566  -4.865  11.128  1.00 33.99 ? 39  LYS A CA  1 
ATOM   108 C C   . LYS A 1 16 ? -3.874  -5.494  10.630  1.00 34.35 ? 39  LYS A C   1 
ATOM   109 O O   . LYS A 1 16 ? -4.149  -6.669  10.906  1.00 35.43 ? 39  LYS A O   1 
ATOM   110 C CB  . LYS A 1 16 ? -2.717  -4.191  12.508  1.00 35.34 ? 39  LYS A CB  1 
ATOM   111 C CG  . LYS A 1 16 ? -1.363  -3.654  13.030  1.00 38.99 ? 39  LYS A CG  1 
ATOM   112 C CD  . LYS A 1 16 ? -1.379  -3.318  14.517  1.00 40.64 ? 39  LYS A CD  1 
ATOM   113 C CE  . LYS A 1 16 ? 0.023   -3.478  15.119  1.00 42.22 ? 39  LYS A CE  1 
ATOM   114 N NZ  . LYS A 1 16 ? 0.087   -3.138  16.590  1.00 42.52 ? 39  LYS A NZ  1 
ATOM   115 N N   . SER A 1 17 ? -4.661  -4.732  9.864   1.00 33.66 ? 40  SER A N   1 
ATOM   116 C CA  . SER A 1 17 ? -5.915  -5.246  9.327   1.00 32.92 ? 40  SER A CA  1 
ATOM   117 C C   . SER A 1 17 ? -5.732  -6.452  8.384   1.00 31.81 ? 40  SER A C   1 
ATOM   118 O O   . SER A 1 17 ? -6.681  -7.216  8.158   1.00 31.69 ? 40  SER A O   1 
ATOM   119 C CB  . SER A 1 17 ? -6.717  -4.130  8.632   1.00 33.54 ? 40  SER A CB  1 
ATOM   120 O OG  . SER A 1 17 ? -6.301  -3.877  7.288   1.00 33.74 ? 40  SER A OG  1 
ATOM   121 N N   . VAL A 1 18 ? -4.520  -6.626  7.852   1.00 30.97 ? 41  VAL A N   1 
ATOM   122 C CA  . VAL A 1 18 ? -4.232  -7.765  6.987   1.00 29.88 ? 41  VAL A CA  1 
ATOM   123 C C   . VAL A 1 18 ? -3.280  -8.804  7.615   1.00 33.25 ? 41  VAL A C   1 
ATOM   124 O O   . VAL A 1 18 ? -2.546  -9.519  6.920   1.00 32.02 ? 41  VAL A O   1 
ATOM   125 C CB  . VAL A 1 18 ? -3.716  -7.351  5.546   1.00 29.16 ? 41  VAL A CB  1 
ATOM   126 C CG1 . VAL A 1 18 ? -4.861  -6.816  4.755   1.00 30.22 ? 41  VAL A CG1 1 
ATOM   127 C CG2 . VAL A 1 18 ? -2.632  -6.280  5.599   1.00 27.46 ? 41  VAL A CG2 1 
ATOM   128 N N   . GLY A 1 19 ? -3.294  -8.893  8.945   1.00 35.47 ? 42  GLY A N   1 
ATOM   129 C CA  . GLY A 1 19 ? -2.470  -9.901  9.597   1.00 35.77 ? 42  GLY A CA  1 
ATOM   130 C C   . GLY A 1 19 ? -1.113  -9.521  10.147  1.00 37.29 ? 42  GLY A C   1 
ATOM   131 O O   . GLY A 1 19 ? -0.471  -10.368 10.780  1.00 36.56 ? 42  GLY A O   1 
ATOM   132 N N   . ALA A 1 20 ? -0.651  -8.301  9.880   1.00 36.44 ? 43  ALA A N   1 
ATOM   133 C CA  . ALA A 1 20 ? 0.639   -7.832  10.387  1.00 40.18 ? 43  ALA A CA  1 
ATOM   134 C C   . ALA A 1 20 ? 0.487   -7.614  11.901  1.00 42.39 ? 43  ALA A C   1 
ATOM   135 O O   . ALA A 1 20 ? -0.411  -6.907  12.366  1.00 44.47 ? 43  ALA A O   1 
ATOM   136 C CB  . ALA A 1 20 ? 1.051   -6.521  9.703   1.00 39.23 ? 43  ALA A CB  1 
ATOM   137 N N   . GLN A 1 21 ? 1.390   -8.200  12.665  1.00 44.71 ? 44  GLN A N   1 
ATOM   138 C CA  . GLN A 1 21 ? 1.305   -8.112  14.119  1.00 46.06 ? 44  GLN A CA  1 
ATOM   139 C C   . GLN A 1 21 ? 2.548   -7.468  14.724  1.00 46.59 ? 44  GLN A C   1 
ATOM   140 O O   . GLN A 1 21 ? 3.056   -7.933  15.746  1.00 48.27 ? 44  GLN A O   1 
ATOM   141 C CB  . GLN A 1 21 ? 1.128   -9.531  14.685  1.00 46.67 ? 44  GLN A CB  1 
ATOM   142 C CG  . GLN A 1 21 ? -0.161  -10.266 14.261  1.00 50.04 ? 44  GLN A CG  1 
ATOM   143 C CD  . GLN A 1 21 ? -0.046  -11.792 14.400  1.00 51.81 ? 44  GLN A CD  1 
ATOM   144 O OE1 . GLN A 1 21 ? 0.604   -12.304 15.323  1.00 51.82 ? 44  GLN A OE1 1 
ATOM   145 N NE2 . GLN A 1 21 ? -0.680  -12.520 13.484  1.00 52.46 ? 44  GLN A NE2 1 
ATOM   146 N N   . LYS A 1 22 ? 3.033   -6.394  14.115  1.00 46.04 ? 45  LYS A N   1 
ATOM   147 C CA  . LYS A 1 22 ? 4.242   -5.736  14.614  1.00 44.82 ? 45  LYS A CA  1 
ATOM   148 C C   . LYS A 1 22 ? 4.154   -4.228  14.472  1.00 43.34 ? 45  LYS A C   1 
ATOM   149 O O   . LYS A 1 22 ? 3.252   -3.721  13.808  1.00 43.90 ? 45  LYS A O   1 
ATOM   150 C CB  . LYS A 1 22 ? 5.466   -6.273  13.862  1.00 45.90 ? 45  LYS A CB  1 
ATOM   151 C CG  . LYS A 1 22 ? 5.174   -6.625  12.409  1.00 47.78 ? 45  LYS A CG  1 
ATOM   152 C CD  . LYS A 1 22 ? 6.452   -6.866  11.578  1.00 48.92 ? 45  LYS A CD  1 
ATOM   153 C CE  . LYS A 1 22 ? 7.180   -8.160  11.916  1.00 49.23 ? 45  LYS A CE  1 
ATOM   154 N NZ  . LYS A 1 22 ? 8.540   -8.137  11.287  1.00 49.87 ? 45  LYS A NZ  1 
ATOM   155 N N   . ASP A 1 23 ? 5.076   -3.508  15.102  1.00 40.67 ? 46  ASP A N   1 
ATOM   156 C CA  . ASP A 1 23 ? 5.079   -2.046  15.038  1.00 40.13 ? 46  ASP A CA  1 
ATOM   157 C C   . ASP A 1 23 ? 6.310   -1.533  14.294  1.00 38.20 ? 46  ASP A C   1 
ATOM   158 O O   . ASP A 1 23 ? 6.368   -0.357  13.938  1.00 37.53 ? 46  ASP A O   1 
ATOM   159 C CB  . ASP A 1 23 ? 5.066   -1.429  16.459  1.00 42.57 ? 46  ASP A CB  1 
ATOM   160 C CG  . ASP A 1 23 ? 3.708   -1.497  17.122  1.00 44.31 ? 46  ASP A CG  1 
ATOM   161 O OD1 . ASP A 1 23 ? 2.775   -2.076  16.531  1.00 45.79 ? 46  ASP A OD1 1 
ATOM   162 O OD2 . ASP A 1 23 ? 3.558   -0.963  18.246  1.00 45.94 ? 46  ASP A OD2 1 
ATOM   163 N N   . THR A 1 24 ? 7.283   -2.417  14.095  1.00 36.66 ? 47  THR A N   1 
ATOM   164 C CA  . THR A 1 24 ? 8.522   -2.101  13.390  1.00 36.11 ? 47  THR A CA  1 
ATOM   165 C C   . THR A 1 24 ? 8.569   -2.976  12.142  1.00 34.86 ? 47  THR A C   1 
ATOM   166 O O   . THR A 1 24 ? 8.375   -4.202  12.231  1.00 35.48 ? 47  THR A O   1 
ATOM   167 C CB  . THR A 1 24 ? 9.745   -2.411  14.255  1.00 37.85 ? 47  THR A CB  1 
ATOM   168 O OG1 . THR A 1 24 ? 9.684   -1.618  15.446  1.00 37.66 ? 47  THR A OG1 1 
ATOM   169 C CG2 . THR A 1 24 ? 11.041  -2.095  13.498  1.00 35.81 ? 47  THR A CG2 1 
ATOM   170 N N   . TYR A 1 25 ? 8.851   -2.349  10.999  1.00 35.53 ? 48  TYR A N   1 
ATOM   171 C CA  . TYR A 1 25 ? 8.863   -3.061  9.710   1.00 34.95 ? 48  TYR A CA  1 
ATOM   172 C C   . TYR A 1 25 ? 10.044  -2.742  8.823   1.00 33.73 ? 48  TYR A C   1 
ATOM   173 O O   . TYR A 1 25 ? 10.695  -1.711  8.975   1.00 35.26 ? 48  TYR A O   1 
ATOM   174 C CB  . TYR A 1 25 ? 7.601   -2.678  8.888   1.00 33.15 ? 48  TYR A CB  1 
ATOM   175 C CG  . TYR A 1 25 ? 6.261   -3.078  9.477   1.00 33.88 ? 48  TYR A CG  1 
ATOM   176 C CD1 . TYR A 1 25 ? 5.571   -4.191  9.008   1.00 34.92 ? 48  TYR A CD1 1 
ATOM   177 C CD2 . TYR A 1 25 ? 5.693   -2.358  10.538  1.00 33.85 ? 48  TYR A CD2 1 
ATOM   178 C CE1 . TYR A 1 25 ? 4.348   -4.589  9.589   1.00 34.95 ? 48  TYR A CE1 1 
ATOM   179 C CE2 . TYR A 1 25 ? 4.490   -2.745  11.113  1.00 34.31 ? 48  TYR A CE2 1 
ATOM   180 C CZ  . TYR A 1 25 ? 3.827   -3.856  10.639  1.00 32.89 ? 48  TYR A CZ  1 
ATOM   181 O OH  . TYR A 1 25 ? 2.672   -4.238  11.230  1.00 33.08 ? 48  TYR A OH  1 
ATOM   182 N N   . THR A 1 26 ? 10.318  -3.638  7.876   1.00 32.78 ? 49  THR A N   1 
ATOM   183 C CA  . THR A 1 26 ? 11.307  -3.329  6.883   1.00 31.67 ? 49  THR A CA  1 
ATOM   184 C C   . THR A 1 26 ? 10.347  -2.742  5.818   1.00 30.87 ? 49  THR A C   1 
ATOM   185 O O   . THR A 1 26 ? 9.130   -3.023  5.855   1.00 27.78 ? 49  THR A O   1 
ATOM   186 C CB  . THR A 1 26 ? 11.992  -4.586  6.263   1.00 33.06 ? 49  THR A CB  1 
ATOM   187 O OG1 . THR A 1 26 ? 10.994  -5.342  5.578   1.00 32.56 ? 49  THR A OG1 1 
ATOM   188 C CG2 . THR A 1 26 ? 12.650  -5.485  7.361   1.00 31.05 ? 49  THR A CG2 1 
ATOM   189 N N   . MET A 1 27 ? 10.877  -1.987  4.863   1.00 30.51 ? 50  MET A N   1 
ATOM   190 C CA  . MET A 1 27 ? 10.030  -1.409  3.830   1.00 32.68 ? 50  MET A CA  1 
ATOM   191 C C   . MET A 1 27 ? 9.380   -2.496  2.976   1.00 31.50 ? 50  MET A C   1 
ATOM   192 O O   . MET A 1 27 ? 8.259   -2.332  2.485   1.00 29.88 ? 50  MET A O   1 
ATOM   193 C CB  . MET A 1 27 ? 10.808  -0.477  2.897   1.00 34.43 ? 50  MET A CB  1 
ATOM   194 C CG  . MET A 1 27 ? 11.052  0.941   3.439   1.00 40.56 ? 50  MET A CG  1 
ATOM   195 S SD  . MET A 1 27 ? 9.546   1.990   3.553   1.00 42.42 ? 50  MET A SD  1 
ATOM   196 C CE  . MET A 1 27 ? 8.853   1.691   1.904   1.00 39.87 ? 50  MET A CE  1 
ATOM   197 N N   . LYS A 1 28 ? 10.106  -3.588  2.744   1.00 32.24 ? 51  LYS A N   1 
ATOM   198 C CA  . LYS A 1 28 ? 9.536   -4.666  1.936   1.00 30.44 ? 51  LYS A CA  1 
ATOM   199 C C   . LYS A 1 28 ? 8.305   -5.247  2.609   1.00 29.19 ? 51  LYS A C   1 
ATOM   200 O O   . LYS A 1 28 ? 7.358   -5.601  1.924   1.00 24.48 ? 51  LYS A O   1 
ATOM   201 C CB  . LYS A 1 28 ? 10.552  -5.789  1.691   1.00 34.58 ? 51  LYS A CB  1 
ATOM   202 C CG  . LYS A 1 28 ? 11.503  -5.503  0.543   1.00 38.07 ? 51  LYS A CG  1 
ATOM   203 C CD  . LYS A 1 28 ? 11.831  -6.832  -0.128  1.00 40.96 ? 51  LYS A CD  1 
ATOM   204 C CE  . LYS A 1 28 ? 12.571  -6.649  -1.433  1.00 44.95 ? 51  LYS A CE  1 
ATOM   205 N NZ  . LYS A 1 28 ? 12.934  -7.985  -1.998  1.00 46.67 ? 51  LYS A NZ  1 
ATOM   206 N N   . GLU A 1 29 ? 8.337   -5.389  3.940   1.00 25.54 ? 52  GLU A N   1 
ATOM   207 C CA  . GLU A 1 29 ? 7.195   -5.924  4.661   1.00 24.70 ? 52  GLU A CA  1 
ATOM   208 C C   . GLU A 1 29 ? 6.042   -4.961  4.501   1.00 22.47 ? 52  GLU A C   1 
ATOM   209 O O   . GLU A 1 29 ? 4.898   -5.383  4.318   1.00 23.56 ? 52  GLU A O   1 
ATOM   210 C CB  . GLU A 1 29 ? 7.491   -6.089  6.166   1.00 24.61 ? 52  GLU A CB  1 
ATOM   211 C CG  . GLU A 1 29 ? 8.312   -7.333  6.525   1.00 29.36 ? 52  GLU A CG  1 
ATOM   212 C CD  . GLU A 1 29 ? 8.516   -7.385  8.043   1.00 32.14 ? 52  GLU A CD  1 
ATOM   213 O OE1 . GLU A 1 29 ? 9.047   -6.376  8.550   1.00 32.38 ? 52  GLU A OE1 1 
ATOM   214 O OE2 . GLU A 1 29 ? 8.115   -8.395  8.658   1.00 32.89 ? 52  GLU A OE2 1 
ATOM   215 N N   . VAL A 1 30 ? 6.321   -3.669  4.658   1.00 21.31 ? 53  VAL A N   1 
ATOM   216 C CA  . VAL A 1 30 ? 5.263   -2.701  4.505   1.00 21.40 ? 53  VAL A CA  1 
ATOM   217 C C   . VAL A 1 30 ? 4.628   -2.843  3.103   1.00 21.80 ? 53  VAL A C   1 
ATOM   218 O O   . VAL A 1 30 ? 3.413   -2.883  2.951   1.00 21.59 ? 53  VAL A O   1 
ATOM   219 C CB  . VAL A 1 30 ? 5.763   -1.262  4.725   1.00 22.27 ? 53  VAL A CB  1 
ATOM   220 C CG1 . VAL A 1 30 ? 4.663   -0.284  4.406   1.00 24.27 ? 53  VAL A CG1 1 
ATOM   221 C CG2 . VAL A 1 30 ? 6.203   -1.058  6.208   1.00 24.74 ? 53  VAL A CG2 1 
ATOM   222 N N   . LEU A 1 31 ? 5.453   -2.929  2.071   1.00 22.75 ? 54  LEU A N   1 
ATOM   223 C CA  . LEU A 1 31 ? 4.915   -3.059  0.720   1.00 21.09 ? 54  LEU A CA  1 
ATOM   224 C C   . LEU A 1 31 ? 4.172   -4.368  0.556   1.00 19.09 ? 54  LEU A C   1 
ATOM   225 O O   . LEU A 1 31 ? 3.178   -4.434  -0.141  1.00 19.42 ? 54  LEU A O   1 
ATOM   226 C CB  . LEU A 1 31 ? 6.071   -3.011  -0.282  1.00 22.96 ? 54  LEU A CB  1 
ATOM   227 C CG  . LEU A 1 31 ? 6.686   -1.617  -0.375  1.00 26.27 ? 54  LEU A CG  1 
ATOM   228 C CD1 . LEU A 1 31 ? 8.078   -1.775  -0.942  1.00 25.99 ? 54  LEU A CD1 1 
ATOM   229 C CD2 . LEU A 1 31 ? 5.849   -0.688  -1.265  1.00 26.56 ? 54  LEU A CD2 1 
ATOM   230 N N   . PHE A 1 32 ? 4.647   -5.411  1.222   1.00 19.59 ? 55  PHE A N   1 
ATOM   231 C CA  . PHE A 1 32 ? 3.980   -6.690  1.090   1.00 21.18 ? 55  PHE A CA  1 
ATOM   232 C C   . PHE A 1 32 ? 2.544   -6.626  1.612   1.00 21.52 ? 55  PHE A C   1 
ATOM   233 O O   . PHE A 1 32 ? 1.637   -7.069  0.924   1.00 22.10 ? 55  PHE A O   1 
ATOM   234 C CB  . PHE A 1 32 ? 4.748   -7.828  1.820   1.00 20.62 ? 55  PHE A CB  1 
ATOM   235 C CG  . PHE A 1 32 ? 4.033   -9.130  1.789   1.00 22.74 ? 55  PHE A CG  1 
ATOM   236 C CD1 . PHE A 1 32 ? 4.036   -9.916  0.642   1.00 21.43 ? 55  PHE A CD1 1 
ATOM   237 C CD2 . PHE A 1 32 ? 3.288   -9.557  2.891   1.00 23.66 ? 55  PHE A CD2 1 
ATOM   238 C CE1 . PHE A 1 32 ? 3.299   -11.111 0.605   1.00 22.83 ? 55  PHE A CE1 1 
ATOM   239 C CE2 . PHE A 1 32 ? 2.561   -10.737 2.847   1.00 24.42 ? 55  PHE A CE2 1 
ATOM   240 C CZ  . PHE A 1 32 ? 2.580   -11.515 1.685   1.00 25.01 ? 55  PHE A CZ  1 
ATOM   241 N N   . TYR A 1 33 ? 2.375   -6.124  2.831   1.00 22.27 ? 56  TYR A N   1 
ATOM   242 C CA  . TYR A 1 33 ? 1.078   -6.008  3.475   1.00 22.35 ? 56  TYR A CA  1 
ATOM   243 C C   . TYR A 1 33 ? 0.173   -4.951  2.808   1.00 22.41 ? 56  TYR A C   1 
ATOM   244 O O   . TYR A 1 33 ? -1.049  -5.101  2.757   1.00 23.05 ? 56  TYR A O   1 
ATOM   245 C CB  . TYR A 1 33 ? 1.278   -5.756  4.986   1.00 24.38 ? 56  TYR A CB  1 
ATOM   246 C CG  . TYR A 1 33 ? 1.733   -7.038  5.692   1.00 24.79 ? 56  TYR A CG  1 
ATOM   247 C CD1 . TYR A 1 33 ? 0.887   -8.158  5.733   1.00 26.73 ? 56  TYR A CD1 1 
ATOM   248 C CD2 . TYR A 1 33 ? 3.005   -7.163  6.232   1.00 26.35 ? 56  TYR A CD2 1 
ATOM   249 C CE1 . TYR A 1 33 ? 1.293   -9.384  6.293   1.00 27.75 ? 56  TYR A CE1 1 
ATOM   250 C CE2 . TYR A 1 33 ? 3.431   -8.393  6.776   1.00 30.68 ? 56  TYR A CE2 1 
ATOM   251 C CZ  . TYR A 1 33 ? 2.558   -9.497  6.796   1.00 28.67 ? 56  TYR A CZ  1 
ATOM   252 O OH  . TYR A 1 33 ? 2.959   -10.735 7.294   1.00 33.51 ? 56  TYR A OH  1 
ATOM   253 N N   . LEU A 1 34 ? 0.751   -3.884  2.263   1.00 22.09 ? 57  LEU A N   1 
ATOM   254 C CA  . LEU A 1 34 ? -0.089  -2.899  1.558   1.00 21.88 ? 57  LEU A CA  1 
ATOM   255 C C   . LEU A 1 34 ? -0.670  -3.585  0.309   1.00 22.82 ? 57  LEU A C   1 
ATOM   256 O O   . LEU A 1 34 ? -1.823  -3.357  -0.069  1.00 22.80 ? 57  LEU A O   1 
ATOM   257 C CB  . LEU A 1 34 ? 0.769   -1.675  1.186   1.00 21.69 ? 57  LEU A CB  1 
ATOM   258 C CG  . LEU A 1 34 ? 0.165   -0.554  0.329   1.00 22.94 ? 57  LEU A CG  1 
ATOM   259 C CD1 . LEU A 1 34 ? -1.108  0.057   0.987   1.00 22.56 ? 57  LEU A CD1 1 
ATOM   260 C CD2 . LEU A 1 34 ? 1.243   0.502   0.154   1.00 22.01 ? 57  LEU A CD2 1 
ATOM   261 N N   . GLY A 1 35 ? 0.146   -4.402  -0.353  1.00 20.57 ? 58  GLY A N   1 
ATOM   262 C CA  . GLY A 1 35 ? -0.340  -5.120  -1.534  1.00 21.49 ? 58  GLY A CA  1 
ATOM   263 C C   . GLY A 1 35 ? -1.444  -6.083  -1.124  1.00 22.83 ? 58  GLY A C   1 
ATOM   264 O O   . GLY A 1 35 ? -2.458  -6.203  -1.797  1.00 21.74 ? 58  GLY A O   1 
ATOM   265 N N   . GLN A 1 36 ? -1.260  -6.742  0.017   1.00 23.54 ? 59  GLN A N   1 
ATOM   266 C CA  . GLN A 1 36 ? -2.268  -7.687  0.476   1.00 26.16 ? 59  GLN A CA  1 
ATOM   267 C C   . GLN A 1 36 ? -3.578  -6.962  0.740   1.00 23.97 ? 59  GLN A C   1 
ATOM   268 O O   . GLN A 1 36 ? -4.643  -7.478  0.414   1.00 26.93 ? 59  GLN A O   1 
ATOM   269 C CB  . GLN A 1 36 ? -1.802  -8.395  1.767   1.00 27.93 ? 59  GLN A CB  1 
ATOM   270 C CG  . GLN A 1 36 ? -0.748  -9.495  1.522   1.00 36.14 ? 59  GLN A CG  1 
ATOM   271 C CD  . GLN A 1 36 ? -1.217  -10.470 0.439   1.00 38.51 ? 59  GLN A CD  1 
ATOM   272 O OE1 . GLN A 1 36 ? -0.744  -10.432 -0.705  1.00 41.30 ? 59  GLN A OE1 1 
ATOM   273 N NE2 . GLN A 1 36 ? -2.188  -11.316 0.788   1.00 41.25 ? 59  GLN A NE2 1 
ATOM   274 N N   . TYR A 1 37 ? -3.489  -5.783  1.354   1.00 23.98 ? 60  TYR A N   1 
ATOM   275 C CA  . TYR A 1 37 ? -4.668  -4.971  1.660   1.00 22.74 ? 60  TYR A CA  1 
ATOM   276 C C   . TYR A 1 37 ? -5.412  -4.555  0.368   1.00 23.50 ? 60  TYR A C   1 
ATOM   277 O O   . TYR A 1 37 ? -6.613  -4.757  0.262   1.00 21.35 ? 60  TYR A O   1 
ATOM   278 C CB  . TYR A 1 37 ? -4.233  -3.754  2.468   1.00 22.30 ? 60  TYR A CB  1 
ATOM   279 C CG  . TYR A 1 37 ? -5.348  -2.794  2.830   1.00 22.43 ? 60  TYR A CG  1 
ATOM   280 C CD1 . TYR A 1 37 ? -6.035  -2.891  4.031   1.00 24.67 ? 60  TYR A CD1 1 
ATOM   281 C CD2 . TYR A 1 37 ? -5.688  -1.764  1.961   1.00 21.13 ? 60  TYR A CD2 1 
ATOM   282 C CE1 . TYR A 1 37 ? -7.031  -1.980  4.359   1.00 25.90 ? 60  TYR A CE1 1 
ATOM   283 C CE2 . TYR A 1 37 ? -6.682  -0.833  2.262   1.00 23.83 ? 60  TYR A CE2 1 
ATOM   284 C CZ  . TYR A 1 37 ? -7.355  -0.958  3.477   1.00 26.81 ? 60  TYR A CZ  1 
ATOM   285 O OH  . TYR A 1 37 ? -8.331  -0.068  3.788   1.00 26.20 ? 60  TYR A OH  1 
ATOM   286 N N   . ILE A 1 38 ? -4.680  -4.005  -0.616  1.00 22.26 ? 61  ILE A N   1 
ATOM   287 C CA  . ILE A 1 38 ? -5.276  -3.595  -1.901  1.00 23.98 ? 61  ILE A CA  1 
ATOM   288 C C   . ILE A 1 38 ? -5.918  -4.790  -2.606  1.00 23.86 ? 61  ILE A C   1 
ATOM   289 O O   . ILE A 1 38 ? -7.008  -4.694  -3.129  1.00 23.57 ? 61  ILE A O   1 
ATOM   290 C CB  . ILE A 1 38 ? -4.202  -2.956  -2.864  1.00 22.51 ? 61  ILE A CB  1 
ATOM   291 C CG1 . ILE A 1 38 ? -3.821  -1.571  -2.332  1.00 23.25 ? 61  ILE A CG1 1 
ATOM   292 C CG2 . ILE A 1 38 ? -4.755  -2.832  -4.323  1.00 24.85 ? 61  ILE A CG2 1 
ATOM   293 C CD1 . ILE A 1 38 ? -2.471  -1.039  -2.928  1.00 22.50 ? 61  ILE A CD1 1 
ATOM   294 N N   . MET A 1 39 ? -5.230  -5.918  -2.617  1.00 24.55 ? 62  MET A N   1 
ATOM   295 C CA  . MET A 1 39 ? -5.755  -7.085  -3.262  1.00 25.82 ? 62  MET A CA  1 
ATOM   296 C C   . MET A 1 39 ? -6.996  -7.639  -2.578  1.00 25.93 ? 62  MET A C   1 
ATOM   297 O O   . MET A 1 39 ? -8.024  -7.864  -3.240  1.00 25.24 ? 62  MET A O   1 
ATOM   298 C CB  . MET A 1 39 ? -4.674  -8.150  -3.371  1.00 29.32 ? 62  MET A CB  1 
ATOM   299 C CG  . MET A 1 39 ? -5.183  -9.484  -3.801  1.00 34.62 ? 62  MET A CG  1 
ATOM   300 S SD  . MET A 1 39 ? -3.820  -10.650 -3.817  1.00 41.69 ? 62  MET A SD  1 
ATOM   301 C CE  . MET A 1 39 ? -3.936  -11.264 -2.065  1.00 39.88 ? 62  MET A CE  1 
ATOM   302 N N   . THR A 1 40 ? -6.936  -7.801  -1.266  1.00 25.21 ? 63  THR A N   1 
ATOM   303 C CA  . THR A 1 40 ? -8.073  -8.356  -0.549  1.00 27.40 ? 63  THR A CA  1 
ATOM   304 C C   . THR A 1 40 ? -9.313  -7.488  -0.581  1.00 27.16 ? 63  THR A C   1 
ATOM   305 O O   . THR A 1 40 ? -10.441 -8.008  -0.606  1.00 28.31 ? 63  THR A O   1 
ATOM   306 C CB  . THR A 1 40 ? -7.684  -8.761  0.936   1.00 29.76 ? 63  THR A CB  1 
ATOM   307 O OG1 . THR A 1 40 ? -7.336  -7.609  1.700   1.00 34.26 ? 63  THR A OG1 1 
ATOM   308 C CG2 . THR A 1 40 ? -6.487  -9.704  0.924   1.00 32.06 ? 63  THR A CG2 1 
ATOM   309 N N   . LYS A 1 41 ? -9.134  -6.168  -0.614  1.00 24.75 ? 64  LYS A N   1 
ATOM   310 C CA  . LYS A 1 41 ? -10.277 -5.250  -0.664  1.00 25.71 ? 64  LYS A CA  1 
ATOM   311 C C   . LYS A 1 41 ? -10.654 -4.902  -2.106  1.00 25.79 ? 64  LYS A C   1 
ATOM   312 O O   . LYS A 1 41 ? -11.561 -4.098  -2.321  1.00 27.24 ? 64  LYS A O   1 
ATOM   313 C CB  . LYS A 1 41 ? -9.982  -3.973  0.134   1.00 24.67 ? 64  LYS A CB  1 
ATOM   314 C CG  . LYS A 1 41 ? -9.805  -4.226  1.615   1.00 28.65 ? 64  LYS A CG  1 
ATOM   315 C CD  . LYS A 1 41 ? -9.898  -2.944  2.439   1.00 33.05 ? 64  LYS A CD  1 
ATOM   316 C CE  . LYS A 1 41 ? -11.334 -2.412  2.576   1.00 33.65 ? 64  LYS A CE  1 
ATOM   317 N NZ  . LYS A 1 41 ? -11.318 -1.279  3.592   1.00 35.14 ? 64  LYS A NZ  1 
ATOM   318 N N   . ARG A 1 42 ? -9.991  -5.546  -3.074  1.00 24.34 ? 65  ARG A N   1 
ATOM   319 C CA  . ARG A 1 42 ? -10.236 -5.347  -4.504  1.00 25.65 ? 65  ARG A CA  1 
ATOM   320 C C   . ARG A 1 42 ? -10.262 -3.865  -4.870  1.00 26.87 ? 65  ARG A C   1 
ATOM   321 O O   . ARG A 1 42 ? -11.179 -3.407  -5.584  1.00 25.26 ? 65  ARG A O   1 
ATOM   322 C CB  . ARG A 1 42 ? -11.557 -6.015  -4.908  1.00 28.13 ? 65  ARG A CB  1 
ATOM   323 C CG  . ARG A 1 42 ? -11.560 -7.551  -4.696  1.00 26.50 ? 65  ARG A CG  1 
ATOM   324 C CD  . ARG A 1 42 ? -12.956 -8.126  -5.049  1.00 28.46 ? 65  ARG A CD  1 
ATOM   325 N NE  . ARG A 1 42 ? -13.295 -7.796  -6.431  1.00 27.94 ? 65  ARG A NE  1 
ATOM   326 C CZ  . ARG A 1 42 ? -14.511 -7.482  -6.840  1.00 26.81 ? 65  ARG A CZ  1 
ATOM   327 N NH1 . ARG A 1 42 ? -15.509 -7.457  -5.979  1.00 29.74 ? 65  ARG A NH1 1 
ATOM   328 N NH2 . ARG A 1 42 ? -14.712 -7.199  -8.118  1.00 33.38 ? 65  ARG A NH2 1 
ATOM   329 N N   . LEU A 1 43 ? -9.264  -3.099  -4.416  1.00 22.95 ? 66  LEU A N   1 
ATOM   330 C CA  . LEU A 1 43 ? -9.291  -1.665  -4.743  1.00 22.74 ? 66  LEU A CA  1 
ATOM   331 C C   . LEU A 1 43 ? -8.762  -1.362  -6.147  1.00 24.19 ? 66  LEU A C   1 
ATOM   332 O O   . LEU A 1 43 ? -8.897  -0.237  -6.622  1.00 22.78 ? 66  LEU A O   1 
ATOM   333 C CB  . LEU A 1 43 ? -8.482  -0.860  -3.715  1.00 21.54 ? 66  LEU A CB  1 
ATOM   334 C CG  . LEU A 1 43 ? -8.869  -1.083  -2.240  1.00 20.98 ? 66  LEU A CG  1 
ATOM   335 C CD1 . LEU A 1 43 ? -7.999  -0.221  -1.314  1.00 22.26 ? 66  LEU A CD1 1 
ATOM   336 C CD2 . LEU A 1 43 ? -10.375 -0.696  -2.095  1.00 25.19 ? 66  LEU A CD2 1 
ATOM   337 N N   . TYR A 1 44 ? -8.166  -2.350  -6.807  1.00 23.28 ? 67  TYR A N   1 
ATOM   338 C CA  . TYR A 1 44 ? -7.630  -2.128  -8.150  1.00 22.21 ? 67  TYR A CA  1 
ATOM   339 C C   . TYR A 1 44 ? -8.726  -2.225  -9.188  1.00 22.17 ? 67  TYR A C   1 
ATOM   340 O O   . TYR A 1 44 ? -9.771  -2.851  -8.936  1.00 22.23 ? 67  TYR A O   1 
ATOM   341 C CB  . TYR A 1 44 ? -6.531  -3.139  -8.473  1.00 22.53 ? 67  TYR A CB  1 
ATOM   342 C CG  . TYR A 1 44 ? -6.994  -4.580  -8.346  1.00 24.11 ? 67  TYR A CG  1 
ATOM   343 C CD1 . TYR A 1 44 ? -7.689  -5.212  -9.348  1.00 25.88 ? 67  TYR A CD1 1 
ATOM   344 C CD2 . TYR A 1 44 ? -6.751  -5.278  -7.177  1.00 24.49 ? 67  TYR A CD2 1 
ATOM   345 C CE1 . TYR A 1 44 ? -8.146  -6.539  -9.186  1.00 28.01 ? 67  TYR A CE1 1 
ATOM   346 C CE2 . TYR A 1 44 ? -7.200  -6.590  -6.991  1.00 29.02 ? 67  TYR A CE2 1 
ATOM   347 C CZ  . TYR A 1 44 ? -7.892  -7.205  -7.997  1.00 29.52 ? 67  TYR A CZ  1 
ATOM   348 O OH  . TYR A 1 44 ? -8.323  -8.493  -7.767  1.00 31.25 ? 67  TYR A OH  1 
ATOM   349 N N   . ASP A 1 45 ? -8.492  -1.567  -10.324 1.00 22.87 ? 68  ASP A N   1 
ATOM   350 C CA  . ASP A 1 45 ? -9.439  -1.564  -11.445 1.00 23.71 ? 68  ASP A CA  1 
ATOM   351 C C   . ASP A 1 45 ? -9.335  -2.955  -12.074 1.00 25.40 ? 68  ASP A C   1 
ATOM   352 O O   . ASP A 1 45 ? -8.243  -3.495  -12.171 1.00 24.76 ? 68  ASP A O   1 
ATOM   353 C CB  . ASP A 1 45 ? -9.044  -0.529  -12.513 1.00 22.48 ? 68  ASP A CB  1 
ATOM   354 C CG  . ASP A 1 45 ? -10.110 -0.396  -13.602 1.00 24.71 ? 68  ASP A CG  1 
ATOM   355 O OD1 . ASP A 1 45 ? -11.115 0.305   -13.383 1.00 29.62 ? 68  ASP A OD1 1 
ATOM   356 O OD2 . ASP A 1 45 ? -9.958  -1.013  -14.652 1.00 29.28 ? 68  ASP A OD2 1 
ATOM   357 N N   . GLU A 1 46 ? -10.466 -3.545  -12.454 1.00 26.48 ? 69  GLU A N   1 
ATOM   358 C CA  . GLU A 1 46 ? -10.432 -4.907  -13.021 1.00 29.92 ? 69  GLU A CA  1 
ATOM   359 C C   . GLU A 1 46 ? -9.872  -4.926  -14.424 1.00 29.18 ? 69  GLU A C   1 
ATOM   360 O O   . GLU A 1 46 ? -9.282  -5.908  -14.835 1.00 30.50 ? 69  GLU A O   1 
ATOM   361 C CB  . GLU A 1 46 ? -11.825 -5.562  -13.031 1.00 30.28 ? 69  GLU A CB  1 
ATOM   362 C CG  . GLU A 1 46 ? -12.472 -5.860  -11.636 1.00 35.78 ? 69  GLU A CG  1 
ATOM   363 C CD  . GLU A 1 46 ? -11.799 -6.985  -10.829 1.00 36.20 ? 69  GLU A CD  1 
ATOM   364 O OE1 . GLU A 1 46 ? -11.070 -7.810  -11.421 1.00 37.50 ? 69  GLU A OE1 1 
ATOM   365 O OE2 . GLU A 1 46 ? -11.995 -7.066  -9.580  1.00 36.64 ? 69  GLU A OE2 1 
ATOM   366 N N   . LYS A 1 47 ? -10.031 -3.830  -15.157 1.00 31.88 ? 70  LYS A N   1 
ATOM   367 C CA  . LYS A 1 47 ? -9.539  -3.750  -16.530 1.00 32.25 ? 70  LYS A CA  1 
ATOM   368 C C   . LYS A 1 47 ? -8.067  -3.338  -16.686 1.00 31.61 ? 70  LYS A C   1 
ATOM   369 O O   . LYS A 1 47 ? -7.331  -3.921  -17.475 1.00 32.34 ? 70  LYS A O   1 
ATOM   370 C CB  . LYS A 1 47 ? -10.451 -2.811  -17.349 1.00 35.84 ? 70  LYS A CB  1 
ATOM   371 C CG  . LYS A 1 47 ? -10.268 -2.996  -18.859 1.00 40.17 ? 70  LYS A CG  1 
ATOM   372 C CD  . LYS A 1 47 ? -10.456 -1.740  -19.691 1.00 43.00 ? 70  LYS A CD  1 
ATOM   373 C CE  . LYS A 1 47 ? -10.111 -2.056  -21.176 1.00 45.56 ? 70  LYS A CE  1 
ATOM   374 N NZ  . LYS A 1 47 ? -10.944 -3.155  -21.769 1.00 46.11 ? 70  LYS A NZ  1 
ATOM   375 N N   . GLN A 1 48 ? -7.636  -2.312  -15.951 1.00 31.70 ? 71  GLN A N   1 
ATOM   376 C CA  . GLN A 1 48 ? -6.243  -1.818  -15.974 1.00 28.33 ? 71  GLN A CA  1 
ATOM   377 C C   . GLN A 1 48 ? -5.858  -2.043  -14.523 1.00 27.97 ? 71  GLN A C   1 
ATOM   378 O O   . GLN A 1 48 ? -6.001  -1.143  -13.677 1.00 24.07 ? 71  GLN A O   1 
ATOM   379 C CB  . GLN A 1 48 ? -6.245  -0.334  -16.329 1.00 30.58 ? 71  GLN A CB  1 
ATOM   380 C CG  . GLN A 1 48 ? -6.643  -0.150  -17.775 1.00 35.06 ? 71  GLN A CG  1 
ATOM   381 C CD  . GLN A 1 48 ? -5.601  -0.784  -18.668 1.00 38.02 ? 71  GLN A CD  1 
ATOM   382 O OE1 . GLN A 1 48 ? -4.512  -0.242  -18.833 1.00 40.80 ? 71  GLN A OE1 1 
ATOM   383 N NE2 . GLN A 1 48 ? -5.906  -1.964  -19.211 1.00 43.45 ? 71  GLN A NE2 1 
ATOM   384 N N   . GLN A 1 49 ? -5.378  -3.253  -14.230 1.00 26.94 ? 72  GLN A N   1 
ATOM   385 C CA  . GLN A 1 49 ? -5.126  -3.596  -12.835 1.00 26.16 ? 72  GLN A CA  1 
ATOM   386 C C   . GLN A 1 49 ? -3.991  -2.925  -12.118 1.00 24.23 ? 72  GLN A C   1 
ATOM   387 O O   . GLN A 1 49 ? -3.737  -3.287  -10.952 1.00 24.03 ? 72  GLN A O   1 
ATOM   388 C CB  . GLN A 1 49 ? -5.071  -5.130  -12.625 1.00 25.61 ? 72  GLN A CB  1 
ATOM   389 C CG  . GLN A 1 49 ? -6.298  -5.818  -13.176 1.00 27.15 ? 72  GLN A CG  1 
ATOM   390 C CD  . GLN A 1 49 ? -6.545  -7.214  -12.605 1.00 30.22 ? 72  GLN A CD  1 
ATOM   391 O OE1 . GLN A 1 49 ? -5.702  -7.789  -11.898 1.00 27.00 ? 72  GLN A OE1 1 
ATOM   392 N NE2 . GLN A 1 49 ? -7.726  -7.772  -12.925 1.00 30.45 ? 72  GLN A NE2 1 
ATOM   393 N N   . HIS A 1 50 ? -3.316  -1.963  -12.766 1.00 23.57 ? 73  HIS A N   1 
ATOM   394 C CA  . HIS A 1 50 ? -2.307  -1.151  -12.049 1.00 23.41 ? 73  HIS A CA  1 
ATOM   395 C C   . HIS A 1 50 ? -2.972  0.082   -11.459 1.00 23.78 ? 73  HIS A C   1 
ATOM   396 O O   . HIS A 1 50 ? -2.351  0.819   -10.667 1.00 23.05 ? 73  HIS A O   1 
ATOM   397 C CB  . HIS A 1 50 ? -1.194  -0.658  -12.981 1.00 26.11 ? 73  HIS A CB  1 
ATOM   398 C CG  . HIS A 1 50 ? -1.695  0.123   -14.145 1.00 27.20 ? 73  HIS A CG  1 
ATOM   399 N ND1 . HIS A 1 50 ? -1.662  1.503   -14.202 1.00 30.08 ? 73  HIS A ND1 1 
ATOM   400 C CD2 . HIS A 1 50 ? -2.260  -0.290  -15.305 1.00 28.50 ? 73  HIS A CD2 1 
ATOM   401 C CE1 . HIS A 1 50 ? -2.182  1.900   -15.355 1.00 30.52 ? 73  HIS A CE1 1 
ATOM   402 N NE2 . HIS A 1 50 ? -2.554  0.828   -16.039 1.00 30.71 ? 73  HIS A NE2 1 
ATOM   403 N N   . ILE A 1 51 ? -4.210  0.366   -11.866 1.00 21.42 ? 74  ILE A N   1 
ATOM   404 C CA  . ILE A 1 51 ? -4.927  1.522   -11.301 1.00 21.02 ? 74  ILE A CA  1 
ATOM   405 C C   . ILE A 1 51 ? -5.563  1.105   -9.980  1.00 23.15 ? 74  ILE A C   1 
ATOM   406 O O   . ILE A 1 51 ? -6.224  0.055   -9.920  1.00 23.38 ? 74  ILE A O   1 
ATOM   407 C CB  . ILE A 1 51 ? -6.062  2.036   -12.274 1.00 23.89 ? 74  ILE A CB  1 
ATOM   408 C CG1 . ILE A 1 51 ? -5.443  2.492   -13.612 1.00 24.33 ? 74  ILE A CG1 1 
ATOM   409 C CG2 . ILE A 1 51 ? -6.829  3.237   -11.637 1.00 23.43 ? 74  ILE A CG2 1 
ATOM   410 C CD1 . ILE A 1 51 ? -4.481  3.678   -13.461 1.00 28.21 ? 74  ILE A CD1 1 
ATOM   411 N N   . VAL A 1 52 ? -5.352  1.904   -8.933  1.00 19.69 ? 75  VAL A N   1 
ATOM   412 C CA  . VAL A 1 52 ? -5.906  1.627   -7.622  1.00 21.05 ? 75  VAL A CA  1 
ATOM   413 C C   . VAL A 1 52 ? -6.794  2.811   -7.148  1.00 22.43 ? 75  VAL A C   1 
ATOM   414 O O   . VAL A 1 52 ? -6.333  4.001   -7.059  1.00 22.30 ? 75  VAL A O   1 
ATOM   415 C CB  . VAL A 1 52 ? -4.780  1.373   -6.581  1.00 21.59 ? 75  VAL A CB  1 
ATOM   416 C CG1 . VAL A 1 52 ? -5.413  1.191   -5.180  1.00 22.04 ? 75  VAL A CG1 1 
ATOM   417 C CG2 . VAL A 1 52 ? -3.959  0.133   -6.988  1.00 18.22 ? 75  VAL A CG2 1 
ATOM   418 N N   . TYR A 1 53 ? -8.060  2.506   -6.839  1.00 22.55 ? 76  TYR A N   1 
ATOM   419 C CA  . TYR A 1 53 ? -9.028  3.543   -6.399  1.00 23.27 ? 76  TYR A CA  1 
ATOM   420 C C   . TYR A 1 53 ? -9.035  3.528   -4.878  1.00 27.20 ? 76  TYR A C   1 
ATOM   421 O O   . TYR A 1 53 ? -9.320  2.488   -4.265  1.00 26.94 ? 76  TYR A O   1 
ATOM   422 C CB  . TYR A 1 53 ? -10.425 3.178   -6.833  1.00 22.70 ? 76  TYR A CB  1 
ATOM   423 C CG  . TYR A 1 53 ? -10.559 3.040   -8.294  1.00 22.52 ? 76  TYR A CG  1 
ATOM   424 C CD1 . TYR A 1 53 ? -10.437 4.141   -9.110  1.00 24.76 ? 76  TYR A CD1 1 
ATOM   425 C CD2 . TYR A 1 53 ? -10.763 1.798   -8.873  1.00 24.43 ? 76  TYR A CD2 1 
ATOM   426 C CE1 . TYR A 1 53 ? -10.513 4.017   -10.493 1.00 25.46 ? 76  TYR A CE1 1 
ATOM   427 C CE2 . TYR A 1 53 ? -10.845 1.650   -10.249 1.00 25.34 ? 76  TYR A CE2 1 
ATOM   428 C CZ  . TYR A 1 53 ? -10.722 2.777   -11.055 1.00 26.47 ? 76  TYR A CZ  1 
ATOM   429 O OH  . TYR A 1 53 ? -10.810 2.669   -12.411 1.00 26.79 ? 76  TYR A OH  1 
ATOM   430 N N   . CYS A 1 54 ? -8.765  4.663   -4.266  1.00 24.96 ? 77  CYS A N   1 
ATOM   431 C CA  . CYS A 1 54 ? -8.763  4.652   -2.835  1.00 27.76 ? 77  CYS A CA  1 
ATOM   432 C C   . CYS A 1 54 ? -9.595  5.736   -2.191  1.00 28.39 ? 77  CYS A C   1 
ATOM   433 O O   . CYS A 1 54 ? -9.544  5.898   -0.984  1.00 27.63 ? 77  CYS A O   1 
ATOM   434 C CB  . CYS A 1 54 ? -7.320  4.672   -2.314  1.00 29.16 ? 77  CYS A CB  1 
ATOM   435 S SG  . CYS A 1 54 ? -6.134  5.770   -3.188  1.00 32.36 ? 77  CYS A SG  1 
ATOM   436 N N   . SER A 1 55 ? -10.394 6.439   -2.996  1.00 29.62 ? 78  SER A N   1 
ATOM   437 C CA  . SER A 1 55 ? -11.206 7.561   -2.520  1.00 33.24 ? 78  SER A CA  1 
ATOM   438 C C   . SER A 1 55 ? -12.050 7.321   -1.270  1.00 35.89 ? 78  SER A C   1 
ATOM   439 O O   . SER A 1 55 ? -11.986 8.119   -0.316  1.00 40.68 ? 78  SER A O   1 
ATOM   440 C CB  . SER A 1 55 ? -12.121 8.073   -3.647  1.00 32.38 ? 78  SER A CB  1 
ATOM   441 O OG  . SER A 1 55 ? -13.125 7.120   -3.917  1.00 33.11 ? 78  SER A OG  1 
ATOM   442 N N   . ASN A 1 56 ? -12.825 6.249   -1.238  1.00 36.10 ? 79  ASN A N   1 
ATOM   443 C CA  . ASN A 1 56 ? -13.694 6.019   -0.059  1.00 38.23 ? 79  ASN A CA  1 
ATOM   444 C C   . ASN A 1 56 ? -13.102 4.909   0.849   1.00 37.37 ? 79  ASN A C   1 
ATOM   445 O O   . ASN A 1 56 ? -13.818 4.029   1.341   1.00 37.45 ? 79  ASN A O   1 
ATOM   446 C CB  . ASN A 1 56 ? -15.091 5.637   -0.585  1.00 42.52 ? 79  ASN A CB  1 
ATOM   447 C CG  . ASN A 1 56 ? -16.032 5.132   0.501   1.00 47.91 ? 79  ASN A CG  1 
ATOM   448 O OD1 . ASN A 1 56 ? -16.802 4.166   0.281   1.00 52.27 ? 79  ASN A OD1 1 
ATOM   449 N ND2 . ASN A 1 56 ? -15.995 5.776   1.677   1.00 49.37 ? 79  ASN A ND2 1 
ATOM   450 N N   . ASP A 1 57 ? -11.801 4.980   1.106   1.00 34.37 ? 80  ASP A N   1 
ATOM   451 C CA  . ASP A 1 57 ? -11.133 3.938   1.890   1.00 33.24 ? 80  ASP A CA  1 
ATOM   452 C C   . ASP A 1 57 ? -10.044 4.574   2.713   1.00 31.48 ? 80  ASP A C   1 
ATOM   453 O O   . ASP A 1 57 ? -9.542  5.616   2.363   1.00 29.73 ? 80  ASP A O   1 
ATOM   454 C CB  . ASP A 1 57 ? -10.505 2.908   0.916   1.00 33.12 ? 80  ASP A CB  1 
ATOM   455 C CG  . ASP A 1 57 ? -9.859  1.724   1.627   1.00 31.05 ? 80  ASP A CG  1 
ATOM   456 O OD1 . ASP A 1 57 ? -10.498 0.666   1.651   1.00 32.91 ? 80  ASP A OD1 1 
ATOM   457 O OD2 . ASP A 1 57 ? -8.738  1.847   2.172   1.00 28.84 ? 80  ASP A OD2 1 
ATOM   458 N N   . LEU A 1 58 ? -9.680  3.934   3.813   1.00 30.70 ? 81  LEU A N   1 
ATOM   459 C CA  . LEU A 1 58 ? -8.630  4.423   4.659   1.00 31.32 ? 81  LEU A CA  1 
ATOM   460 C C   . LEU A 1 58 ? -7.361  4.709   3.839   1.00 30.40 ? 81  LEU A C   1 
ATOM   461 O O   . LEU A 1 58 ? -6.624  5.654   4.117   1.00 29.91 ? 81  LEU A O   1 
ATOM   462 C CB  . LEU A 1 58 ? -8.398  3.378   5.760   1.00 33.66 ? 81  LEU A CB  1 
ATOM   463 C CG  . LEU A 1 58 ? -7.079  3.261   6.487   1.00 35.24 ? 81  LEU A CG  1 
ATOM   464 C CD1 . LEU A 1 58 ? -7.359  2.537   7.780   1.00 37.57 ? 81  LEU A CD1 1 
ATOM   465 C CD2 . LEU A 1 58 ? -6.074  2.478   5.646   1.00 35.44 ? 81  LEU A CD2 1 
ATOM   466 N N   . LEU A 1 59 ? -7.136  3.924   2.783   1.00 29.44 ? 82  LEU A N   1 
ATOM   467 C CA  . LEU A 1 59 ? -5.964  4.155   1.942   1.00 27.42 ? 82  LEU A CA  1 
ATOM   468 C C   . LEU A 1 59 ? -5.966  5.560   1.347   1.00 28.65 ? 82  LEU A C   1 
ATOM   469 O O   . LEU A 1 59 ? -4.923  6.157   1.135   1.00 27.68 ? 82  LEU A O   1 
ATOM   470 C CB  . LEU A 1 59 ? -5.934  3.108   0.823   1.00 28.06 ? 82  LEU A CB  1 
ATOM   471 C CG  . LEU A 1 59 ? -4.653  3.100   -0.016  1.00 25.87 ? 82  LEU A CG  1 
ATOM   472 C CD1 . LEU A 1 59 ? -3.429  3.081   0.877   1.00 25.69 ? 82  LEU A CD1 1 
ATOM   473 C CD2 . LEU A 1 59 ? -4.679  1.872   -0.912  1.00 25.66 ? 82  LEU A CD2 1 
ATOM   474 N N   . GLY A 1 60 ? -7.158  6.095   1.093   1.00 28.80 ? 83  GLY A N   1 
ATOM   475 C CA  . GLY A 1 60 ? -7.277  7.419   0.488   1.00 32.29 ? 83  GLY A CA  1 
ATOM   476 C C   . GLY A 1 60 ? -6.779  8.490   1.438   1.00 33.58 ? 83  GLY A C   1 
ATOM   477 O O   . GLY A 1 60 ? -6.207  9.500   1.017   1.00 32.82 ? 83  GLY A O   1 
ATOM   478 N N   . ASP A 1 61 ? -7.041  8.273   2.720   1.00 35.27 ? 84  ASP A N   1 
ATOM   479 C CA  . ASP A 1 61 ? -6.562  9.193   3.756   1.00 39.72 ? 84  ASP A CA  1 
ATOM   480 C C   . ASP A 1 61 ? -5.046  9.172   3.890   1.00 39.67 ? 84  ASP A C   1 
ATOM   481 O O   . ASP A 1 61 ? -4.434  10.204  4.186   1.00 40.99 ? 84  ASP A O   1 
ATOM   482 C CB  . ASP A 1 61 ? -7.204  8.853   5.097   1.00 43.36 ? 84  ASP A CB  1 
ATOM   483 C CG  . ASP A 1 61 ? -8.614  9.373   5.197   1.00 46.96 ? 84  ASP A CG  1 
ATOM   484 O OD1 . ASP A 1 61 ? -8.779  10.575  5.497   1.00 48.99 ? 84  ASP A OD1 1 
ATOM   485 O OD2 . ASP A 1 61 ? -9.556  8.592   4.951   1.00 51.15 ? 84  ASP A OD2 1 
ATOM   486 N N   . LEU A 1 62 ? -4.440  8.008   3.672   1.00 38.98 ? 85  LEU A N   1 
ATOM   487 C CA  . LEU A 1 62 ? -2.986  7.858   3.769   1.00 38.95 ? 85  LEU A CA  1 
ATOM   488 C C   . LEU A 1 62 ? -2.258  8.524   2.612   1.00 39.18 ? 85  LEU A C   1 
ATOM   489 O O   . LEU A 1 62 ? -1.293  9.277   2.798   1.00 40.25 ? 85  LEU A O   1 
ATOM   490 C CB  . LEU A 1 62 ? -2.613  6.373   3.775   1.00 39.04 ? 85  LEU A CB  1 
ATOM   491 C CG  . LEU A 1 62 ? -2.840  5.574   5.044   1.00 40.26 ? 85  LEU A CG  1 
ATOM   492 C CD1 . LEU A 1 62 ? -2.743  4.082   4.763   1.00 39.70 ? 85  LEU A CD1 1 
ATOM   493 C CD2 . LEU A 1 62 ? -1.764  5.957   6.061   1.00 40.94 ? 85  LEU A CD2 1 
ATOM   494 N N   . PHE A 1 63 ? -2.706  8.219   1.408   1.00 36.93 ? 86  PHE A N   1 
ATOM   495 C CA  . PHE A 1 63 ? -2.091  8.755   0.223   1.00 38.27 ? 86  PHE A CA  1 
ATOM   496 C C   . PHE A 1 63 ? -2.484  10.190  0.049   1.00 39.69 ? 86  PHE A C   1 
ATOM   497 O O   . PHE A 1 63 ? -1.780  10.940  -0.613  1.00 40.74 ? 86  PHE A O   1 
ATOM   498 C CB  . PHE A 1 63 ? -2.555  8.021   -1.039  1.00 38.48 ? 86  PHE A CB  1 
ATOM   499 C CG  . PHE A 1 63 ? -1.614  6.939   -1.497  1.00 38.07 ? 86  PHE A CG  1 
ATOM   500 C CD1 . PHE A 1 63 ? -1.737  5.636   -0.982  1.00 38.33 ? 86  PHE A CD1 1 
ATOM   501 C CD2 . PHE A 1 63 ? -0.606  7.222   -2.449  1.00 39.22 ? 86  PHE A CD2 1 
ATOM   502 C CE1 . PHE A 1 63 ? -0.895  4.623   -1.392  1.00 35.52 ? 86  PHE A CE1 1 
ATOM   503 C CE2 . PHE A 1 63 ? 0.256   6.217   -2.881  1.00 36.65 ? 86  PHE A CE2 1 
ATOM   504 C CZ  . PHE A 1 63 ? 0.113   4.908   -2.354  1.00 40.11 ? 86  PHE A CZ  1 
ATOM   505 N N   . GLY A 1 64 ? -3.627  10.561  0.621   1.00 39.30 ? 87  GLY A N   1 
ATOM   506 C CA  . GLY A 1 64 ? -4.137  11.909  0.437   1.00 38.93 ? 87  GLY A CA  1 
ATOM   507 C C   . GLY A 1 64 ? -4.549  12.147  -1.017  1.00 38.94 ? 87  GLY A C   1 
ATOM   508 O O   . GLY A 1 64 ? -4.638  13.295  -1.444  1.00 41.01 ? 87  GLY A O   1 
ATOM   509 N N   . VAL A 1 65 ? -4.777  11.078  -1.790  1.00 38.53 ? 88  VAL A N   1 
ATOM   510 C CA  . VAL A 1 65 ? -5.177  11.171  -3.207  1.00 37.54 ? 88  VAL A CA  1 
ATOM   511 C C   . VAL A 1 65 ? -6.347  10.211  -3.457  1.00 35.13 ? 88  VAL A C   1 
ATOM   512 O O   . VAL A 1 65 ? -6.568  9.287   -2.683  1.00 36.11 ? 88  VAL A O   1 
ATOM   513 C CB  . VAL A 1 65 ? -4.023  10.733  -4.184  1.00 39.23 ? 88  VAL A CB  1 
ATOM   514 C CG1 . VAL A 1 65 ? -2.763  11.463  -3.835  1.00 42.34 ? 88  VAL A CG1 1 
ATOM   515 C CG2 . VAL A 1 65 ? -3.775  9.233   -4.065  1.00 42.28 ? 88  VAL A CG2 1 
ATOM   516 N N   . PRO A 1 66 ? -7.085  10.399  -4.562  1.00 33.42 ? 89  PRO A N   1 
ATOM   517 C CA  . PRO A 1 66 ? -8.217  9.505   -4.837  1.00 31.75 ? 89  PRO A CA  1 
ATOM   518 C C   . PRO A 1 66 ? -7.870  8.173   -5.522  1.00 29.24 ? 89  PRO A C   1 
ATOM   519 O O   . PRO A 1 66 ? -8.626  7.222   -5.442  1.00 28.38 ? 89  PRO A O   1 
ATOM   520 C CB  . PRO A 1 66 ? -9.131  10.380  -5.691  1.00 31.51 ? 89  PRO A CB  1 
ATOM   521 C CG  . PRO A 1 66 ? -8.110  11.211  -6.489  1.00 35.10 ? 89  PRO A CG  1 
ATOM   522 C CD  . PRO A 1 66 ? -7.126  11.596  -5.430  1.00 32.88 ? 89  PRO A CD  1 
ATOM   523 N N   . SER A 1 67 ? -6.723  8.116   -6.179  1.00 27.40 ? 90  SER A N   1 
ATOM   524 C CA  . SER A 1 67 ? -6.303  6.925   -6.889  1.00 28.32 ? 90  SER A CA  1 
ATOM   525 C C   . SER A 1 67 ? -4.837  7.121   -7.268  1.00 28.92 ? 90  SER A C   1 
ATOM   526 O O   . SER A 1 67 ? -4.312  8.250   -7.214  1.00 29.59 ? 90  SER A O   1 
ATOM   527 C CB  . SER A 1 67 ? -7.150  6.763   -8.168  1.00 30.95 ? 90  SER A CB  1 
ATOM   528 O OG  . SER A 1 67 ? -6.986  7.896   -9.016  1.00 31.44 ? 90  SER A OG  1 
ATOM   529 N N   . PHE A 1 68 ? -4.179  6.036   -7.653  1.00 26.22 ? 91  PHE A N   1 
ATOM   530 C CA  . PHE A 1 68 ? -2.776  6.088   -8.063  1.00 23.71 ? 91  PHE A CA  1 
ATOM   531 C C   . PHE A 1 68 ? -2.534  4.835   -8.881  1.00 25.10 ? 91  PHE A C   1 
ATOM   532 O O   . PHE A 1 68 ? -3.421  3.958   -8.962  1.00 24.76 ? 91  PHE A O   1 
ATOM   533 C CB  . PHE A 1 68 ? -1.835  6.139   -6.840  1.00 23.98 ? 91  PHE A CB  1 
ATOM   534 C CG  . PHE A 1 68 ? -1.896  4.919   -5.955  1.00 23.19 ? 91  PHE A CG  1 
ATOM   535 C CD1 . PHE A 1 68 ? -0.994  3.854   -6.106  1.00 23.78 ? 91  PHE A CD1 1 
ATOM   536 C CD2 . PHE A 1 68 ? -2.887  4.827   -4.964  1.00 25.86 ? 91  PHE A CD2 1 
ATOM   537 C CE1 . PHE A 1 68 ? -1.073  2.709   -5.280  1.00 25.48 ? 91  PHE A CE1 1 
ATOM   538 C CE2 . PHE A 1 68 ? -2.971  3.687   -4.136  1.00 27.47 ? 91  PHE A CE2 1 
ATOM   539 C CZ  . PHE A 1 68 ? -2.061  2.632   -4.297  1.00 24.39 ? 91  PHE A CZ  1 
ATOM   540 N N   . SER A 1 69 ? -1.369  4.776   -9.531  1.00 22.69 ? 92  SER A N   1 
ATOM   541 C CA  . SER A 1 69 ? -0.983  3.640   -10.345 1.00 21.89 ? 92  SER A CA  1 
ATOM   542 C C   . SER A 1 69 ? 0.128   2.902   -9.632  1.00 20.50 ? 92  SER A C   1 
ATOM   543 O O   . SER A 1 69 ? 1.044   3.530   -9.050  1.00 22.57 ? 92  SER A O   1 
ATOM   544 C CB  . SER A 1 69 ? -0.487  4.092   -11.731 1.00 20.77 ? 92  SER A CB  1 
ATOM   545 O OG  . SER A 1 69 ? 0.224   3.011   -12.279 1.00 22.93 ? 92  SER A OG  1 
ATOM   546 N N   . VAL A 1 70 ? 0.050   1.573   -9.650  1.00 21.02 ? 93  VAL A N   1 
ATOM   547 C CA  . VAL A 1 70 ? 1.035   0.730   -8.995  1.00 21.16 ? 93  VAL A CA  1 
ATOM   548 C C   . VAL A 1 70 ? 2.418   0.995   -9.599  1.00 22.47 ? 93  VAL A C   1 
ATOM   549 O O   . VAL A 1 70 ? 3.476   0.797   -8.953  1.00 21.79 ? 93  VAL A O   1 
ATOM   550 C CB  . VAL A 1 70 ? 0.642   -0.763  -9.152  1.00 18.17 ? 93  VAL A CB  1 
ATOM   551 C CG1 . VAL A 1 70 ? 1.792   -1.691  -8.599  1.00 23.89 ? 93  VAL A CG1 1 
ATOM   552 C CG2 . VAL A 1 70 ? -0.648  -1.049  -8.358  1.00 19.75 ? 93  VAL A CG2 1 
ATOM   553 N N   . LYS A 1 71 ? 2.407   1.414   -10.864 1.00 23.60 ? 94  LYS A N   1 
ATOM   554 C CA  . LYS A 1 71 ? 3.647   1.732   -11.555 1.00 24.51 ? 94  LYS A CA  1 
ATOM   555 C C   . LYS A 1 71 ? 4.371   2.972   -11.011 1.00 25.92 ? 94  LYS A C   1 
ATOM   556 O O   . LYS A 1 71 ? 5.566   3.172   -11.291 1.00 27.89 ? 94  LYS A O   1 
ATOM   557 C CB  . LYS A 1 71 ? 3.354   1.938   -13.035 1.00 26.06 ? 94  LYS A CB  1 
ATOM   558 C CG  . LYS A 1 71 ? 2.723   0.699   -13.661 1.00 27.88 ? 94  LYS A CG  1 
ATOM   559 C CD  . LYS A 1 71 ? 2.510   0.918   -15.135 1.00 32.26 ? 94  LYS A CD  1 
ATOM   560 C CE  . LYS A 1 71 ? 1.858   -0.275  -15.815 1.00 35.01 ? 94  LYS A CE  1 
ATOM   561 N NZ  . LYS A 1 71 ? 1.899   -0.024  -17.300 1.00 37.28 ? 94  LYS A NZ  1 
ATOM   562 N N   . GLU A 1 72 ? 3.677   3.822   -10.260 1.00 24.38 ? 95  GLU A N   1 
ATOM   563 C CA  . GLU A 1 72 ? 4.341   5.026   -9.738  1.00 23.08 ? 95  GLU A CA  1 
ATOM   564 C C   . GLU A 1 72 ? 5.083   4.689   -8.451  1.00 22.08 ? 95  GLU A C   1 
ATOM   565 O O   . GLU A 1 72 ? 4.660   5.055   -7.366  1.00 22.09 ? 95  GLU A O   1 
ATOM   566 C CB  . GLU A 1 72 ? 3.299   6.107   -9.440  1.00 25.04 ? 95  GLU A CB  1 
ATOM   567 C CG  . GLU A 1 72 ? 2.410   6.422   -10.620 1.00 24.73 ? 95  GLU A CG  1 
ATOM   568 C CD  . GLU A 1 72 ? 1.383   7.470   -10.271 1.00 28.83 ? 95  GLU A CD  1 
ATOM   569 O OE1 . GLU A 1 72 ? 0.351   7.154   -9.619  1.00 27.69 ? 95  GLU A OE1 1 
ATOM   570 O OE2 . GLU A 1 72 ? 1.628   8.647   -10.624 1.00 31.99 ? 95  GLU A OE2 1 
ATOM   571 N N   . HIS A 1 73 ? 6.222   4.014   -8.567  1.00 22.49 ? 96  HIS A N   1 
ATOM   572 C CA  . HIS A 1 73 ? 6.955   3.620   -7.363  1.00 23.67 ? 96  HIS A CA  1 
ATOM   573 C C   . HIS A 1 73 ? 7.348   4.727   -6.401  1.00 23.74 ? 96  HIS A C   1 
ATOM   574 O O   . HIS A 1 73 ? 7.225   4.590   -5.172  1.00 22.56 ? 96  HIS A O   1 
ATOM   575 C CB  . HIS A 1 73 ? 8.172   2.805   -7.781  1.00 25.77 ? 96  HIS A CB  1 
ATOM   576 C CG  . HIS A 1 73 ? 7.788   1.537   -8.466  1.00 27.09 ? 96  HIS A CG  1 
ATOM   577 N ND1 . HIS A 1 73 ? 8.690   0.590   -8.892  1.00 31.45 ? 96  HIS A ND1 1 
ATOM   578 C CD2 . HIS A 1 73 ? 6.561   1.069   -8.806  1.00 25.69 ? 96  HIS A CD2 1 
ATOM   579 C CE1 . HIS A 1 73 ? 8.038   -0.409  -9.473  1.00 31.34 ? 96  HIS A CE1 1 
ATOM   580 N NE2 . HIS A 1 73 ? 6.742   -0.136  -9.435  1.00 26.11 ? 96  HIS A NE2 1 
ATOM   581 N N   . ARG A 1 74 ? 7.854   5.816   -6.960  1.00 24.78 ? 97  ARG A N   1 
ATOM   582 C CA  . ARG A 1 74 ? 8.292   6.918   -6.135  1.00 23.81 ? 97  ARG A CA  1 
ATOM   583 C C   . ARG A 1 74 ? 7.112   7.463   -5.346  1.00 24.26 ? 97  ARG A C   1 
ATOM   584 O O   . ARG A 1 74 ? 7.225   7.755   -4.156  1.00 25.18 ? 97  ARG A O   1 
ATOM   585 C CB  . ARG A 1 74 ? 8.912   8.012   -6.998  1.00 24.41 ? 97  ARG A CB  1 
ATOM   586 C CG  . ARG A 1 74 ? 9.396   9.182   -6.146  1.00 23.31 ? 97  ARG A CG  1 
ATOM   587 C CD  . ARG A 1 74 ? 9.780   10.365  -7.016  1.00 27.49 ? 97  ARG A CD  1 
ATOM   588 N NE  . ARG A 1 74 ? 10.831  10.038  -7.941  1.00 29.66 ? 97  ARG A NE  1 
ATOM   589 C CZ  . ARG A 1 74 ? 12.130  10.249  -7.712  1.00 27.56 ? 97  ARG A CZ  1 
ATOM   590 N NH1 . ARG A 1 74 ? 12.534  10.803  -6.580  1.00 28.50 ? 97  ARG A NH1 1 
ATOM   591 N NH2 . ARG A 1 74 ? 13.015  9.871   -8.633  1.00 26.39 ? 97  ARG A NH2 1 
ATOM   592 N N   . LYS A 1 75 ? 5.967   7.602   -6.013  1.00 25.69 ? 98  LYS A N   1 
ATOM   593 C CA  . LYS A 1 75 ? 4.769   8.112   -5.347  1.00 26.04 ? 98  LYS A CA  1 
ATOM   594 C C   . LYS A 1 75 ? 4.372   7.212   -4.164  1.00 25.34 ? 98  LYS A C   1 
ATOM   595 O O   . LYS A 1 75 ? 4.048   7.691   -3.068  1.00 26.49 ? 98  LYS A O   1 
ATOM   596 C CB  . LYS A 1 75 ? 3.622   8.240   -6.373  1.00 28.64 ? 98  LYS A CB  1 
ATOM   597 C CG  . LYS A 1 75 ? 2.438   9.083   -5.870  1.00 33.87 ? 98  LYS A CG  1 
ATOM   598 C CD  . LYS A 1 75 ? 1.238   9.081   -6.864  1.00 35.41 ? 98  LYS A CD  1 
ATOM   599 C CE  . LYS A 1 75 ? 0.320   10.310  -6.621  1.00 39.92 ? 98  LYS A CE  1 
ATOM   600 N NZ  . LYS A 1 75 ? -1.078  10.116  -7.150  1.00 42.14 ? 98  LYS A NZ  1 
ATOM   601 N N   . ILE A 1 76 ? 4.400   5.897   -4.379  1.00 25.30 ? 99  ILE A N   1 
ATOM   602 C CA  . ILE A 1 76 ? 4.086   4.948   -3.328  1.00 24.72 ? 99  ILE A CA  1 
ATOM   603 C C   . ILE A 1 76 ? 5.075   5.000   -2.193  1.00 25.56 ? 99  ILE A C   1 
ATOM   604 O O   . ILE A 1 76 ? 4.702   4.995   -1.027  1.00 26.87 ? 99  ILE A O   1 
ATOM   605 C CB  . ILE A 1 76 ? 3.996   3.533   -3.903  1.00 25.54 ? 99  ILE A CB  1 
ATOM   606 C CG1 . ILE A 1 76 ? 2.798   3.506   -4.839  1.00 24.14 ? 99  ILE A CG1 1 
ATOM   607 C CG2 . ILE A 1 76 ? 4.030   2.490   -2.786  1.00 25.95 ? 99  ILE A CG2 1 
ATOM   608 C CD1 . ILE A 1 76 ? 2.737   2.287   -5.735  1.00 28.48 ? 99  ILE A CD1 1 
ATOM   609 N N   . TYR A 1 77 ? 6.354   5.079   -2.501  1.00 25.77 ? 100 TYR A N   1 
ATOM   610 C CA  . TYR A 1 77 ? 7.339   5.177   -1.420  1.00 26.99 ? 100 TYR A CA  1 
ATOM   611 C C   . TYR A 1 77 ? 7.146   6.459   -0.612  1.00 27.99 ? 100 TYR A C   1 
ATOM   612 O O   . TYR A 1 77 ? 7.243   6.432   0.638   1.00 29.91 ? 100 TYR A O   1 
ATOM   613 C CB  . TYR A 1 77 ? 8.769   5.158   -1.984  1.00 27.35 ? 100 TYR A CB  1 
ATOM   614 C CG  . TYR A 1 77 ? 9.369   3.775   -2.073  1.00 29.81 ? 100 TYR A CG  1 
ATOM   615 C CD1 . TYR A 1 77 ? 8.825   2.803   -2.910  1.00 28.95 ? 100 TYR A CD1 1 
ATOM   616 C CD2 . TYR A 1 77 ? 10.530  3.454   -1.348  1.00 31.95 ? 100 TYR A CD2 1 
ATOM   617 C CE1 . TYR A 1 77 ? 9.416   1.530   -3.032  1.00 30.58 ? 100 TYR A CE1 1 
ATOM   618 C CE2 . TYR A 1 77 ? 11.133  2.201   -1.464  1.00 29.34 ? 100 TYR A CE2 1 
ATOM   619 C CZ  . TYR A 1 77 ? 10.580  1.250   -2.298  1.00 31.41 ? 100 TYR A CZ  1 
ATOM   620 O OH  . TYR A 1 77 ? 11.217  0.032   -2.419  1.00 33.38 ? 100 TYR A OH  1 
ATOM   621 N N   . THR A 1 78 ? 6.855   7.554   -1.315  1.00 28.76 ? 101 THR A N   1 
ATOM   622 C CA  . THR A 1 78 ? 6.655   8.857   -0.672  1.00 33.19 ? 101 THR A CA  1 
ATOM   623 C C   . THR A 1 78 ? 5.480   8.820   0.320   1.00 33.65 ? 101 THR A C   1 
ATOM   624 O O   . THR A 1 78 ? 5.525   9.429   1.417   1.00 32.21 ? 101 THR A O   1 
ATOM   625 C CB  . THR A 1 78 ? 6.458   9.938   -1.712  1.00 33.95 ? 101 THR A CB  1 
ATOM   626 O OG1 . THR A 1 78 ? 7.624   9.979   -2.545  1.00 37.08 ? 101 THR A OG1 1 
ATOM   627 C CG2 . THR A 1 78 ? 6.276   11.305  -1.043  1.00 37.33 ? 101 THR A CG2 1 
ATOM   628 N N   . MET A 1 79 ? 4.457   8.056   -0.038  1.00 34.10 ? 102 MET A N   1 
ATOM   629 C CA  . MET A 1 79 ? 3.299   7.881   0.843   1.00 33.14 ? 102 MET A CA  1 
ATOM   630 C C   . MET A 1 79 ? 3.724   7.143   2.092   1.00 34.14 ? 102 MET A C   1 
ATOM   631 O O   . MET A 1 79 ? 3.416   7.561   3.203   1.00 35.56 ? 102 MET A O   1 
ATOM   632 C CB  . MET A 1 79 ? 2.177   7.103   0.135   1.00 35.60 ? 102 MET A CB  1 
ATOM   633 C CG  . MET A 1 79 ? 0.961   6.801   1.060   1.00 36.33 ? 102 MET A CG  1 
ATOM   634 S SD  . MET A 1 79 ? 1.271   5.515   2.330   1.00 37.25 ? 102 MET A SD  1 
ATOM   635 C CE  . MET A 1 79 ? 0.924   3.993   1.380   1.00 37.71 ? 102 MET A CE  1 
ATOM   636 N N   . ILE A 1 80 ? 4.448   6.042   1.946   1.00 33.00 ? 103 ILE A N   1 
ATOM   637 C CA  . ILE A 1 80 ? 4.871   5.331   3.135   1.00 34.12 ? 103 ILE A CA  1 
ATOM   638 C C   . ILE A 1 80 ? 5.728   6.241   4.028   1.00 36.06 ? 103 ILE A C   1 
ATOM   639 O O   . ILE A 1 80 ? 5.442   6.398   5.229   1.00 37.14 ? 103 ILE A O   1 
ATOM   640 C CB  . ILE A 1 80 ? 5.650   4.062   2.760   1.00 32.25 ? 103 ILE A CB  1 
ATOM   641 C CG1 . ILE A 1 80 ? 4.704   3.069   2.081   1.00 32.82 ? 103 ILE A CG1 1 
ATOM   642 C CG2 . ILE A 1 80 ? 6.345   3.496   3.986   1.00 28.47 ? 103 ILE A CG2 1 
ATOM   643 C CD1 . ILE A 1 80 ? 5.394   2.055   1.213   1.00 32.05 ? 103 ILE A CD1 1 
ATOM   644 N N   . TYR A 1 81 ? 6.736   6.877   3.440   1.00 36.29 ? 104 TYR A N   1 
ATOM   645 C CA  . TYR A 1 81 ? 7.642   7.739   4.191   1.00 38.11 ? 104 TYR A CA  1 
ATOM   646 C C   . TYR A 1 81 ? 6.910   8.839   4.966   1.00 40.04 ? 104 TYR A C   1 
ATOM   647 O O   . TYR A 1 81 ? 7.254   9.139   6.115   1.00 41.38 ? 104 TYR A O   1 
ATOM   648 C CB  . TYR A 1 81 ? 8.705   8.348   3.251   1.00 37.31 ? 104 TYR A CB  1 
ATOM   649 C CG  . TYR A 1 81 ? 9.752   7.368   2.733   1.00 36.37 ? 104 TYR A CG  1 
ATOM   650 C CD1 . TYR A 1 81 ? 10.233  6.335   3.534   1.00 37.98 ? 104 TYR A CD1 1 
ATOM   651 C CD2 . TYR A 1 81 ? 10.280  7.484   1.432   1.00 39.04 ? 104 TYR A CD2 1 
ATOM   652 C CE1 . TYR A 1 81 ? 11.205  5.441   3.075   1.00 36.65 ? 104 TYR A CE1 1 
ATOM   653 C CE2 . TYR A 1 81 ? 11.263  6.586   0.951   1.00 35.43 ? 104 TYR A CE2 1 
ATOM   654 C CZ  . TYR A 1 81 ? 11.717  5.566   1.794   1.00 38.07 ? 104 TYR A CZ  1 
ATOM   655 O OH  . TYR A 1 81 ? 12.710  4.689   1.408   1.00 39.82 ? 104 TYR A OH  1 
ATOM   656 N N   . ARG A 1 82 ? 5.894   9.426   4.366   1.00 39.97 ? 105 ARG A N   1 
ATOM   657 C CA  . ARG A 1 82 ? 5.190   10.480  5.061   1.00 42.37 ? 105 ARG A CA  1 
ATOM   658 C C   . ARG A 1 82 ? 4.308   9.875   6.130   1.00 41.39 ? 105 ARG A C   1 
ATOM   659 O O   . ARG A 1 82 ? 3.824   10.572  7.014   1.00 40.47 ? 105 ARG A O   1 
ATOM   660 C CB  . ARG A 1 82 ? 4.370   11.334  4.090   1.00 45.31 ? 105 ARG A CB  1 
ATOM   661 C CG  . ARG A 1 82 ? 2.966   10.832  3.798   1.00 50.36 ? 105 ARG A CG  1 
ATOM   662 C CD  . ARG A 1 82 ? 2.034   11.983  3.346   1.00 54.76 ? 105 ARG A CD  1 
ATOM   663 N NE  . ARG A 1 82 ? 2.169   12.337  1.929   1.00 57.40 ? 105 ARG A NE  1 
ATOM   664 C CZ  . ARG A 1 82 ? 1.789   11.553  0.916   1.00 58.75 ? 105 ARG A CZ  1 
ATOM   665 N NH1 . ARG A 1 82 ? 1.244   10.362  1.149   1.00 60.10 ? 105 ARG A NH1 1 
ATOM   666 N NH2 . ARG A 1 82 ? 1.960   11.949  -0.338  1.00 58.29 ? 105 ARG A NH2 1 
ATOM   667 N N   . ASN A 1 83 ? 4.126   8.559   6.071   1.00 39.63 ? 106 ASN A N   1 
ATOM   668 C CA  . ASN A 1 83 ? 3.307   7.896   7.056   1.00 38.15 ? 106 ASN A CA  1 
ATOM   669 C C   . ASN A 1 83 ? 4.083   7.053   8.035   1.00 39.01 ? 106 ASN A C   1 
ATOM   670 O O   . ASN A 1 83 ? 3.593   6.042   8.550   1.00 35.19 ? 106 ASN A O   1 
ATOM   671 C CB  . ASN A 1 83 ? 2.243   7.087   6.350   1.00 35.74 ? 106 ASN A CB  1 
ATOM   672 C CG  . ASN A 1 83 ? 1.090   7.942   5.943   1.00 37.16 ? 106 ASN A CG  1 
ATOM   673 O OD1 . ASN A 1 83 ? 0.230   8.284   6.772   1.00 37.19 ? 106 ASN A OD1 1 
ATOM   674 N ND2 . ASN A 1 83 ? 1.066   8.338   4.676   1.00 33.47 ? 106 ASN A ND2 1 
ATOM   675 N N   . LEU A 1 84 ? 5.297   7.518   8.305   1.00 41.11 ? 107 LEU A N   1 
ATOM   676 C CA  . LEU A 1 84 ? 6.231   6.869   9.221   1.00 45.02 ? 107 LEU A CA  1 
ATOM   677 C C   . LEU A 1 84 ? 6.572   7.789   10.382  1.00 47.42 ? 107 LEU A C   1 
ATOM   678 O O   . LEU A 1 84 ? 6.548   9.013   10.231  1.00 48.02 ? 107 LEU A O   1 
ATOM   679 C CB  . LEU A 1 84 ? 7.525   6.534   8.494   1.00 45.51 ? 107 LEU A CB  1 
ATOM   680 C CG  . LEU A 1 84 ? 7.416   5.409   7.471   1.00 46.45 ? 107 LEU A CG  1 
ATOM   681 C CD1 . LEU A 1 84 ? 8.806   5.110   6.893   1.00 46.52 ? 107 LEU A CD1 1 
ATOM   682 C CD2 . LEU A 1 84 ? 6.829   4.174   8.145   1.00 45.76 ? 107 LEU A CD2 1 
ATOM   683 N N   . VAL A 1 85 ? 6.897   7.207   11.533  1.00 49.91 ? 108 VAL A N   1 
ATOM   684 C CA  . VAL A 1 85 ? 7.248   8.020   12.698  1.00 52.35 ? 108 VAL A CA  1 
ATOM   685 C C   . VAL A 1 85 ? 8.763   8.135   12.918  1.00 53.02 ? 108 VAL A C   1 
ATOM   686 O O   . VAL A 1 85 ? 9.552   7.520   12.162  1.00 54.27 ? 108 VAL A O   1 
ATOM   687 C CB  . VAL A 1 85 ? 6.550   7.493   14.002  1.00 52.49 ? 108 VAL A CB  1 
ATOM   688 C CG1 . VAL A 1 85 ? 5.048   7.487   13.829  1.00 52.69 ? 108 VAL A CG1 1 
ATOM   689 C CG2 . VAL A 1 85 ? 7.016   6.109   14.338  1.00 53.74 ? 108 VAL A CG2 1 
ATOM   690 N N   . GLU B 2 1  ? -1.572  -6.786  -17.565 1.00 46.10 ? 1   GLU P N   1 
ATOM   691 C CA  . GLU B 2 1  ? -1.118  -7.624  -16.404 1.00 44.45 ? 1   GLU P CA  1 
ATOM   692 C C   . GLU B 2 1  ? -2.016  -7.494  -15.179 1.00 41.74 ? 1   GLU P C   1 
ATOM   693 O O   . GLU B 2 1  ? -2.727  -6.505  -15.021 1.00 43.62 ? 1   GLU P O   1 
ATOM   694 C CB  . GLU B 2 1  ? 0.316   -7.252  -16.059 1.00 47.26 ? 1   GLU P CB  1 
ATOM   695 C CG  . GLU B 2 1  ? 1.257   -7.462  -17.220 1.00 52.80 ? 1   GLU P CG  1 
ATOM   696 C CD  . GLU B 2 1  ? 1.050   -8.820  -17.845 1.00 55.75 ? 1   GLU P CD  1 
ATOM   697 O OE1 . GLU B 2 1  ? 0.055   -8.973  -18.606 1.00 59.06 ? 1   GLU P OE1 1 
ATOM   698 O OE2 . GLU B 2 1  ? 1.855   -9.747  -17.557 1.00 57.89 ? 1   GLU P OE2 1 
ATOM   699 N N   . THR B 2 2  ? -1.960  -8.485  -14.310 1.00 37.37 ? 2   THR P N   1 
ATOM   700 C CA  . THR B 2 2  ? -2.790  -8.520  -13.104 1.00 34.04 ? 2   THR P CA  1 
ATOM   701 C C   . THR B 2 2  ? -2.279  -7.621  -12.014 1.00 28.74 ? 2   THR P C   1 
ATOM   702 O O   . THR B 2 2  ? -1.155  -7.194  -12.080 1.00 28.38 ? 2   THR P O   1 
ATOM   703 C CB  . THR B 2 2  ? -2.863  -9.928  -12.543 1.00 34.29 ? 2   THR P CB  1 
ATOM   704 O OG1 . THR B 2 2  ? -1.567  -10.321 -12.053 1.00 36.46 ? 2   THR P OG1 1 
ATOM   705 C CG2 . THR B 2 2  ? -3.279  -10.868 -13.640 1.00 36.39 ? 2   THR P CG2 1 
ATOM   706 N N   . PHE B 2 3  ? -3.115  -7.352  -11.008 1.00 29.44 ? 3   PHE P N   1 
ATOM   707 C CA  . PHE B 2 3  ? -2.682  -6.472  -9.920  1.00 27.10 ? 3   PHE P CA  1 
ATOM   708 C C   . PHE B 2 3  ? -1.444  -7.083  -9.245  1.00 26.44 ? 3   PHE P C   1 
ATOM   709 O O   . PHE B 2 3  ? -0.460  -6.388  -8.987  1.00 25.32 ? 3   PHE P O   1 
ATOM   710 C CB  . PHE B 2 3  ? -3.789  -6.293  -8.881  1.00 25.61 ? 3   PHE P CB  1 
ATOM   711 C CG  . PHE B 2 3  ? -3.310  -5.637  -7.663  1.00 25.39 ? 3   PHE P CG  1 
ATOM   712 C CD1 . PHE B 2 3  ? -3.020  -4.271  -7.663  1.00 22.33 ? 3   PHE P CD1 1 
ATOM   713 C CD2 . PHE B 2 3  ? -2.986  -6.402  -6.557  1.00 23.67 ? 3   PHE P CD2 1 
ATOM   714 C CE1 . PHE B 2 3  ? -2.400  -3.676  -6.586  1.00 20.70 ? 3   PHE P CE1 1 
ATOM   715 C CE2 . PHE B 2 3  ? -2.361  -5.819  -5.455  1.00 20.84 ? 3   PHE P CE2 1 
ATOM   716 C CZ  . PHE B 2 3  ? -2.060  -4.432  -5.485  1.00 22.19 ? 3   PHE P CZ  1 
ATOM   717 N N   . GLU B 2 4  ? -1.522  -8.380  -8.934  1.00 28.78 ? 4   GLU P N   1 
ATOM   718 C CA  . GLU B 2 4  ? -0.411  -9.085  -8.305  1.00 28.59 ? 4   GLU P CA  1 
ATOM   719 C C   . GLU B 2 4  ? 0.880   -8.945  -9.119  1.00 29.00 ? 4   GLU P C   1 
ATOM   720 O O   . GLU B 2 4  ? 1.958   -8.794  -8.550  1.00 27.29 ? 4   GLU P O   1 
ATOM   721 C CB  . GLU B 2 4  ? -0.764  -10.571 -8.103  1.00 32.38 ? 4   GLU P CB  1 
ATOM   722 C CG  . GLU B 2 4  ? -1.676  -10.846 -6.882  1.00 35.25 ? 4   GLU P CG  1 
ATOM   723 C CD  . GLU B 2 4  ? -2.507  -12.177 -7.010  1.00 40.97 ? 4   GLU P CD  1 
ATOM   724 O OE1 . GLU B 2 4  ? -3.748  -12.094 -7.072  1.00 42.05 ? 4   GLU P OE1 1 
ATOM   725 O OE2 . GLU B 2 4  ? -1.934  -13.291 -7.063  1.00 42.28 ? 4   GLU P OE2 1 
ATOM   726 N N   . HIS B 2 5  ? 0.793   -9.026  -10.443 1.00 28.51 ? 5   HIS P N   1 
ATOM   727 C CA  . HIS B 2 5  ? 1.982   -8.864  -11.303 1.00 28.55 ? 5   HIS P CA  1 
ATOM   728 C C   . HIS B 2 5  ? 2.608   -7.482  -11.090 1.00 29.12 ? 5   HIS P C   1 
ATOM   729 O O   . HIS B 2 5  ? 3.817   -7.367  -10.815 1.00 27.80 ? 5   HIS P O   1 
ATOM   730 C CB  . HIS B 2 5  ? 1.631   -9.025  -12.795 1.00 31.32 ? 5   HIS P CB  1 
ATOM   731 C CG  . HIS B 2 5  ? 2.694   -8.521  -13.736 1.00 34.10 ? 5   HIS P CG  1 
ATOM   732 N ND1 . HIS B 2 5  ? 3.780   -9.280  -14.117 1.00 37.44 ? 5   HIS P ND1 1 
ATOM   733 C CD2 . HIS B 2 5  ? 2.851   -7.319  -14.347 1.00 36.64 ? 5   HIS P CD2 1 
ATOM   734 C CE1 . HIS B 2 5  ? 4.559   -8.571  -14.917 1.00 37.03 ? 5   HIS P CE1 1 
ATOM   735 N NE2 . HIS B 2 5  ? 4.019   -7.377  -15.073 1.00 36.69 ? 5   HIS P NE2 1 
ATOM   736 N N   . TRP B 2 6  ? 1.808   -6.417  -11.235 1.00 26.33 ? 6   TRP P N   1 
ATOM   737 C CA  . TRP B 2 6  ? 2.365   -5.092  -11.003 1.00 24.72 ? 6   TRP P CA  1 
ATOM   738 C C   . TRP B 2 6  ? 2.917   -4.922  -9.557  1.00 20.13 ? 6   TRP P C   1 
ATOM   739 O O   . TRP B 2 6  ? 3.974   -4.356  -9.342  1.00 22.97 ? 6   TRP P O   1 
ATOM   740 C CB  . TRP B 2 6  ? 1.290   -4.031  -11.235 1.00 25.07 ? 6   TRP P CB  1 
ATOM   741 C CG  . TRP B 2 6  ? 0.792   -4.044  -12.645 1.00 29.90 ? 6   TRP P CG  1 
ATOM   742 C CD1 . TRP B 2 6  ? -0.473  -4.308  -13.065 1.00 30.75 ? 6   TRP P CD1 1 
ATOM   743 C CD2 . TRP B 2 6  ? 1.575   -3.833  -13.810 1.00 32.00 ? 6   TRP P CD2 1 
ATOM   744 N NE1 . TRP B 2 6  ? -0.526  -4.276  -14.432 1.00 31.76 ? 6   TRP P NE1 1 
ATOM   745 C CE2 . TRP B 2 6  ? 0.715   -3.986  -14.915 1.00 32.60 ? 6   TRP P CE2 1 
ATOM   746 C CE3 . TRP B 2 6  ? 2.919   -3.530  -14.029 1.00 33.25 ? 6   TRP P CE3 1 
ATOM   747 C CZ2 . TRP B 2 6  ? 1.157   -3.855  -16.228 1.00 35.36 ? 6   TRP P CZ2 1 
ATOM   748 C CZ3 . TRP B 2 6  ? 3.369   -3.398  -15.347 1.00 36.75 ? 6   TRP P CZ3 1 
ATOM   749 C CH2 . TRP B 2 6  ? 2.480   -3.560  -16.429 1.00 35.79 ? 6   TRP P CH2 1 
ATOM   750 N N   . TRP B 2 7  ? 2.182   -5.428  -8.587  1.00 22.16 ? 7   TRP P N   1 
ATOM   751 C CA  . TRP B 2 7  ? 2.596   -5.218  -7.232  1.00 20.68 ? 7   TRP P CA  1 
ATOM   752 C C   . TRP B 2 7  ? 3.869   -5.965  -6.911  1.00 23.54 ? 7   TRP P C   1 
ATOM   753 O O   . TRP B 2 7  ? 4.763   -5.417  -6.238  1.00 24.07 ? 7   TRP P O   1 
ATOM   754 C CB  . TRP B 2 7  ? 1.465   -5.576  -6.264  1.00 21.09 ? 7   TRP P CB  1 
ATOM   755 C CG  . TRP B 2 7  ? 1.767   -4.942  -4.922  1.00 21.71 ? 7   TRP P CG  1 
ATOM   756 C CD1 . TRP B 2 7  ? 2.450   -5.495  -3.874  1.00 21.85 ? 7   TRP P CD1 1 
ATOM   757 C CD2 . TRP B 2 7  ? 1.508   -3.584  -4.564  1.00 20.09 ? 7   TRP P CD2 1 
ATOM   758 N NE1 . TRP B 2 7  ? 2.637   -4.548  -2.862  1.00 21.25 ? 7   TRP P NE1 1 
ATOM   759 C CE2 . TRP B 2 7  ? 2.082   -3.366  -3.273  1.00 21.21 ? 7   TRP P CE2 1 
ATOM   760 C CE3 . TRP B 2 7  ? 0.841   -2.519  -5.209  1.00 21.00 ? 7   TRP P CE3 1 
ATOM   761 C CZ2 . TRP B 2 7  ? 2.021   -2.120  -2.624  1.00 20.41 ? 7   TRP P CZ2 1 
ATOM   762 C CZ3 . TRP B 2 7  ? 0.773   -1.278  -4.560  1.00 20.65 ? 7   TRP P CZ3 1 
ATOM   763 C CH2 . TRP B 2 7  ? 1.365   -1.095  -3.284  1.00 20.86 ? 7   TRP P CH2 1 
ATOM   764 N N   . SER B 2 8  ? 3.990   -7.189  -7.427  1.00 23.32 ? 8   SER P N   1 
ATOM   765 C CA  . SER B 2 8  ? 5.175   -8.016  -7.142  1.00 26.92 ? 8   SER P CA  1 
ATOM   766 C C   . SER B 2 8  ? 6.452   -7.283  -7.593  1.00 28.62 ? 8   SER P C   1 
ATOM   767 O O   . SER B 2 8  ? 7.547   -7.493  -7.038  1.00 26.98 ? 8   SER P O   1 
ATOM   768 C CB  . SER B 2 8  ? 5.033   -9.389  -7.840  1.00 27.12 ? 8   SER P CB  1 
ATOM   769 O OG  . SER B 2 8  ? 5.151   -9.208  -9.249  1.00 28.99 ? 8   SER P OG  1 
ATOM   770 N N   . GLN B 2 9  ? 6.338   -6.400  -8.584  1.00 31.42 ? 9   GLN P N   1 
ATOM   771 C CA  . GLN B 2 9  ? 7.517   -5.649  -9.001  1.00 32.44 ? 9   GLN P CA  1 
ATOM   772 C C   . GLN B 2 9  ? 8.038   -4.760  -7.892  1.00 32.69 ? 9   GLN P C   1 
ATOM   773 O O   . GLN B 2 9  ? 9.246   -4.501  -7.809  1.00 33.70 ? 9   GLN P O   1 
ATOM   774 C CB  . GLN B 2 9  ? 7.232   -4.813  -10.237 1.00 37.86 ? 9   GLN P CB  1 
ATOM   775 C CG  . GLN B 2 9  ? 6.820   -5.650  -11.417 1.00 42.76 ? 9   GLN P CG  1 
ATOM   776 C CD  . GLN B 2 9  ? 6.816   -4.871  -12.724 1.00 47.85 ? 9   GLN P CD  1 
ATOM   777 O OE1 . GLN B 2 9  ? 6.537   -5.438  -13.788 1.00 51.11 ? 9   GLN P OE1 1 
ATOM   778 N NE2 . GLN B 2 9  ? 7.123   -3.571  -12.658 1.00 50.05 ? 9   GLN P NE2 1 
ATOM   779 N N   . LEU B 2 10 ? 7.148   -4.263  -7.018  1.00 29.58 ? 10  LEU P N   1 
ATOM   780 C CA  . LEU B 2 10 ? 7.613   -3.426  -5.906  1.00 27.44 ? 10  LEU P CA  1 
ATOM   781 C C   . LEU B 2 10 ? 8.387   -4.242  -4.881  1.00 29.10 ? 10  LEU P C   1 
ATOM   782 O O   . LEU B 2 10 ? 9.033   -3.668  -4.007  1.00 28.19 ? 10  LEU P O   1 
ATOM   783 C CB  . LEU B 2 10 ? 6.420   -2.790  -5.186  1.00 27.95 ? 10  LEU P CB  1 
ATOM   784 C CG  . LEU B 2 10 ? 5.829   -1.551  -5.866  1.00 27.56 ? 10  LEU P CG  1 
ATOM   785 C CD1 . LEU B 2 10 ? 4.395   -1.287  -5.377  1.00 27.22 ? 10  LEU P CD1 1 
ATOM   786 C CD2 . LEU B 2 10 ? 6.707   -0.350  -5.513  1.00 26.30 ? 10  LEU P CD2 1 
ATOM   787 N N   . LEU B 2 11 ? 8.318   -5.575  -4.971  1.00 25.43 ? 11  LEU P N   1 
ATOM   788 C CA  . LEU B 2 11 ? 8.998   -6.433  -3.995  1.00 28.69 ? 11  LEU P CA  1 
ATOM   789 C C   . LEU B 2 11 ? 10.280  -7.030  -4.582  1.00 30.37 ? 11  LEU P C   1 
ATOM   790 O O   . LEU B 2 11 ? 10.971  -7.849  -3.956  1.00 34.49 ? 11  LEU P O   1 
ATOM   791 C CB  . LEU B 2 11 ? 8.040   -7.557  -3.517  1.00 28.66 ? 11  LEU P CB  1 
ATOM   792 C CG  . LEU B 2 11 ? 6.663   -7.133  -3.015  1.00 27.98 ? 11  LEU P CG  1 
ATOM   793 C CD1 . LEU B 2 11 ? 5.810   -8.357  -2.640  1.00 27.83 ? 11  LEU P CD1 1 
ATOM   794 C CD2 . LEU B 2 11 ? 6.813   -6.266  -1.800  1.00 30.63 ? 11  LEU P CD2 1 
ATOM   795 N N   . SER B 2 12 ? 10.549  -6.620  -5.817  1.00 30.10 ? 12  SER P N   1 
ATOM   796 C CA  . SER B 2 12 ? 11.691  -7.018  -6.607  1.00 33.17 ? 12  SER P CA  1 
ATOM   797 C C   . SER B 2 12 ? 12.883  -6.105  -6.299  1.00 35.08 ? 12  SER P C   1 
ATOM   798 O O   . SER B 2 12 ? 12.760  -5.140  -5.499  1.00 36.96 ? 12  SER P O   1 
ATOM   799 C CB  . SER B 2 12 ? 11.347  -6.876  -8.095  1.00 32.93 ? 12  SER P CB  1 
ATOM   800 O OG  . SER B 2 12 ? 12.484  -7.087  -8.878  1.00 40.41 ? 12  SER P OG  1 
ATOM   801 O OXT . SER B 2 12 ? 13.938  -6.365  -6.905  1.00 37.09 ? 12  SER P OXT 1 
HETATM 802 C C1  . EDO C 3 .  ? 1.220   -9.434  -5.175  1.00 24.92 ? 201 EDO P C1  1 
HETATM 803 O O1  . EDO C 3 .  ? 0.332   -8.933  -4.185  1.00 31.82 ? 201 EDO P O1  1 
HETATM 804 C C2  . EDO C 3 .  ? 2.699   -9.181  -4.744  1.00 25.93 ? 201 EDO P C2  1 
HETATM 805 O O2  . EDO C 3 .  ? 2.833   -9.477  -3.345  1.00 34.96 ? 201 EDO P O2  1 
HETATM 806 O O   . HOH D 4 .  ? -0.382  6.892   9.165   1.00 33.38 ? 1   HOH A O   1 
HETATM 807 O O   . HOH D 4 .  ? 2.437   9.846   -2.402  1.00 32.77 ? 3   HOH A O   1 
HETATM 808 O O   . HOH D 4 .  ? 4.986   -1.917  -10.725 1.00 24.38 ? 4   HOH A O   1 
HETATM 809 O O   . HOH D 4 .  ? 8.580   6.004   -10.061 1.00 27.49 ? 5   HOH A O   1 
HETATM 810 O O   . HOH D 4 .  ? 6.044   7.858   -9.340  1.00 30.06 ? 6   HOH A O   1 
HETATM 811 O O   . HOH D 4 .  ? 13.478  -3.556  3.199   1.00 38.34 ? 7   HOH A O   1 
HETATM 812 O O   . HOH D 4 .  ? -1.545  8.431   11.436  1.00 30.95 ? 8   HOH A O   1 
HETATM 813 O O   . HOH D 4 .  ? 4.976   1.848   14.542  1.00 35.16 ? 11  HOH A O   1 
HETATM 814 O O   . HOH D 4 .  ? 12.470  9.346   -11.415 1.00 42.46 ? 12  HOH A O   1 
HETATM 815 O O   . HOH D 4 .  ? -12.647 -0.666  -15.538 1.00 32.95 ? 13  HOH A O   1 
HETATM 816 O O   . HOH D 4 .  ? -12.983 0.347   0.097   1.00 45.10 ? 15  HOH A O   1 
HETATM 817 O O   . HOH D 4 .  ? -11.250 1.769   4.853   1.00 39.60 ? 16  HOH A O   1 
HETATM 818 O O   . HOH D 4 .  ? 11.252  5.903   13.554  1.00 54.71 ? 17  HOH A O   1 
HETATM 819 O O   . HOH D 4 .  ? -16.128 -9.064  -3.809  1.00 57.33 ? 18  HOH A O   1 
HETATM 820 O O   . HOH D 4 .  ? 7.041   1.533   -12.712 1.00 38.82 ? 19  HOH A O   1 
HETATM 821 O O   . HOH D 4 .  ? -17.603 -8.936  -1.799  1.00 41.95 ? 20  HOH A O   1 
HETATM 822 O O   . HOH D 4 .  ? -7.838  -7.378  -16.618 1.00 46.37 ? 22  HOH A O   1 
HETATM 823 O O   . HOH D 4 .  ? 1.136   4.169   -14.833 1.00 34.56 ? 23  HOH A O   1 
HETATM 824 O O   . HOH D 4 .  ? -3.132  2.323   14.558  1.00 35.28 ? 110 HOH A O   1 
HETATM 825 O O   . HOH D 4 .  ? 7.379   10.822  8.367   1.00 51.88 ? 111 HOH A O   1 
HETATM 826 O O   . HOH D 4 .  ? 2.914   13.433  7.040   1.00 49.65 ? 112 HOH A O   1 
HETATM 827 O O   . HOH D 4 .  ? -2.931  -0.504  14.805  1.00 41.20 ? 113 HOH A O   1 
HETATM 828 O O   . HOH D 4 .  ? 10.793  8.524   9.111   1.00 48.45 ? 114 HOH A O   1 
HETATM 829 O O   . HOH D 4 .  ? 10.629  4.961   11.019  1.00 36.67 ? 115 HOH A O   1 
HETATM 830 O O   . HOH D 4 .  ? -11.102 6.920   -6.498  1.00 30.12 ? 116 HOH A O   1 
HETATM 831 O O   . HOH D 4 .  ? 6.741   -0.885  19.769  1.00 57.85 ? 117 HOH A O   1 
HETATM 832 O O   . HOH D 4 .  ? 9.826   8.572   -10.377 1.00 43.62 ? 118 HOH A O   1 
HETATM 833 O O   . HOH D 4 .  ? 11.150  11.255  -4.009  1.00 31.48 ? 119 HOH A O   1 
HETATM 834 O O   . HOH D 4 .  ? 2.298   4.399   15.194  1.00 46.02 ? 120 HOH A O   1 
HETATM 835 O O   . HOH D 4 .  ? -11.016 -10.376 -1.742  1.00 61.68 ? 121 HOH A O   1 
HETATM 836 O O   . HOH D 4 .  ? -8.397  -4.850  5.791   1.00 36.60 ? 122 HOH A O   1 
HETATM 837 O O   . HOH D 4 .  ? -8.085  11.214  -0.837  1.00 58.23 ? 123 HOH A O   1 
HETATM 838 O O   . HOH D 4 .  ? -6.201  -9.276  -14.638 1.00 55.93 ? 124 HOH A O   1 
HETATM 839 O O   . HOH D 4 .  ? 1.859   11.273  -13.265 1.00 55.01 ? 125 HOH A O   1 
HETATM 840 O O   . HOH D 4 .  ? -5.058  -1.891  14.788  1.00 44.77 ? 126 HOH A O   1 
HETATM 841 O O   . HOH D 4 .  ? -12.054 3.158   -2.752  1.00 44.88 ? 127 HOH A O   1 
HETATM 842 O O   . HOH D 4 .  ? -0.511  -1.655  -18.496 1.00 44.67 ? 128 HOH A O   1 
HETATM 843 O O   . HOH D 4 .  ? 3.522   -7.240  19.035  1.00 56.41 ? 129 HOH A O   1 
HETATM 844 O O   . HOH D 4 .  ? -5.864  -10.112 -10.792 1.00 45.12 ? 130 HOH A O   1 
HETATM 845 O O   . HOH D 4 .  ? 10.555  -1.334  -4.316  1.00 43.26 ? 131 HOH A O   1 
HETATM 846 O O   . HOH D 4 .  ? -7.567  -10.853 -13.182 1.00 42.46 ? 132 HOH A O   1 
HETATM 847 O O   . HOH D 4 .  ? -1.949  -11.217 4.988   1.00 52.37 ? 133 HOH A O   1 
HETATM 848 O O   . HOH D 4 .  ? -6.237  -2.659  12.036  1.00 36.61 ? 134 HOH A O   1 
HETATM 849 O O   . HOH D 4 .  ? -8.600  -9.696  -5.180  1.00 39.30 ? 135 HOH A O   1 
HETATM 850 O O   . HOH E 4 .  ? 11.260  -3.937  -2.414  1.00 41.49 ? 13  HOH P O   1 
HETATM 851 O O   . HOH E 4 .  ? -2.176  -3.074  -16.690 1.00 36.02 ? 14  HOH P O   1 
HETATM 852 O O   . HOH E 4 .  ? -3.690  -10.186 -9.070  1.00 34.43 ? 15  HOH P O   1 
HETATM 853 O O   . HOH E 4 .  ? -1.278  -11.079 -19.689 1.00 47.79 ? 16  HOH P O   1 
HETATM 854 O O   . HOH E 4 .  ? 6.435   -0.814  -13.907 1.00 54.70 ? 21  HOH P O   1 
HETATM 855 O O   . HOH E 4 .  ? -2.614  -15.690 -6.387  1.00 43.68 ? 30  HOH P O   1 
HETATM 856 O O   . HOH E 4 .  ? 12.312  -7.266  -11.549 1.00 50.45 ? 31  HOH P O   1 
HETATM 857 O O   . HOH E 4 .  ? -4.685  -5.227  -16.021 1.00 38.61 ? 38  HOH P O   1 
HETATM 858 O O   . HOH E 4 .  ? -2.272  -16.067 -8.537  1.00 52.34 ? 39  HOH P O   1 
HETATM 859 O O   . HOH E 4 .  ? 1.761   -8.126  -1.752  1.00 27.58 ? 46  HOH P O   1 
HETATM 860 O O   . HOH E 4 .  ? 14.370  -2.762  -2.677  1.00 52.08 ? 50  HOH P O   1 
# 
loop_
_pdbx_poly_seq_scheme.asym_id 
_pdbx_poly_seq_scheme.entity_id 
_pdbx_poly_seq_scheme.seq_id 
_pdbx_poly_seq_scheme.mon_id 
_pdbx_poly_seq_scheme.ndb_seq_num 
_pdbx_poly_seq_scheme.pdb_seq_num 
_pdbx_poly_seq_scheme.auth_seq_num 
_pdbx_poly_seq_scheme.pdb_mon_id 
_pdbx_poly_seq_scheme.auth_mon_id 
_pdbx_poly_seq_scheme.pdb_strand_id 
_pdbx_poly_seq_scheme.pdb_ins_code 
_pdbx_poly_seq_scheme.hetero 
A 1 1  GLN 1  24  ?   ?   ?   A . n 
A 1 2  GLU 2  25  ?   ?   ?   A . n 
A 1 3  THR 3  26  26  THR THR A . n 
A 1 4  LEU 4  27  27  LEU LEU A . n 
A 1 5  VAL 5  28  28  VAL VAL A . n 
A 1 6  ARG 6  29  29  ARG ARG A . n 
A 1 7  PRO 7  30  30  PRO PRO A . n 
A 1 8  LYS 8  31  31  LYS LYS A . n 
A 1 9  PRO 9  32  32  PRO PRO A . n 
A 1 10 LEU 10 33  33  LEU LEU A . n 
A 1 11 LEU 11 34  34  LEU LEU A . n 
A 1 12 LEU 12 35  35  LEU LEU A . n 
A 1 13 LYS 13 36  36  LYS LYS A . n 
A 1 14 LEU 14 37  37  LEU LEU A . n 
A 1 15 LEU 15 38  38  LEU LEU A . n 
A 1 16 LYS 16 39  39  LYS LYS A . n 
A 1 17 SER 17 40  40  SER SER A . n 
A 1 18 VAL 18 41  41  VAL VAL A . n 
A 1 19 GLY 19 42  42  GLY GLY A . n 
A 1 20 ALA 20 43  43  ALA ALA A . n 
A 1 21 GLN 21 44  44  GLN GLN A . n 
A 1 22 LYS 22 45  45  LYS LYS A . n 
A 1 23 ASP 23 46  46  ASP ASP A . n 
A 1 24 THR 24 47  47  THR THR A . n 
A 1 25 TYR 25 48  48  TYR TYR A . n 
A 1 26 THR 26 49  49  THR THR A . n 
A 1 27 MET 27 50  50  MET MET A . n 
A 1 28 LYS 28 51  51  LYS LYS A . n 
A 1 29 GLU 29 52  52  GLU GLU A . n 
A 1 30 VAL 30 53  53  VAL VAL A . n 
A 1 31 LEU 31 54  54  LEU LEU A . n 
A 1 32 PHE 32 55  55  PHE PHE A . n 
A 1 33 TYR 33 56  56  TYR TYR A . n 
A 1 34 LEU 34 57  57  LEU LEU A . n 
A 1 35 GLY 35 58  58  GLY GLY A . n 
A 1 36 GLN 36 59  59  GLN GLN A . n 
A 1 37 TYR 37 60  60  TYR TYR A . n 
A 1 38 ILE 38 61  61  ILE ILE A . n 
A 1 39 MET 39 62  62  MET MET A . n 
A 1 40 THR 40 63  63  THR THR A . n 
A 1 41 LYS 41 64  64  LYS LYS A . n 
A 1 42 ARG 42 65  65  ARG ARG A . n 
A 1 43 LEU 43 66  66  LEU LEU A . n 
A 1 44 TYR 44 67  67  TYR TYR A . n 
A 1 45 ASP 45 68  68  ASP ASP A . n 
A 1 46 GLU 46 69  69  GLU GLU A . n 
A 1 47 LYS 47 70  70  LYS LYS A . n 
A 1 48 GLN 48 71  71  GLN GLN A . n 
A 1 49 GLN 49 72  72  GLN GLN A . n 
A 1 50 HIS 50 73  73  HIS HIS A . n 
A 1 51 ILE 51 74  74  ILE ILE A . n 
A 1 52 VAL 52 75  75  VAL VAL A . n 
A 1 53 TYR 53 76  76  TYR TYR A . n 
A 1 54 CYS 54 77  77  CYS CYS A . n 
A 1 55 SER 55 78  78  SER SER A . n 
A 1 56 ASN 56 79  79  ASN ASN A . n 
A 1 57 ASP 57 80  80  ASP ASP A . n 
A 1 58 LEU 58 81  81  LEU LEU A . n 
A 1 59 LEU 59 82  82  LEU LEU A . n 
A 1 60 GLY 60 83  83  GLY GLY A . n 
A 1 61 ASP 61 84  84  ASP ASP A . n 
A 1 62 LEU 62 85  85  LEU LEU A . n 
A 1 63 PHE 63 86  86  PHE PHE A . n 
A 1 64 GLY 64 87  87  GLY GLY A . n 
A 1 65 VAL 65 88  88  VAL VAL A . n 
A 1 66 PRO 66 89  89  PRO PRO A . n 
A 1 67 SER 67 90  90  SER SER A . n 
A 1 68 PHE 68 91  91  PHE PHE A . n 
A 1 69 SER 69 92  92  SER SER A . n 
A 1 70 VAL 70 93  93  VAL VAL A . n 
A 1 71 LYS 71 94  94  LYS LYS A . n 
A 1 72 GLU 72 95  95  GLU GLU A . n 
A 1 73 HIS 73 96  96  HIS HIS A . n 
A 1 74 ARG 74 97  97  ARG ARG A . n 
A 1 75 LYS 75 98  98  LYS LYS A . n 
A 1 76 ILE 76 99  99  ILE ILE A . n 
A 1 77 TYR 77 100 100 TYR TYR A . n 
A 1 78 THR 78 101 101 THR THR A . n 
A 1 79 MET 79 102 102 MET MET A . n 
A 1 80 ILE 80 103 103 ILE ILE A . n 
A 1 81 TYR 81 104 104 TYR TYR A . n 
A 1 82 ARG 82 105 105 ARG ARG A . n 
A 1 83 ASN 83 106 106 ASN ASN A . n 
A 1 84 LEU 84 107 107 LEU LEU A . n 
A 1 85 VAL 85 108 108 VAL VAL A . n 
A 1 86 VAL 86 109 ?   ?   ?   A . n 
B 2 1  GLU 1  1   1   GLU GLU P . n 
B 2 2  THR 2  2   2   THR THR P . n 
B 2 3  PHE 3  3   3   PHE PHE P . n 
B 2 4  GLU 4  4   4   GLU GLU P . n 
B 2 5  HIS 5  5   5   HIS HIS P . n 
B 2 6  TRP 6  6   6   TRP TRP P . n 
B 2 7  TRP 7  7   7   TRP TRP P . n 
B 2 8  SER 8  8   8   SER SER P . n 
B 2 9  GLN 9  9   9   GLN GLN P . n 
B 2 10 LEU 10 10  10  LEU LEU P . n 
B 2 11 LEU 11 11  11  LEU LEU P . n 
B 2 12 SER 12 12  12  SER SER P . n 
# 
loop_
_pdbx_nonpoly_scheme.asym_id 
_pdbx_nonpoly_scheme.entity_id 
_pdbx_nonpoly_scheme.mon_id 
_pdbx_nonpoly_scheme.ndb_seq_num 
_pdbx_nonpoly_scheme.pdb_seq_num 
_pdbx_nonpoly_scheme.auth_seq_num 
_pdbx_nonpoly_scheme.pdb_mon_id 
_pdbx_nonpoly_scheme.auth_mon_id 
_pdbx_nonpoly_scheme.pdb_strand_id 
_pdbx_nonpoly_scheme.pdb_ins_code 
C 3 EDO 1  201 201 EDO EDO P . 
D 4 HOH 1  1   1   HOH HOH A . 
D 4 HOH 2  3   3   HOH HOH A . 
D 4 HOH 3  4   4   HOH HOH A . 
D 4 HOH 4  5   5   HOH HOH A . 
D 4 HOH 5  6   6   HOH HOH A . 
D 4 HOH 6  7   7   HOH HOH A . 
D 4 HOH 7  8   8   HOH HOH A . 
D 4 HOH 8  11  11  HOH HOH A . 
D 4 HOH 9  12  12  HOH HOH A . 
D 4 HOH 10 13  13  HOH HOH A . 
D 4 HOH 11 15  15  HOH HOH A . 
D 4 HOH 12 16  16  HOH HOH A . 
D 4 HOH 13 17  17  HOH HOH A . 
D 4 HOH 14 18  18  HOH HOH A . 
D 4 HOH 15 19  19  HOH HOH A . 
D 4 HOH 16 20  20  HOH HOH A . 
D 4 HOH 17 22  22  HOH HOH A . 
D 4 HOH 18 23  23  HOH HOH A . 
D 4 HOH 19 110 24  HOH HOH A . 
D 4 HOH 20 111 25  HOH HOH A . 
D 4 HOH 21 112 26  HOH HOH A . 
D 4 HOH 22 113 27  HOH HOH A . 
D 4 HOH 23 114 28  HOH HOH A . 
D 4 HOH 24 115 29  HOH HOH A . 
D 4 HOH 25 116 32  HOH HOH A . 
D 4 HOH 26 117 33  HOH HOH A . 
D 4 HOH 27 118 34  HOH HOH A . 
D 4 HOH 28 119 35  HOH HOH A . 
D 4 HOH 29 120 36  HOH HOH A . 
D 4 HOH 30 121 37  HOH HOH A . 
D 4 HOH 31 122 40  HOH HOH A . 
D 4 HOH 32 123 41  HOH HOH A . 
D 4 HOH 33 124 42  HOH HOH A . 
D 4 HOH 34 125 43  HOH HOH A . 
D 4 HOH 35 126 44  HOH HOH A . 
D 4 HOH 36 127 45  HOH HOH A . 
D 4 HOH 37 128 47  HOH HOH A . 
D 4 HOH 38 129 48  HOH HOH A . 
D 4 HOH 39 130 49  HOH HOH A . 
D 4 HOH 40 131 51  HOH HOH A . 
D 4 HOH 41 132 52  HOH HOH A . 
D 4 HOH 42 133 53  HOH HOH A . 
D 4 HOH 43 134 54  HOH HOH A . 
D 4 HOH 44 135 55  HOH HOH A . 
E 4 HOH 1  13  2   HOH HOH P . 
E 4 HOH 2  14  14  HOH HOH P . 
E 4 HOH 3  15  10  HOH HOH P . 
E 4 HOH 4  16  9   HOH HOH P . 
E 4 HOH 5  21  21  HOH HOH P . 
E 4 HOH 6  30  30  HOH HOH P . 
E 4 HOH 7  31  31  HOH HOH P . 
E 4 HOH 8  38  38  HOH HOH P . 
E 4 HOH 9  39  39  HOH HOH P . 
E 4 HOH 10 46  46  HOH HOH P . 
E 4 HOH 11 50  50  HOH HOH P . 
# 
_pdbx_struct_assembly.id                   1 
_pdbx_struct_assembly.details              author_and_software_defined_assembly 
_pdbx_struct_assembly.method_details       PISA 
_pdbx_struct_assembly.oligomeric_details   dimeric 
_pdbx_struct_assembly.oligomeric_count     2 
# 
_pdbx_struct_assembly_gen.assembly_id       1 
_pdbx_struct_assembly_gen.oper_expression   1 
_pdbx_struct_assembly_gen.asym_id_list      A,B,C,D,E 
# 
loop_
_pdbx_struct_assembly_prop.biol_id 
_pdbx_struct_assembly_prop.type 
_pdbx_struct_assembly_prop.value 
_pdbx_struct_assembly_prop.details 
1 'ABSA (A^2)' 1360 ? 
1 MORE         -11  ? 
1 'SSA (A^2)'  5460 ? 
# 
_pdbx_struct_oper_list.id                   1 
_pdbx_struct_oper_list.type                 'identity operation' 
_pdbx_struct_oper_list.name                 1_555 
_pdbx_struct_oper_list.symmetry_operation   x,y,z 
_pdbx_struct_oper_list.matrix[1][1]         1.0000000000 
_pdbx_struct_oper_list.matrix[1][2]         0.0000000000 
_pdbx_struct_oper_list.matrix[1][3]         0.0000000000 
_pdbx_struct_oper_list.vector[1]            0.0000000000 
_pdbx_struct_oper_list.matrix[2][1]         0.0000000000 
_pdbx_struct_oper_list.matrix[2][2]         1.0000000000 
_pdbx_struct_oper_list.matrix[2][3]         0.0000000000 
_pdbx_struct_oper_list.vector[2]            0.0000000000 
_pdbx_struct_oper_list.matrix[3][1]         0.0000000000 
_pdbx_struct_oper_list.matrix[3][2]         0.0000000000 
_pdbx_struct_oper_list.matrix[3][3]         1.0000000000 
_pdbx_struct_oper_list.vector[3]            0.0000000000 
# 
loop_
_pdbx_audit_revision_history.ordinal 
_pdbx_audit_revision_history.data_content_type 
_pdbx_audit_revision_history.major_revision 
_pdbx_audit_revision_history.minor_revision 
_pdbx_audit_revision_history.revision_date 
1 'Structure model' 1 0 2009-11-10 
2 'Structure model' 1 1 2011-07-13 
3 'Structure model' 1 2 2023-09-06 
# 
_pdbx_audit_revision_details.ordinal             1 
_pdbx_audit_revision_details.revision_ordinal    1 
_pdbx_audit_revision_details.data_content_type   'Structure model' 
_pdbx_audit_revision_details.provider            repository 
_pdbx_audit_revision_details.type                'Initial release' 
_pdbx_audit_revision_details.description         ? 
_pdbx_audit_revision_details.details             ? 
# 
loop_
_pdbx_audit_revision_group.ordinal 
_pdbx_audit_revision_group.revision_ordinal 
_pdbx_audit_revision_group.data_content_type 
_pdbx_audit_revision_group.group 
1 2 'Structure model' 'Version format compliance' 
2 3 'Structure model' 'Data collection'           
3 3 'Structure model' 'Database references'       
4 3 'Structure model' 'Derived calculations'      
5 3 'Structure model' 'Refinement description'    
# 
loop_
_pdbx_audit_revision_category.ordinal 
_pdbx_audit_revision_category.revision_ordinal 
_pdbx_audit_revision_category.data_content_type 
_pdbx_audit_revision_category.category 
1 3 'Structure model' chem_comp_atom                
2 3 'Structure model' chem_comp_bond                
3 3 'Structure model' database_2                    
4 3 'Structure model' pdbx_initial_refinement_model 
5 3 'Structure model' struct_site                   
# 
loop_
_pdbx_audit_revision_item.ordinal 
_pdbx_audit_revision_item.revision_ordinal 
_pdbx_audit_revision_item.data_content_type 
_pdbx_audit_revision_item.item 
1 3 'Structure model' '_database_2.pdbx_DOI'                
2 3 'Structure model' '_database_2.pdbx_database_accession' 
3 3 'Structure model' '_struct_site.pdbx_auth_asym_id'      
4 3 'Structure model' '_struct_site.pdbx_auth_comp_id'      
5 3 'Structure model' '_struct_site.pdbx_auth_seq_id'       
# 
loop_
_software.name 
_software.classification 
_software.version 
_software.citation_id 
_software.pdbx_ordinal 
StructureStudio 'data collection' . ? 1 
CNS             refinement        . ? 2 
HKL-2000        'data reduction'  . ? 3 
HKL-2000        'data scaling'    . ? 4 
CNS             phasing           . ? 5 
# 
loop_
_pdbx_validate_torsion.id 
_pdbx_validate_torsion.PDB_model_num 
_pdbx_validate_torsion.auth_comp_id 
_pdbx_validate_torsion.auth_asym_id 
_pdbx_validate_torsion.auth_seq_id 
_pdbx_validate_torsion.PDB_ins_code 
_pdbx_validate_torsion.label_alt_id 
_pdbx_validate_torsion.phi 
_pdbx_validate_torsion.psi 
1 1 GLN A 72 ? ? -69.99  4.80  
2 1 ASN A 79 ? ? -104.00 45.40 
# 
loop_
_pdbx_unobs_or_zero_occ_residues.id 
_pdbx_unobs_or_zero_occ_residues.PDB_model_num 
_pdbx_unobs_or_zero_occ_residues.polymer_flag 
_pdbx_unobs_or_zero_occ_residues.occupancy_flag 
_pdbx_unobs_or_zero_occ_residues.auth_asym_id 
_pdbx_unobs_or_zero_occ_residues.auth_comp_id 
_pdbx_unobs_or_zero_occ_residues.auth_seq_id 
_pdbx_unobs_or_zero_occ_residues.PDB_ins_code 
_pdbx_unobs_or_zero_occ_residues.label_asym_id 
_pdbx_unobs_or_zero_occ_residues.label_comp_id 
_pdbx_unobs_or_zero_occ_residues.label_seq_id 
1 1 Y 1 A GLN 24  ? A GLN 1  
2 1 Y 1 A GLU 25  ? A GLU 2  
3 1 Y 1 A VAL 109 ? A VAL 86 
# 
loop_
_chem_comp_atom.comp_id 
_chem_comp_atom.atom_id 
_chem_comp_atom.type_symbol 
_chem_comp_atom.pdbx_aromatic_flag 
_chem_comp_atom.pdbx_stereo_config 
_chem_comp_atom.pdbx_ordinal 
ALA N    N N N 1   
ALA CA   C N S 2   
ALA C    C N N 3   
ALA O    O N N 4   
ALA CB   C N N 5   
ALA OXT  O N N 6   
ALA H    H N N 7   
ALA H2   H N N 8   
ALA HA   H N N 9   
ALA HB1  H N N 10  
ALA HB2  H N N 11  
ALA HB3  H N N 12  
ALA HXT  H N N 13  
ARG N    N N N 14  
ARG CA   C N S 15  
ARG C    C N N 16  
ARG O    O N N 17  
ARG CB   C N N 18  
ARG CG   C N N 19  
ARG CD   C N N 20  
ARG NE   N N N 21  
ARG CZ   C N N 22  
ARG NH1  N N N 23  
ARG NH2  N N N 24  
ARG OXT  O N N 25  
ARG H    H N N 26  
ARG H2   H N N 27  
ARG HA   H N N 28  
ARG HB2  H N N 29  
ARG HB3  H N N 30  
ARG HG2  H N N 31  
ARG HG3  H N N 32  
ARG HD2  H N N 33  
ARG HD3  H N N 34  
ARG HE   H N N 35  
ARG HH11 H N N 36  
ARG HH12 H N N 37  
ARG HH21 H N N 38  
ARG HH22 H N N 39  
ARG HXT  H N N 40  
ASN N    N N N 41  
ASN CA   C N S 42  
ASN C    C N N 43  
ASN O    O N N 44  
ASN CB   C N N 45  
ASN CG   C N N 46  
ASN OD1  O N N 47  
ASN ND2  N N N 48  
ASN OXT  O N N 49  
ASN H    H N N 50  
ASN H2   H N N 51  
ASN HA   H N N 52  
ASN HB2  H N N 53  
ASN HB3  H N N 54  
ASN HD21 H N N 55  
ASN HD22 H N N 56  
ASN HXT  H N N 57  
ASP N    N N N 58  
ASP CA   C N S 59  
ASP C    C N N 60  
ASP O    O N N 61  
ASP CB   C N N 62  
ASP CG   C N N 63  
ASP OD1  O N N 64  
ASP OD2  O N N 65  
ASP OXT  O N N 66  
ASP H    H N N 67  
ASP H2   H N N 68  
ASP HA   H N N 69  
ASP HB2  H N N 70  
ASP HB3  H N N 71  
ASP HD2  H N N 72  
ASP HXT  H N N 73  
CYS N    N N N 74  
CYS CA   C N R 75  
CYS C    C N N 76  
CYS O    O N N 77  
CYS CB   C N N 78  
CYS SG   S N N 79  
CYS OXT  O N N 80  
CYS H    H N N 81  
CYS H2   H N N 82  
CYS HA   H N N 83  
CYS HB2  H N N 84  
CYS HB3  H N N 85  
CYS HG   H N N 86  
CYS HXT  H N N 87  
EDO C1   C N N 88  
EDO O1   O N N 89  
EDO C2   C N N 90  
EDO O2   O N N 91  
EDO H11  H N N 92  
EDO H12  H N N 93  
EDO HO1  H N N 94  
EDO H21  H N N 95  
EDO H22  H N N 96  
EDO HO2  H N N 97  
GLN N    N N N 98  
GLN CA   C N S 99  
GLN C    C N N 100 
GLN O    O N N 101 
GLN CB   C N N 102 
GLN CG   C N N 103 
GLN CD   C N N 104 
GLN OE1  O N N 105 
GLN NE2  N N N 106 
GLN OXT  O N N 107 
GLN H    H N N 108 
GLN H2   H N N 109 
GLN HA   H N N 110 
GLN HB2  H N N 111 
GLN HB3  H N N 112 
GLN HG2  H N N 113 
GLN HG3  H N N 114 
GLN HE21 H N N 115 
GLN HE22 H N N 116 
GLN HXT  H N N 117 
GLU N    N N N 118 
GLU CA   C N S 119 
GLU C    C N N 120 
GLU O    O N N 121 
GLU CB   C N N 122 
GLU CG   C N N 123 
GLU CD   C N N 124 
GLU OE1  O N N 125 
GLU OE2  O N N 126 
GLU OXT  O N N 127 
GLU H    H N N 128 
GLU H2   H N N 129 
GLU HA   H N N 130 
GLU HB2  H N N 131 
GLU HB3  H N N 132 
GLU HG2  H N N 133 
GLU HG3  H N N 134 
GLU HE2  H N N 135 
GLU HXT  H N N 136 
GLY N    N N N 137 
GLY CA   C N N 138 
GLY C    C N N 139 
GLY O    O N N 140 
GLY OXT  O N N 141 
GLY H    H N N 142 
GLY H2   H N N 143 
GLY HA2  H N N 144 
GLY HA3  H N N 145 
GLY HXT  H N N 146 
HIS N    N N N 147 
HIS CA   C N S 148 
HIS C    C N N 149 
HIS O    O N N 150 
HIS CB   C N N 151 
HIS CG   C Y N 152 
HIS ND1  N Y N 153 
HIS CD2  C Y N 154 
HIS CE1  C Y N 155 
HIS NE2  N Y N 156 
HIS OXT  O N N 157 
HIS H    H N N 158 
HIS H2   H N N 159 
HIS HA   H N N 160 
HIS HB2  H N N 161 
HIS HB3  H N N 162 
HIS HD1  H N N 163 
HIS HD2  H N N 164 
HIS HE1  H N N 165 
HIS HE2  H N N 166 
HIS HXT  H N N 167 
HOH O    O N N 168 
HOH H1   H N N 169 
HOH H2   H N N 170 
ILE N    N N N 171 
ILE CA   C N S 172 
ILE C    C N N 173 
ILE O    O N N 174 
ILE CB   C N S 175 
ILE CG1  C N N 176 
ILE CG2  C N N 177 
ILE CD1  C N N 178 
ILE OXT  O N N 179 
ILE H    H N N 180 
ILE H2   H N N 181 
ILE HA   H N N 182 
ILE HB   H N N 183 
ILE HG12 H N N 184 
ILE HG13 H N N 185 
ILE HG21 H N N 186 
ILE HG22 H N N 187 
ILE HG23 H N N 188 
ILE HD11 H N N 189 
ILE HD12 H N N 190 
ILE HD13 H N N 191 
ILE HXT  H N N 192 
LEU N    N N N 193 
LEU CA   C N S 194 
LEU C    C N N 195 
LEU O    O N N 196 
LEU CB   C N N 197 
LEU CG   C N N 198 
LEU CD1  C N N 199 
LEU CD2  C N N 200 
LEU OXT  O N N 201 
LEU H    H N N 202 
LEU H2   H N N 203 
LEU HA   H N N 204 
LEU HB2  H N N 205 
LEU HB3  H N N 206 
LEU HG   H N N 207 
LEU HD11 H N N 208 
LEU HD12 H N N 209 
LEU HD13 H N N 210 
LEU HD21 H N N 211 
LEU HD22 H N N 212 
LEU HD23 H N N 213 
LEU HXT  H N N 214 
LYS N    N N N 215 
LYS CA   C N S 216 
LYS C    C N N 217 
LYS O    O N N 218 
LYS CB   C N N 219 
LYS CG   C N N 220 
LYS CD   C N N 221 
LYS CE   C N N 222 
LYS NZ   N N N 223 
LYS OXT  O N N 224 
LYS H    H N N 225 
LYS H2   H N N 226 
LYS HA   H N N 227 
LYS HB2  H N N 228 
LYS HB3  H N N 229 
LYS HG2  H N N 230 
LYS HG3  H N N 231 
LYS HD2  H N N 232 
LYS HD3  H N N 233 
LYS HE2  H N N 234 
LYS HE3  H N N 235 
LYS HZ1  H N N 236 
LYS HZ2  H N N 237 
LYS HZ3  H N N 238 
LYS HXT  H N N 239 
MET N    N N N 240 
MET CA   C N S 241 
MET C    C N N 242 
MET O    O N N 243 
MET CB   C N N 244 
MET CG   C N N 245 
MET SD   S N N 246 
MET CE   C N N 247 
MET OXT  O N N 248 
MET H    H N N 249 
MET H2   H N N 250 
MET HA   H N N 251 
MET HB2  H N N 252 
MET HB3  H N N 253 
MET HG2  H N N 254 
MET HG3  H N N 255 
MET HE1  H N N 256 
MET HE2  H N N 257 
MET HE3  H N N 258 
MET HXT  H N N 259 
PHE N    N N N 260 
PHE CA   C N S 261 
PHE C    C N N 262 
PHE O    O N N 263 
PHE CB   C N N 264 
PHE CG   C Y N 265 
PHE CD1  C Y N 266 
PHE CD2  C Y N 267 
PHE CE1  C Y N 268 
PHE CE2  C Y N 269 
PHE CZ   C Y N 270 
PHE OXT  O N N 271 
PHE H    H N N 272 
PHE H2   H N N 273 
PHE HA   H N N 274 
PHE HB2  H N N 275 
PHE HB3  H N N 276 
PHE HD1  H N N 277 
PHE HD2  H N N 278 
PHE HE1  H N N 279 
PHE HE2  H N N 280 
PHE HZ   H N N 281 
PHE HXT  H N N 282 
PRO N    N N N 283 
PRO CA   C N S 284 
PRO C    C N N 285 
PRO O    O N N 286 
PRO CB   C N N 287 
PRO CG   C N N 288 
PRO CD   C N N 289 
PRO OXT  O N N 290 
PRO H    H N N 291 
PRO HA   H N N 292 
PRO HB2  H N N 293 
PRO HB3  H N N 294 
PRO HG2  H N N 295 
PRO HG3  H N N 296 
PRO HD2  H N N 297 
PRO HD3  H N N 298 
PRO HXT  H N N 299 
SER N    N N N 300 
SER CA   C N S 301 
SER C    C N N 302 
SER O    O N N 303 
SER CB   C N N 304 
SER OG   O N N 305 
SER OXT  O N N 306 
SER H    H N N 307 
SER H2   H N N 308 
SER HA   H N N 309 
SER HB2  H N N 310 
SER HB3  H N N 311 
SER HG   H N N 312 
SER HXT  H N N 313 
THR N    N N N 314 
THR CA   C N S 315 
THR C    C N N 316 
THR O    O N N 317 
THR CB   C N R 318 
THR OG1  O N N 319 
THR CG2  C N N 320 
THR OXT  O N N 321 
THR H    H N N 322 
THR H2   H N N 323 
THR HA   H N N 324 
THR HB   H N N 325 
THR HG1  H N N 326 
THR HG21 H N N 327 
THR HG22 H N N 328 
THR HG23 H N N 329 
THR HXT  H N N 330 
TRP N    N N N 331 
TRP CA   C N S 332 
TRP C    C N N 333 
TRP O    O N N 334 
TRP CB   C N N 335 
TRP CG   C Y N 336 
TRP CD1  C Y N 337 
TRP CD2  C Y N 338 
TRP NE1  N Y N 339 
TRP CE2  C Y N 340 
TRP CE3  C Y N 341 
TRP CZ2  C Y N 342 
TRP CZ3  C Y N 343 
TRP CH2  C Y N 344 
TRP OXT  O N N 345 
TRP H    H N N 346 
TRP H2   H N N 347 
TRP HA   H N N 348 
TRP HB2  H N N 349 
TRP HB3  H N N 350 
TRP HD1  H N N 351 
TRP HE1  H N N 352 
TRP HE3  H N N 353 
TRP HZ2  H N N 354 
TRP HZ3  H N N 355 
TRP HH2  H N N 356 
TRP HXT  H N N 357 
TYR N    N N N 358 
TYR CA   C N S 359 
TYR C    C N N 360 
TYR O    O N N 361 
TYR CB   C N N 362 
TYR CG   C Y N 363 
TYR CD1  C Y N 364 
TYR CD2  C Y N 365 
TYR CE1  C Y N 366 
TYR CE2  C Y N 367 
TYR CZ   C Y N 368 
TYR OH   O N N 369 
TYR OXT  O N N 370 
TYR H    H N N 371 
TYR H2   H N N 372 
TYR HA   H N N 373 
TYR HB2  H N N 374 
TYR HB3  H N N 375 
TYR HD1  H N N 376 
TYR HD2  H N N 377 
TYR HE1  H N N 378 
TYR HE2  H N N 379 
TYR HH   H N N 380 
TYR HXT  H N N 381 
VAL N    N N N 382 
VAL CA   C N S 383 
VAL C    C N N 384 
VAL O    O N N 385 
VAL CB   C N N 386 
VAL CG1  C N N 387 
VAL CG2  C N N 388 
VAL OXT  O N N 389 
VAL H    H N N 390 
VAL H2   H N N 391 
VAL HA   H N N 392 
VAL HB   H N N 393 
VAL HG11 H N N 394 
VAL HG12 H N N 395 
VAL HG13 H N N 396 
VAL HG21 H N N 397 
VAL HG22 H N N 398 
VAL HG23 H N N 399 
VAL HXT  H N N 400 
# 
loop_
_chem_comp_bond.comp_id 
_chem_comp_bond.atom_id_1 
_chem_comp_bond.atom_id_2 
_chem_comp_bond.value_order 
_chem_comp_bond.pdbx_aromatic_flag 
_chem_comp_bond.pdbx_stereo_config 
_chem_comp_bond.pdbx_ordinal 
ALA N   CA   sing N N 1   
ALA N   H    sing N N 2   
ALA N   H2   sing N N 3   
ALA CA  C    sing N N 4   
ALA CA  CB   sing N N 5   
ALA CA  HA   sing N N 6   
ALA C   O    doub N N 7   
ALA C   OXT  sing N N 8   
ALA CB  HB1  sing N N 9   
ALA CB  HB2  sing N N 10  
ALA CB  HB3  sing N N 11  
ALA OXT HXT  sing N N 12  
ARG N   CA   sing N N 13  
ARG N   H    sing N N 14  
ARG N   H2   sing N N 15  
ARG CA  C    sing N N 16  
ARG CA  CB   sing N N 17  
ARG CA  HA   sing N N 18  
ARG C   O    doub N N 19  
ARG C   OXT  sing N N 20  
ARG CB  CG   sing N N 21  
ARG CB  HB2  sing N N 22  
ARG CB  HB3  sing N N 23  
ARG CG  CD   sing N N 24  
ARG CG  HG2  sing N N 25  
ARG CG  HG3  sing N N 26  
ARG CD  NE   sing N N 27  
ARG CD  HD2  sing N N 28  
ARG CD  HD3  sing N N 29  
ARG NE  CZ   sing N N 30  
ARG NE  HE   sing N N 31  
ARG CZ  NH1  sing N N 32  
ARG CZ  NH2  doub N N 33  
ARG NH1 HH11 sing N N 34  
ARG NH1 HH12 sing N N 35  
ARG NH2 HH21 sing N N 36  
ARG NH2 HH22 sing N N 37  
ARG OXT HXT  sing N N 38  
ASN N   CA   sing N N 39  
ASN N   H    sing N N 40  
ASN N   H2   sing N N 41  
ASN CA  C    sing N N 42  
ASN CA  CB   sing N N 43  
ASN CA  HA   sing N N 44  
ASN C   O    doub N N 45  
ASN C   OXT  sing N N 46  
ASN CB  CG   sing N N 47  
ASN CB  HB2  sing N N 48  
ASN CB  HB3  sing N N 49  
ASN CG  OD1  doub N N 50  
ASN CG  ND2  sing N N 51  
ASN ND2 HD21 sing N N 52  
ASN ND2 HD22 sing N N 53  
ASN OXT HXT  sing N N 54  
ASP N   CA   sing N N 55  
ASP N   H    sing N N 56  
ASP N   H2   sing N N 57  
ASP CA  C    sing N N 58  
ASP CA  CB   sing N N 59  
ASP CA  HA   sing N N 60  
ASP C   O    doub N N 61  
ASP C   OXT  sing N N 62  
ASP CB  CG   sing N N 63  
ASP CB  HB2  sing N N 64  
ASP CB  HB3  sing N N 65  
ASP CG  OD1  doub N N 66  
ASP CG  OD2  sing N N 67  
ASP OD2 HD2  sing N N 68  
ASP OXT HXT  sing N N 69  
CYS N   CA   sing N N 70  
CYS N   H    sing N N 71  
CYS N   H2   sing N N 72  
CYS CA  C    sing N N 73  
CYS CA  CB   sing N N 74  
CYS CA  HA   sing N N 75  
CYS C   O    doub N N 76  
CYS C   OXT  sing N N 77  
CYS CB  SG   sing N N 78  
CYS CB  HB2  sing N N 79  
CYS CB  HB3  sing N N 80  
CYS SG  HG   sing N N 81  
CYS OXT HXT  sing N N 82  
EDO C1  O1   sing N N 83  
EDO C1  C2   sing N N 84  
EDO C1  H11  sing N N 85  
EDO C1  H12  sing N N 86  
EDO O1  HO1  sing N N 87  
EDO C2  O2   sing N N 88  
EDO C2  H21  sing N N 89  
EDO C2  H22  sing N N 90  
EDO O2  HO2  sing N N 91  
GLN N   CA   sing N N 92  
GLN N   H    sing N N 93  
GLN N   H2   sing N N 94  
GLN CA  C    sing N N 95  
GLN CA  CB   sing N N 96  
GLN CA  HA   sing N N 97  
GLN C   O    doub N N 98  
GLN C   OXT  sing N N 99  
GLN CB  CG   sing N N 100 
GLN CB  HB2  sing N N 101 
GLN CB  HB3  sing N N 102 
GLN CG  CD   sing N N 103 
GLN CG  HG2  sing N N 104 
GLN CG  HG3  sing N N 105 
GLN CD  OE1  doub N N 106 
GLN CD  NE2  sing N N 107 
GLN NE2 HE21 sing N N 108 
GLN NE2 HE22 sing N N 109 
GLN OXT HXT  sing N N 110 
GLU N   CA   sing N N 111 
GLU N   H    sing N N 112 
GLU N   H2   sing N N 113 
GLU CA  C    sing N N 114 
GLU CA  CB   sing N N 115 
GLU CA  HA   sing N N 116 
GLU C   O    doub N N 117 
GLU C   OXT  sing N N 118 
GLU CB  CG   sing N N 119 
GLU CB  HB2  sing N N 120 
GLU CB  HB3  sing N N 121 
GLU CG  CD   sing N N 122 
GLU CG  HG2  sing N N 123 
GLU CG  HG3  sing N N 124 
GLU CD  OE1  doub N N 125 
GLU CD  OE2  sing N N 126 
GLU OE2 HE2  sing N N 127 
GLU OXT HXT  sing N N 128 
GLY N   CA   sing N N 129 
GLY N   H    sing N N 130 
GLY N   H2   sing N N 131 
GLY CA  C    sing N N 132 
GLY CA  HA2  sing N N 133 
GLY CA  HA3  sing N N 134 
GLY C   O    doub N N 135 
GLY C   OXT  sing N N 136 
GLY OXT HXT  sing N N 137 
HIS N   CA   sing N N 138 
HIS N   H    sing N N 139 
HIS N   H2   sing N N 140 
HIS CA  C    sing N N 141 
HIS CA  CB   sing N N 142 
HIS CA  HA   sing N N 143 
HIS C   O    doub N N 144 
HIS C   OXT  sing N N 145 
HIS CB  CG   sing N N 146 
HIS CB  HB2  sing N N 147 
HIS CB  HB3  sing N N 148 
HIS CG  ND1  sing Y N 149 
HIS CG  CD2  doub Y N 150 
HIS ND1 CE1  doub Y N 151 
HIS ND1 HD1  sing N N 152 
HIS CD2 NE2  sing Y N 153 
HIS CD2 HD2  sing N N 154 
HIS CE1 NE2  sing Y N 155 
HIS CE1 HE1  sing N N 156 
HIS NE2 HE2  sing N N 157 
HIS OXT HXT  sing N N 158 
HOH O   H1   sing N N 159 
HOH O   H2   sing N N 160 
ILE N   CA   sing N N 161 
ILE N   H    sing N N 162 
ILE N   H2   sing N N 163 
ILE CA  C    sing N N 164 
ILE CA  CB   sing N N 165 
ILE CA  HA   sing N N 166 
ILE C   O    doub N N 167 
ILE C   OXT  sing N N 168 
ILE CB  CG1  sing N N 169 
ILE CB  CG2  sing N N 170 
ILE CB  HB   sing N N 171 
ILE CG1 CD1  sing N N 172 
ILE CG1 HG12 sing N N 173 
ILE CG1 HG13 sing N N 174 
ILE CG2 HG21 sing N N 175 
ILE CG2 HG22 sing N N 176 
ILE CG2 HG23 sing N N 177 
ILE CD1 HD11 sing N N 178 
ILE CD1 HD12 sing N N 179 
ILE CD1 HD13 sing N N 180 
ILE OXT HXT  sing N N 181 
LEU N   CA   sing N N 182 
LEU N   H    sing N N 183 
LEU N   H2   sing N N 184 
LEU CA  C    sing N N 185 
LEU CA  CB   sing N N 186 
LEU CA  HA   sing N N 187 
LEU C   O    doub N N 188 
LEU C   OXT  sing N N 189 
LEU CB  CG   sing N N 190 
LEU CB  HB2  sing N N 191 
LEU CB  HB3  sing N N 192 
LEU CG  CD1  sing N N 193 
LEU CG  CD2  sing N N 194 
LEU CG  HG   sing N N 195 
LEU CD1 HD11 sing N N 196 
LEU CD1 HD12 sing N N 197 
LEU CD1 HD13 sing N N 198 
LEU CD2 HD21 sing N N 199 
LEU CD2 HD22 sing N N 200 
LEU CD2 HD23 sing N N 201 
LEU OXT HXT  sing N N 202 
LYS N   CA   sing N N 203 
LYS N   H    sing N N 204 
LYS N   H2   sing N N 205 
LYS CA  C    sing N N 206 
LYS CA  CB   sing N N 207 
LYS CA  HA   sing N N 208 
LYS C   O    doub N N 209 
LYS C   OXT  sing N N 210 
LYS CB  CG   sing N N 211 
LYS CB  HB2  sing N N 212 
LYS CB  HB3  sing N N 213 
LYS CG  CD   sing N N 214 
LYS CG  HG2  sing N N 215 
LYS CG  HG3  sing N N 216 
LYS CD  CE   sing N N 217 
LYS CD  HD2  sing N N 218 
LYS CD  HD3  sing N N 219 
LYS CE  NZ   sing N N 220 
LYS CE  HE2  sing N N 221 
LYS CE  HE3  sing N N 222 
LYS NZ  HZ1  sing N N 223 
LYS NZ  HZ2  sing N N 224 
LYS NZ  HZ3  sing N N 225 
LYS OXT HXT  sing N N 226 
MET N   CA   sing N N 227 
MET N   H    sing N N 228 
MET N   H2   sing N N 229 
MET CA  C    sing N N 230 
MET CA  CB   sing N N 231 
MET CA  HA   sing N N 232 
MET C   O    doub N N 233 
MET C   OXT  sing N N 234 
MET CB  CG   sing N N 235 
MET CB  HB2  sing N N 236 
MET CB  HB3  sing N N 237 
MET CG  SD   sing N N 238 
MET CG  HG2  sing N N 239 
MET CG  HG3  sing N N 240 
MET SD  CE   sing N N 241 
MET CE  HE1  sing N N 242 
MET CE  HE2  sing N N 243 
MET CE  HE3  sing N N 244 
MET OXT HXT  sing N N 245 
PHE N   CA   sing N N 246 
PHE N   H    sing N N 247 
PHE N   H2   sing N N 248 
PHE CA  C    sing N N 249 
PHE CA  CB   sing N N 250 
PHE CA  HA   sing N N 251 
PHE C   O    doub N N 252 
PHE C   OXT  sing N N 253 
PHE CB  CG   sing N N 254 
PHE CB  HB2  sing N N 255 
PHE CB  HB3  sing N N 256 
PHE CG  CD1  doub Y N 257 
PHE CG  CD2  sing Y N 258 
PHE CD1 CE1  sing Y N 259 
PHE CD1 HD1  sing N N 260 
PHE CD2 CE2  doub Y N 261 
PHE CD2 HD2  sing N N 262 
PHE CE1 CZ   doub Y N 263 
PHE CE1 HE1  sing N N 264 
PHE CE2 CZ   sing Y N 265 
PHE CE2 HE2  sing N N 266 
PHE CZ  HZ   sing N N 267 
PHE OXT HXT  sing N N 268 
PRO N   CA   sing N N 269 
PRO N   CD   sing N N 270 
PRO N   H    sing N N 271 
PRO CA  C    sing N N 272 
PRO CA  CB   sing N N 273 
PRO CA  HA   sing N N 274 
PRO C   O    doub N N 275 
PRO C   OXT  sing N N 276 
PRO CB  CG   sing N N 277 
PRO CB  HB2  sing N N 278 
PRO CB  HB3  sing N N 279 
PRO CG  CD   sing N N 280 
PRO CG  HG2  sing N N 281 
PRO CG  HG3  sing N N 282 
PRO CD  HD2  sing N N 283 
PRO CD  HD3  sing N N 284 
PRO OXT HXT  sing N N 285 
SER N   CA   sing N N 286 
SER N   H    sing N N 287 
SER N   H2   sing N N 288 
SER CA  C    sing N N 289 
SER CA  CB   sing N N 290 
SER CA  HA   sing N N 291 
SER C   O    doub N N 292 
SER C   OXT  sing N N 293 
SER CB  OG   sing N N 294 
SER CB  HB2  sing N N 295 
SER CB  HB3  sing N N 296 
SER OG  HG   sing N N 297 
SER OXT HXT  sing N N 298 
THR N   CA   sing N N 299 
THR N   H    sing N N 300 
THR N   H2   sing N N 301 
THR CA  C    sing N N 302 
THR CA  CB   sing N N 303 
THR CA  HA   sing N N 304 
THR C   O    doub N N 305 
THR C   OXT  sing N N 306 
THR CB  OG1  sing N N 307 
THR CB  CG2  sing N N 308 
THR CB  HB   sing N N 309 
THR OG1 HG1  sing N N 310 
THR CG2 HG21 sing N N 311 
THR CG2 HG22 sing N N 312 
THR CG2 HG23 sing N N 313 
THR OXT HXT  sing N N 314 
TRP N   CA   sing N N 315 
TRP N   H    sing N N 316 
TRP N   H2   sing N N 317 
TRP CA  C    sing N N 318 
TRP CA  CB   sing N N 319 
TRP CA  HA   sing N N 320 
TRP C   O    doub N N 321 
TRP C   OXT  sing N N 322 
TRP CB  CG   sing N N 323 
TRP CB  HB2  sing N N 324 
TRP CB  HB3  sing N N 325 
TRP CG  CD1  doub Y N 326 
TRP CG  CD2  sing Y N 327 
TRP CD1 NE1  sing Y N 328 
TRP CD1 HD1  sing N N 329 
TRP CD2 CE2  doub Y N 330 
TRP CD2 CE3  sing Y N 331 
TRP NE1 CE2  sing Y N 332 
TRP NE1 HE1  sing N N 333 
TRP CE2 CZ2  sing Y N 334 
TRP CE3 CZ3  doub Y N 335 
TRP CE3 HE3  sing N N 336 
TRP CZ2 CH2  doub Y N 337 
TRP CZ2 HZ2  sing N N 338 
TRP CZ3 CH2  sing Y N 339 
TRP CZ3 HZ3  sing N N 340 
TRP CH2 HH2  sing N N 341 
TRP OXT HXT  sing N N 342 
TYR N   CA   sing N N 343 
TYR N   H    sing N N 344 
TYR N   H2   sing N N 345 
TYR CA  C    sing N N 346 
TYR CA  CB   sing N N 347 
TYR CA  HA   sing N N 348 
TYR C   O    doub N N 349 
TYR C   OXT  sing N N 350 
TYR CB  CG   sing N N 351 
TYR CB  HB2  sing N N 352 
TYR CB  HB3  sing N N 353 
TYR CG  CD1  doub Y N 354 
TYR CG  CD2  sing Y N 355 
TYR CD1 CE1  sing Y N 356 
TYR CD1 HD1  sing N N 357 
TYR CD2 CE2  doub Y N 358 
TYR CD2 HD2  sing N N 359 
TYR CE1 CZ   doub Y N 360 
TYR CE1 HE1  sing N N 361 
TYR CE2 CZ   sing Y N 362 
TYR CE2 HE2  sing N N 363 
TYR CZ  OH   sing N N 364 
TYR OH  HH   sing N N 365 
TYR OXT HXT  sing N N 366 
VAL N   CA   sing N N 367 
VAL N   H    sing N N 368 
VAL N   H2   sing N N 369 
VAL CA  C    sing N N 370 
VAL CA  CB   sing N N 371 
VAL CA  HA   sing N N 372 
VAL C   O    doub N N 373 
VAL C   OXT  sing N N 374 
VAL CB  CG1  sing N N 375 
VAL CB  CG2  sing N N 376 
VAL CB  HB   sing N N 377 
VAL CG1 HG11 sing N N 378 
VAL CG1 HG12 sing N N 379 
VAL CG1 HG13 sing N N 380 
VAL CG2 HG21 sing N N 381 
VAL CG2 HG22 sing N N 382 
VAL CG2 HG23 sing N N 383 
VAL OXT HXT  sing N N 384 
# 
loop_
_pdbx_entity_nonpoly.entity_id 
_pdbx_entity_nonpoly.name 
_pdbx_entity_nonpoly.comp_id 
3 1,2-ETHANEDIOL EDO 
4 water          HOH 
# 
_pdbx_initial_refinement_model.id               1 
_pdbx_initial_refinement_model.entity_id_list   ? 
_pdbx_initial_refinement_model.type             'experimental model' 
_pdbx_initial_refinement_model.source_name      PDB 
_pdbx_initial_refinement_model.accession_code   1T4F 
_pdbx_initial_refinement_model.details          'pdb entry 1T4F' 
# 
